data_6FN6
#
_entry.id   6FN6
#
_cell.length_a   75.448
_cell.length_b   174.149
_cell.length_c   194.454
_cell.angle_alpha   90.00
_cell.angle_beta   90.00
_cell.angle_gamma   90.00
#
_symmetry.space_group_name_H-M   'P 21 21 21'
#
loop_
_entity.id
_entity.type
_entity.pdbx_description
1 polymer 'Fatty acid synthase 1, isoform A'
2 non-polymer 'BROMIDE ION'
3 non-polymer 1,2-ETHANEDIOL
4 water water
#
_entity_poly.entity_id   1
_entity_poly.type   'polypeptide(L)'
_entity_poly.pdbx_seq_one_letter_code
;MTSSGETIVEVDLSKEDDAFLAGHTIDGRILFPATGYMTLAWQTFAKMQGSEFHKTPVVMENLVFHRATILNKNAVVKFG
INFFDGTGAFEICESGSLAVSGKITIPESIDNEELPLEEQTPSAVAKELGTNDVYKELRLRGYDYGGIFRGIVRSDTVAS
TGKLQWVDNWISFMDTMLQFSILSKNLRELYLPTRIERAVINPAKHFELLSALTKEEQVETGLPVQWYSDINVIKSAGVE
LRGLKANLAQRRPGTQAPPTLERYQFVPNINTTDLNENSEKARLHALDVAIQVIIENSSGAVKLKGVELANGRNPDVLVA
NRLLQIIEGEPVLTGDVAVVTSNNNEETITAALGDSGVRVVSKDVLKEPVEQNCHFVFGIDVLSRPDTKTLENSIASIRE
NGFLILEETLPTYTKTGRALLTKFGFVAVQEQSLGATRVLVLARKAVDLKTRKSVVVVATEQNFNWVDDLKAALATAATE
EQYVYVVCQGEELFGAVGLMTCIKNENGGKLARLVFVQDAKAEKFSLTSTLYRQQLEKDLISNVLKNGAWGTFRHLKLET
QQATLQVEHAYVNALVKGDLASLKWIEAAQADTAATVDKNLETCTVYYAPINFRDVMLTSGKLAADALPGDLAEQDCVLG
LEFAGRDTQGRRVMAMVPAKSLATTCVASKRMMWQIPEKWTMEEASTVPCVYSTVYYALVVRGQMKKGEKILIHAGSGGV
GQAAISVALAHGLTVFTTVGSKEKREFLLKRFPKLQERNIGNSRDTSFEQLVLRETKGRGVDLVLNSLSEEKLQASIRCL
GLNGRFLEIGKFDLSNNSPLGMSVFLKNTSFHGILLDSVMEGEEEMQNQVVSLVAEGIKTGAVVPLPTSVFNDQQVEQAF
RFMASGKHIGKVVIKVRDEEAGKKALQPKPRLINAIPRTYMHPEKSYILVGGLGGFGLELTNWLVTRGARYIVLTSRSGV
KTGYQGLMIRRWQERGVKVVIDTSDVTTAAGAKKLLENSNKLALVGGIFNLAAVLRDALIEDQTAKDFKTVADPKVTATK
YLDQFSRDICTELDYFICFSSVSCGRGNIGQTNYGLANSAMERICEQRQVSGFPGTAIQWGAIGDTGLVLENLGDNDTVI
GGTLPQRMPSCLQTIDLFLQQPHPVVASMLEVLFQGPHPAFLYKVVSHHHHHHHHHH
;
_entity_poly.pdbx_strand_id   A,B
#
# COMPACT_ATOMS: atom_id res chain seq x y z
N GLU A 6 9.69 -12.08 -23.95
CA GLU A 6 10.49 -12.39 -22.77
C GLU A 6 11.71 -13.23 -23.13
N THR A 7 12.73 -13.20 -22.27
CA THR A 7 13.94 -13.97 -22.48
C THR A 7 13.85 -15.32 -21.76
N ILE A 8 14.09 -16.39 -22.50
CA ILE A 8 14.08 -17.74 -21.93
C ILE A 8 15.50 -18.16 -21.61
N VAL A 9 15.73 -18.59 -20.38
CA VAL A 9 17.03 -19.11 -19.97
C VAL A 9 16.83 -20.52 -19.45
N GLU A 10 17.56 -21.46 -20.03
CA GLU A 10 17.44 -22.87 -19.67
C GLU A 10 18.70 -23.30 -18.93
N VAL A 11 18.51 -23.93 -17.77
CA VAL A 11 19.64 -24.48 -17.03
C VAL A 11 19.46 -25.98 -16.88
N ASP A 12 20.52 -26.72 -17.18
CA ASP A 12 20.51 -28.18 -17.13
C ASP A 12 21.68 -28.68 -16.30
N LEU A 13 21.38 -29.32 -15.17
CA LEU A 13 22.41 -29.78 -14.25
C LEU A 13 23.27 -30.90 -14.86
N SER A 14 22.86 -31.41 -16.01
CA SER A 14 23.66 -32.40 -16.71
C SER A 14 24.86 -31.77 -17.40
N LYS A 15 24.79 -30.46 -17.64
CA LYS A 15 25.86 -29.75 -18.32
C LYS A 15 26.89 -29.22 -17.32
N GLU A 16 28.14 -29.10 -17.76
CA GLU A 16 29.24 -28.72 -16.88
C GLU A 16 29.04 -27.34 -16.25
N ASP A 17 28.48 -26.41 -17.01
CA ASP A 17 28.37 -25.02 -16.56
C ASP A 17 27.37 -24.86 -15.43
N ASP A 18 26.31 -25.68 -15.42
CA ASP A 18 25.25 -25.56 -14.42
C ASP A 18 25.35 -26.65 -13.35
N ALA A 19 26.32 -27.54 -13.49
CA ALA A 19 26.46 -28.70 -12.61
C ALA A 19 26.62 -28.28 -11.14
N PHE A 20 27.35 -27.21 -10.91
CA PHE A 20 27.63 -26.75 -9.55
C PHE A 20 26.37 -26.53 -8.70
N LEU A 21 25.25 -26.25 -9.36
CA LEU A 21 24.01 -25.90 -8.65
C LEU A 21 23.56 -27.01 -7.70
N ALA A 22 24.00 -28.24 -7.96
CA ALA A 22 23.64 -29.36 -7.12
C ALA A 22 24.16 -29.16 -5.69
N GLY A 23 25.20 -28.33 -5.56
CA GLY A 23 25.77 -28.04 -4.26
C GLY A 23 24.83 -27.31 -3.32
N HIS A 24 23.86 -26.60 -3.90
CA HIS A 24 22.90 -25.84 -3.11
C HIS A 24 21.73 -26.73 -2.71
N THR A 25 22.02 -27.78 -1.94
CA THR A 25 21.00 -28.71 -1.48
C THR A 25 20.42 -28.25 -0.15
N ILE A 26 19.10 -28.18 -0.07
CA ILE A 26 18.42 -27.73 1.14
C ILE A 26 17.41 -28.77 1.58
N ASP A 27 17.59 -29.30 2.78
CA ASP A 27 16.66 -30.26 3.35
C ASP A 27 16.45 -31.44 2.41
N GLY A 28 17.54 -31.97 1.86
CA GLY A 28 17.49 -33.17 1.05
C GLY A 28 17.01 -32.97 -0.37
N ARG A 29 16.99 -31.73 -0.83
CA ARG A 29 16.59 -31.43 -2.20
C ARG A 29 17.36 -30.25 -2.78
N ILE A 30 17.58 -30.29 -4.09
CA ILE A 30 18.30 -29.21 -4.77
C ILE A 30 17.37 -28.03 -5.00
N LEU A 31 17.77 -26.86 -4.51
CA LEU A 31 16.99 -25.65 -4.70
C LEU A 31 17.75 -24.64 -5.55
N PHE A 32 17.10 -24.08 -6.56
CA PHE A 32 17.72 -23.04 -7.33
C PHE A 32 17.92 -21.83 -6.41
N PRO A 33 19.18 -21.42 -6.21
CA PRO A 33 19.44 -20.39 -5.20
C PRO A 33 18.82 -19.05 -5.54
N ALA A 34 18.40 -18.32 -4.51
CA ALA A 34 17.88 -16.97 -4.66
C ALA A 34 18.90 -16.14 -5.42
N THR A 35 20.18 -16.32 -5.10
CA THR A 35 21.26 -15.61 -5.74
C THR A 35 21.44 -16.04 -7.19
N GLY A 36 20.93 -17.23 -7.51
CA GLY A 36 20.92 -17.70 -8.88
C GLY A 36 20.03 -16.81 -9.73
N TYR A 37 18.84 -16.52 -9.22
CA TYR A 37 17.91 -15.63 -9.89
C TYR A 37 18.51 -14.26 -10.12
N MET A 38 19.13 -13.71 -9.07
CA MET A 38 19.71 -12.39 -9.13
C MET A 38 20.76 -12.33 -10.23
N THR A 39 21.55 -13.39 -10.35
CA THR A 39 22.57 -13.48 -11.38
C THR A 39 21.93 -13.51 -12.76
N LEU A 40 20.89 -14.31 -12.93
CA LEU A 40 20.17 -14.39 -14.20
C LEU A 40 19.62 -13.03 -14.60
N ALA A 41 19.00 -12.34 -13.65
CA ALA A 41 18.44 -11.02 -13.90
C ALA A 41 19.57 -10.06 -14.24
N TRP A 42 20.68 -10.19 -13.52
CA TRP A 42 21.84 -9.34 -13.73
C TRP A 42 22.44 -9.57 -15.12
N GLN A 43 22.65 -10.83 -15.48
CA GLN A 43 23.28 -11.18 -16.74
C GLN A 43 22.45 -10.73 -17.94
N THR A 44 21.23 -11.22 -18.04
CA THR A 44 20.38 -10.93 -19.20
C THR A 44 20.16 -9.44 -19.36
N PHE A 45 20.00 -8.73 -18.26
CA PHE A 45 19.76 -7.29 -18.30
C PHE A 45 20.94 -6.54 -18.90
N ALA A 46 22.15 -6.97 -18.56
CA ALA A 46 23.35 -6.35 -19.10
C ALA A 46 23.51 -6.67 -20.58
N LYS A 47 23.09 -7.86 -20.95
CA LYS A 47 23.21 -8.33 -22.33
C LYS A 47 22.39 -7.47 -23.28
N MET A 48 21.15 -7.18 -22.91
CA MET A 48 20.26 -6.39 -23.76
C MET A 48 20.69 -4.93 -23.77
N GLN A 49 21.38 -4.49 -22.71
CA GLN A 49 21.93 -3.15 -22.68
C GLN A 49 23.18 -3.05 -23.56
N GLY A 50 23.67 -4.20 -24.00
CA GLY A 50 24.78 -4.25 -24.92
C GLY A 50 26.10 -4.66 -24.30
N SER A 51 26.17 -4.56 -22.96
CA SER A 51 27.42 -4.79 -22.25
C SER A 51 27.55 -6.23 -21.75
N GLU A 52 28.74 -6.55 -21.25
CA GLU A 52 28.98 -7.82 -20.57
C GLU A 52 28.65 -7.64 -19.09
N PHE A 53 28.06 -8.65 -18.47
CA PHE A 53 27.52 -8.50 -17.13
C PHE A 53 28.63 -8.24 -16.10
N HIS A 54 29.81 -8.81 -16.33
CA HIS A 54 30.93 -8.60 -15.41
C HIS A 54 31.56 -7.22 -15.63
N LYS A 55 31.09 -6.52 -16.66
CA LYS A 55 31.54 -5.16 -16.94
C LYS A 55 30.44 -4.16 -16.62
N THR A 56 29.31 -4.66 -16.13
CA THR A 56 28.12 -3.83 -15.93
C THR A 56 27.65 -3.81 -14.48
N PRO A 57 27.87 -2.68 -13.77
CA PRO A 57 27.34 -2.58 -12.41
C PRO A 57 25.84 -2.33 -12.39
N VAL A 58 25.14 -2.89 -11.41
CA VAL A 58 23.69 -2.75 -11.34
C VAL A 58 23.23 -2.56 -9.89
N VAL A 59 21.99 -2.08 -9.74
CA VAL A 59 21.37 -1.94 -8.43
C VAL A 59 20.00 -2.59 -8.46
N MET A 60 19.84 -3.67 -7.71
CA MET A 60 18.55 -4.36 -7.62
C MET A 60 17.80 -3.88 -6.39
N GLU A 61 16.48 -3.76 -6.52
CA GLU A 61 15.66 -3.27 -5.43
C GLU A 61 14.36 -4.04 -5.29
N ASN A 62 13.85 -4.13 -4.06
CA ASN A 62 12.58 -4.77 -3.77
C ASN A 62 12.55 -6.18 -4.33
N LEU A 63 13.62 -6.93 -4.12
CA LEU A 63 13.68 -8.32 -4.55
C LEU A 63 12.73 -9.15 -3.71
N VAL A 64 11.88 -9.93 -4.38
CA VAL A 64 10.97 -10.83 -3.70
C VAL A 64 11.13 -12.23 -4.28
N PHE A 65 11.39 -13.19 -3.41
CA PHE A 65 11.49 -14.58 -3.83
C PHE A 65 10.19 -15.29 -3.43
N HIS A 66 9.27 -15.39 -4.38
CA HIS A 66 7.90 -15.79 -4.10
C HIS A 66 7.76 -17.28 -3.77
N ARG A 67 8.59 -18.12 -4.36
CA ARG A 67 8.54 -19.54 -4.09
C ARG A 67 9.89 -20.19 -4.41
N ALA A 68 10.12 -21.38 -3.86
CA ALA A 68 11.35 -22.10 -4.11
C ALA A 68 11.27 -22.88 -5.41
N THR A 69 12.42 -23.03 -6.06
CA THR A 69 12.49 -23.83 -7.28
C THR A 69 13.30 -25.09 -6.99
N ILE A 70 12.62 -26.22 -7.08
CA ILE A 70 13.25 -27.51 -6.80
C ILE A 70 13.72 -28.10 -8.11
N LEU A 71 14.93 -28.65 -8.11
CA LEU A 71 15.48 -29.28 -9.30
C LEU A 71 15.76 -30.75 -9.02
N ASN A 72 15.56 -31.59 -10.03
CA ASN A 72 15.89 -33.02 -9.92
C ASN A 72 17.32 -33.29 -10.37
N LYS A 73 17.64 -34.54 -10.67
CA LYS A 73 18.98 -34.87 -11.16
C LYS A 73 19.14 -34.44 -12.61
N ASN A 74 18.23 -34.88 -13.47
CA ASN A 74 18.23 -34.46 -14.87
C ASN A 74 18.04 -32.94 -14.91
N ALA A 75 17.01 -32.47 -14.22
CA ALA A 75 16.79 -31.04 -14.01
C ALA A 75 16.92 -30.19 -15.27
N VAL A 76 15.99 -30.35 -16.21
CA VAL A 76 15.86 -29.40 -17.30
C VAL A 76 14.74 -28.43 -16.92
N VAL A 77 15.13 -27.21 -16.58
CA VAL A 77 14.17 -26.21 -16.12
C VAL A 77 14.35 -24.92 -16.92
N LYS A 78 13.24 -24.29 -17.27
CA LYS A 78 13.27 -23.10 -18.10
C LYS A 78 12.85 -21.86 -17.31
N PHE A 79 13.70 -20.85 -17.30
CA PHE A 79 13.37 -19.59 -16.64
C PHE A 79 13.03 -18.52 -17.68
N GLY A 80 11.89 -17.85 -17.47
CA GLY A 80 11.47 -16.75 -18.32
C GLY A 80 11.63 -15.40 -17.65
N ILE A 81 12.35 -14.49 -18.30
CA ILE A 81 12.64 -13.18 -17.72
C ILE A 81 12.06 -12.07 -18.59
N ASN A 82 11.53 -11.03 -17.95
CA ASN A 82 10.93 -9.90 -18.65
C ASN A 82 11.24 -8.58 -17.94
N PHE A 83 11.43 -7.51 -18.71
CA PHE A 83 11.78 -6.21 -18.16
C PHE A 83 10.88 -5.10 -18.69
N PHE A 84 10.53 -4.15 -17.82
CA PHE A 84 9.78 -2.96 -18.21
C PHE A 84 10.72 -1.77 -18.44
N ASP A 85 10.74 -1.27 -19.68
CA ASP A 85 11.55 -0.09 -20.01
C ASP A 85 11.15 1.10 -19.14
N GLY A 86 9.87 1.18 -18.80
CA GLY A 86 9.35 2.31 -18.07
C GLY A 86 9.86 2.47 -16.64
N THR A 87 9.67 1.43 -15.83
CA THR A 87 10.00 1.51 -14.40
C THR A 87 11.25 0.71 -14.05
N GLY A 88 11.59 -0.27 -14.89
CA GLY A 88 12.73 -1.13 -14.62
C GLY A 88 12.36 -2.38 -13.83
N ALA A 89 11.08 -2.56 -13.55
CA ALA A 89 10.60 -3.74 -12.87
C ALA A 89 10.83 -4.97 -13.73
N PHE A 90 11.24 -6.07 -13.11
CA PHE A 90 11.46 -7.31 -13.84
C PHE A 90 10.76 -8.47 -13.15
N GLU A 91 10.63 -9.59 -13.86
CA GLU A 91 10.02 -10.79 -13.31
C GLU A 91 10.67 -12.04 -13.89
N ILE A 92 10.79 -13.07 -13.04
CA ILE A 92 11.30 -14.36 -13.49
C ILE A 92 10.24 -15.43 -13.25
N CYS A 93 9.86 -16.12 -14.32
CA CYS A 93 8.91 -17.22 -14.28
C CYS A 93 9.61 -18.53 -14.60
N GLU A 94 9.13 -19.64 -14.05
CA GLU A 94 9.75 -20.94 -14.26
C GLU A 94 8.79 -21.96 -14.86
N SER A 95 7.76 -22.33 -14.10
CA SER A 95 6.78 -23.31 -14.58
C SER A 95 5.41 -22.66 -14.73
N GLY A 96 5.33 -21.64 -15.57
CA GLY A 96 4.07 -20.96 -15.82
C GLY A 96 3.56 -20.27 -14.57
N SER A 97 4.48 -20.01 -13.64
CA SER A 97 4.15 -19.35 -12.39
C SER A 97 5.28 -18.43 -11.96
N LEU A 98 4.94 -17.33 -11.30
CA LEU A 98 5.92 -16.34 -10.88
C LEU A 98 6.92 -16.93 -9.87
N ALA A 99 8.20 -16.63 -10.08
CA ALA A 99 9.25 -17.09 -9.18
C ALA A 99 9.86 -15.92 -8.40
N VAL A 100 10.35 -14.91 -9.14
CA VAL A 100 11.01 -13.77 -8.53
C VAL A 100 10.56 -12.46 -9.18
N SER A 101 10.51 -11.41 -8.38
CA SER A 101 10.17 -10.07 -8.87
C SER A 101 11.07 -9.04 -8.19
N GLY A 102 11.23 -7.89 -8.84
CA GLY A 102 12.02 -6.81 -8.29
C GLY A 102 12.29 -5.70 -9.29
N LYS A 103 13.22 -4.83 -8.96
CA LYS A 103 13.58 -3.71 -9.82
C LYS A 103 15.08 -3.70 -10.06
N ILE A 104 15.49 -3.32 -11.27
CA ILE A 104 16.91 -3.27 -11.61
C ILE A 104 17.20 -2.06 -12.48
N THR A 105 18.25 -1.33 -12.13
CA THR A 105 18.65 -0.14 -12.88
C THR A 105 20.17 0.01 -12.91
N ILE A 106 20.68 0.56 -14.00
CA ILE A 106 22.11 0.87 -14.11
C ILE A 106 22.34 2.27 -13.55
N PRO A 107 23.07 2.36 -12.42
CA PRO A 107 23.22 3.66 -11.73
C PRO A 107 24.13 4.65 -12.46
N GLU A 108 23.96 5.93 -12.13
CA GLU A 108 24.83 6.98 -12.65
C GLU A 108 26.25 6.76 -12.16
N SER A 109 26.40 6.56 -10.85
CA SER A 109 27.69 6.32 -10.23
C SER A 109 27.61 5.18 -9.23
N ILE A 110 28.20 4.04 -9.57
CA ILE A 110 28.12 2.85 -8.73
C ILE A 110 28.75 3.11 -7.38
N ASP A 111 29.78 3.96 -7.35
CA ASP A 111 30.46 4.29 -6.10
C ASP A 111 29.54 5.07 -5.15
N ASN A 112 28.68 5.90 -5.72
CA ASN A 112 27.78 6.73 -4.92
C ASN A 112 26.61 5.92 -4.34
N GLU A 113 26.35 4.75 -4.91
CA GLU A 113 25.24 3.92 -4.45
C GLU A 113 25.61 3.04 -3.25
N GLU A 114 26.90 2.95 -2.95
CA GLU A 114 27.37 2.10 -1.85
C GLU A 114 27.45 2.86 -0.54
N LEU A 115 27.52 2.12 0.57
CA LEU A 115 27.64 2.74 1.89
C LEU A 115 29.10 2.77 2.34
N PRO A 116 29.54 3.88 2.95
CA PRO A 116 30.92 3.98 3.45
C PRO A 116 31.10 3.24 4.77
N LEU A 117 31.30 1.93 4.71
CA LEU A 117 31.38 1.10 5.91
C LEU A 117 32.78 0.56 6.12
N GLU A 118 33.27 0.67 7.35
CA GLU A 118 34.58 0.15 7.70
C GLU A 118 34.47 -1.20 8.40
N GLU A 119 35.52 -2.00 8.27
CA GLU A 119 35.54 -3.35 8.85
C GLU A 119 35.29 -3.33 10.36
N GLN A 120 34.64 -4.38 10.84
CA GLN A 120 34.38 -4.54 12.27
C GLN A 120 35.50 -5.33 12.94
N THR A 121 35.66 -5.14 14.24
CA THR A 121 36.63 -5.91 15.01
C THR A 121 36.05 -7.28 15.32
N PRO A 122 36.77 -8.36 14.93
CA PRO A 122 36.23 -9.70 15.18
C PRO A 122 35.89 -9.95 16.65
N SER A 123 34.82 -10.71 16.89
CA SER A 123 34.42 -11.06 18.25
C SER A 123 35.38 -12.09 18.83
N ALA A 124 35.78 -11.86 20.08
CA ALA A 124 36.70 -12.75 20.78
C ALA A 124 36.04 -13.36 22.01
N VAL A 125 34.72 -13.40 22.02
CA VAL A 125 33.96 -13.94 23.14
C VAL A 125 34.15 -15.45 23.21
N ALA A 126 34.28 -16.08 22.04
CA ALA A 126 34.52 -17.51 21.97
C ALA A 126 35.37 -17.78 20.73
N LYS A 127 35.88 -19.01 20.61
CA LYS A 127 36.74 -19.37 19.49
C LYS A 127 36.02 -19.12 18.17
N GLU A 128 36.77 -18.73 17.15
CA GLU A 128 36.20 -18.52 15.83
C GLU A 128 35.81 -19.85 15.21
N LEU A 129 34.90 -19.80 14.24
CA LEU A 129 34.45 -20.99 13.57
C LEU A 129 35.26 -21.21 12.30
N GLY A 130 35.67 -22.46 12.09
CA GLY A 130 36.31 -22.85 10.83
C GLY A 130 35.26 -23.25 9.81
N THR A 131 35.70 -23.56 8.60
CA THR A 131 34.79 -23.96 7.54
C THR A 131 33.96 -25.17 7.97
N ASN A 132 34.59 -26.12 8.65
CA ASN A 132 33.89 -27.34 9.07
C ASN A 132 32.95 -27.07 10.24
N ASP A 133 33.34 -26.17 11.14
CA ASP A 133 32.48 -25.77 12.24
C ASP A 133 31.20 -25.12 11.71
N VAL A 134 31.36 -24.19 10.77
CA VAL A 134 30.24 -23.45 10.21
C VAL A 134 29.22 -24.39 9.60
N TYR A 135 29.68 -25.32 8.76
CA TYR A 135 28.77 -26.14 7.99
C TYR A 135 28.26 -27.34 8.77
N LYS A 136 28.91 -27.66 9.89
CA LYS A 136 28.35 -28.60 10.84
C LYS A 136 27.11 -27.96 11.47
N GLU A 137 27.26 -26.70 11.87
CA GLU A 137 26.16 -25.92 12.44
C GLU A 137 24.98 -25.88 11.47
N LEU A 138 25.26 -25.52 10.22
CA LEU A 138 24.23 -25.37 9.21
C LEU A 138 23.53 -26.70 8.90
N ARG A 139 24.31 -27.78 8.84
CA ARG A 139 23.75 -29.11 8.59
C ARG A 139 22.62 -29.43 9.56
N LEU A 140 22.84 -29.12 10.83
CA LEU A 140 21.85 -29.41 11.85
C LEU A 140 20.56 -28.64 11.62
N ARG A 141 20.67 -27.51 10.93
CA ARG A 141 19.51 -26.67 10.65
C ARG A 141 18.73 -27.11 9.42
N GLY A 142 19.37 -27.92 8.57
CA GLY A 142 18.72 -28.41 7.37
C GLY A 142 19.47 -28.11 6.08
N TYR A 143 20.42 -27.19 6.14
CA TYR A 143 21.22 -26.84 4.96
C TYR A 143 22.25 -27.92 4.66
N ASP A 144 22.16 -28.51 3.47
CA ASP A 144 23.09 -29.55 3.06
C ASP A 144 23.99 -29.06 1.95
N TYR A 145 24.73 -27.99 2.23
CA TYR A 145 25.58 -27.38 1.21
C TYR A 145 26.73 -28.30 0.82
N GLY A 146 27.13 -28.21 -0.45
CA GLY A 146 28.22 -29.00 -0.97
C GLY A 146 28.98 -28.27 -2.06
N GLY A 147 30.15 -28.79 -2.41
CA GLY A 147 30.97 -28.18 -3.45
C GLY A 147 31.33 -26.73 -3.16
N ILE A 148 31.26 -25.90 -4.20
CA ILE A 148 31.71 -24.51 -4.09
C ILE A 148 30.77 -23.68 -3.21
N PHE A 149 29.59 -24.22 -2.91
CA PHE A 149 28.65 -23.55 -2.02
C PHE A 149 29.12 -23.64 -0.57
N ARG A 150 30.16 -24.45 -0.34
CA ARG A 150 30.81 -24.48 0.97
C ARG A 150 31.92 -23.43 0.97
N GLY A 151 31.55 -22.18 0.76
CA GLY A 151 32.51 -21.11 0.53
C GLY A 151 32.86 -20.25 1.72
N ILE A 152 32.22 -20.50 2.86
CA ILE A 152 32.60 -19.81 4.09
C ILE A 152 33.85 -20.46 4.66
N VAL A 153 34.99 -19.81 4.46
CA VAL A 153 36.26 -20.28 4.99
C VAL A 153 36.34 -20.01 6.49
N ARG A 154 35.80 -18.85 6.92
CA ARG A 154 35.94 -18.41 8.30
C ARG A 154 34.80 -17.52 8.77
N SER A 155 34.51 -17.61 10.07
CA SER A 155 33.53 -16.76 10.72
C SER A 155 33.81 -16.68 12.22
N ASP A 156 33.57 -15.51 12.81
CA ASP A 156 33.68 -15.37 14.25
C ASP A 156 32.44 -15.98 14.91
N THR A 157 32.50 -16.16 16.22
CA THR A 157 31.48 -16.91 16.95
C THR A 157 30.07 -16.33 16.79
N VAL A 158 29.98 -15.02 16.57
CA VAL A 158 28.66 -14.38 16.41
C VAL A 158 28.36 -14.05 14.94
N ALA A 159 29.29 -14.40 14.05
CA ALA A 159 29.10 -14.13 12.63
C ALA A 159 28.87 -12.64 12.37
N SER A 160 29.74 -11.80 12.95
CA SER A 160 29.73 -10.37 12.66
C SER A 160 30.76 -10.07 11.59
N THR A 161 31.82 -10.87 11.58
CA THR A 161 32.85 -10.77 10.55
C THR A 161 33.26 -12.18 10.13
N GLY A 162 33.83 -12.30 8.94
CA GLY A 162 34.27 -13.58 8.43
C GLY A 162 34.94 -13.46 7.06
N LYS A 163 35.10 -14.59 6.38
CA LYS A 163 35.72 -14.60 5.07
C LYS A 163 35.03 -15.57 4.12
N LEU A 164 34.95 -15.19 2.85
CA LEU A 164 34.32 -16.01 1.81
C LEU A 164 35.31 -16.22 0.68
N GLN A 165 35.40 -17.45 0.17
CA GLN A 165 36.31 -17.75 -0.92
C GLN A 165 35.75 -17.29 -2.25
N TRP A 166 36.62 -17.18 -3.25
CA TRP A 166 36.20 -16.76 -4.59
C TRP A 166 36.67 -17.77 -5.62
N VAL A 167 35.72 -18.37 -6.32
CA VAL A 167 36.03 -19.37 -7.34
C VAL A 167 35.45 -18.95 -8.69
N ASP A 168 35.49 -17.65 -8.98
CA ASP A 168 34.98 -17.11 -10.24
C ASP A 168 33.55 -17.55 -10.46
N ASN A 169 32.72 -17.42 -9.42
CA ASN A 169 31.33 -17.83 -9.48
C ASN A 169 30.48 -16.92 -8.58
N TRP A 170 29.72 -16.02 -9.20
CA TRP A 170 28.94 -15.03 -8.46
C TRP A 170 27.78 -15.66 -7.69
N ILE A 171 27.16 -16.69 -8.26
CA ILE A 171 26.02 -17.33 -7.60
C ILE A 171 26.46 -17.92 -6.27
N SER A 172 27.51 -18.74 -6.28
CA SER A 172 27.97 -19.37 -5.06
C SER A 172 28.43 -18.32 -4.06
N PHE A 173 29.18 -17.33 -4.55
CA PHE A 173 29.74 -16.33 -3.67
C PHE A 173 28.66 -15.52 -2.96
N MET A 174 27.68 -15.03 -3.72
CA MET A 174 26.61 -14.25 -3.14
C MET A 174 25.75 -15.11 -2.21
N ASP A 175 25.64 -16.40 -2.53
CA ASP A 175 24.91 -17.32 -1.66
C ASP A 175 25.57 -17.44 -0.29
N THR A 176 26.89 -17.56 -0.28
CA THR A 176 27.62 -17.68 0.98
C THR A 176 27.44 -16.43 1.85
N MET A 177 27.17 -15.30 1.20
CA MET A 177 26.85 -14.08 1.93
C MET A 177 25.52 -14.24 2.67
N LEU A 178 24.57 -14.93 2.04
CA LEU A 178 23.28 -15.20 2.68
C LEU A 178 23.43 -16.25 3.77
N GLN A 179 24.27 -17.26 3.50
CA GLN A 179 24.58 -18.27 4.50
C GLN A 179 25.12 -17.58 5.75
N PHE A 180 26.03 -16.63 5.52
CA PHE A 180 26.71 -15.95 6.61
C PHE A 180 25.73 -15.18 7.49
N SER A 181 24.73 -14.56 6.86
CA SER A 181 23.72 -13.81 7.58
C SER A 181 22.84 -14.73 8.42
N ILE A 182 22.64 -15.95 7.92
CA ILE A 182 21.79 -16.92 8.60
C ILE A 182 22.48 -17.45 9.85
N LEU A 183 23.81 -17.45 9.84
CA LEU A 183 24.60 -17.92 10.98
C LEU A 183 24.28 -17.12 12.24
N SER A 184 24.20 -15.80 12.08
CA SER A 184 23.98 -14.90 13.21
C SER A 184 22.61 -15.10 13.86
N LYS A 185 21.67 -15.67 13.13
CA LYS A 185 20.34 -15.91 13.66
C LYS A 185 20.39 -16.91 14.82
N ASN A 186 19.70 -16.57 15.90
CA ASN A 186 19.79 -17.34 17.14
C ASN A 186 19.05 -18.67 17.03
N LEU A 187 17.85 -18.64 16.44
CA LEU A 187 17.05 -19.85 16.29
C LEU A 187 17.71 -20.78 15.28
N ARG A 188 17.95 -22.03 15.70
CA ARG A 188 18.66 -23.00 14.88
C ARG A 188 17.68 -23.80 14.02
N GLU A 189 17.00 -23.11 13.11
CA GLU A 189 16.04 -23.76 12.23
C GLU A 189 16.31 -23.36 10.78
N LEU A 190 15.56 -23.96 9.85
CA LEU A 190 15.78 -23.72 8.43
C LEU A 190 15.12 -22.41 7.99
N TYR A 191 15.94 -21.48 7.52
CA TYR A 191 15.47 -20.21 6.97
C TYR A 191 15.77 -20.11 5.48
N LEU A 192 14.82 -19.60 4.72
CA LEU A 192 15.03 -19.35 3.29
C LEU A 192 14.74 -17.88 2.98
N PRO A 193 15.54 -17.26 2.09
CA PRO A 193 15.33 -15.84 1.77
C PRO A 193 13.92 -15.53 1.28
N THR A 194 13.36 -14.41 1.73
CA THR A 194 12.04 -13.97 1.28
C THR A 194 12.16 -12.68 0.51
N ARG A 195 12.89 -11.73 1.06
CA ARG A 195 13.04 -10.41 0.44
C ARG A 195 14.46 -9.88 0.60
N ILE A 196 14.84 -9.01 -0.32
CA ILE A 196 16.05 -8.21 -0.20
C ILE A 196 15.71 -6.81 -0.69
N GLU A 197 15.84 -5.83 0.20
CA GLU A 197 15.46 -4.46 -0.11
C GLU A 197 16.37 -3.88 -1.18
N ARG A 198 17.68 -4.05 -1.02
CA ARG A 198 18.64 -3.49 -1.96
C ARG A 198 19.87 -4.37 -2.11
N ALA A 199 20.31 -4.54 -3.36
CA ALA A 199 21.52 -5.30 -3.65
C ALA A 199 22.39 -4.53 -4.63
N VAL A 200 23.48 -3.97 -4.13
CA VAL A 200 24.40 -3.20 -4.96
C VAL A 200 25.54 -4.09 -5.42
N ILE A 201 25.72 -4.19 -6.74
CA ILE A 201 26.77 -5.02 -7.31
C ILE A 201 27.75 -4.14 -8.08
N ASN A 202 29.02 -4.20 -7.69
CA ASN A 202 30.07 -3.38 -8.28
C ASN A 202 31.19 -4.28 -8.81
N PRO A 203 31.06 -4.74 -10.07
CA PRO A 203 32.04 -5.70 -10.61
C PRO A 203 33.46 -5.15 -10.70
N ALA A 204 33.60 -3.90 -11.11
CA ALA A 204 34.91 -3.28 -11.27
C ALA A 204 35.67 -3.30 -9.95
N LYS A 205 34.97 -2.90 -8.89
CA LYS A 205 35.55 -2.86 -7.55
C LYS A 205 35.88 -4.27 -7.06
N HIS A 206 35.04 -5.22 -7.43
CA HIS A 206 35.21 -6.61 -7.00
C HIS A 206 36.52 -7.21 -7.50
N PHE A 207 36.80 -7.03 -8.80
CA PHE A 207 37.94 -7.68 -9.42
C PHE A 207 39.27 -6.97 -9.11
N GLU A 208 39.21 -5.67 -8.83
CA GLU A 208 40.43 -4.94 -8.48
C GLU A 208 40.82 -5.28 -7.05
N LEU A 209 39.85 -5.77 -6.28
CA LEU A 209 40.12 -6.25 -4.93
C LEU A 209 40.64 -7.69 -4.98
N LEU A 210 40.13 -8.46 -5.95
CA LEU A 210 40.56 -9.83 -6.13
C LEU A 210 41.98 -9.90 -6.69
N SER A 211 42.36 -8.88 -7.45
CA SER A 211 43.69 -8.82 -8.03
C SER A 211 44.77 -8.73 -6.95
N ALA A 212 44.39 -8.27 -5.77
CA ALA A 212 45.31 -8.15 -4.65
C ALA A 212 45.53 -9.50 -3.96
N LEU A 213 44.86 -10.53 -4.46
CA LEU A 213 44.98 -11.87 -3.89
C LEU A 213 45.48 -12.87 -4.92
N THR A 214 46.20 -13.88 -4.46
CA THR A 214 46.63 -14.96 -5.32
C THR A 214 45.43 -15.86 -5.60
N LYS A 215 45.47 -16.57 -6.72
CA LYS A 215 44.40 -17.51 -7.05
C LYS A 215 44.25 -18.51 -5.91
N GLU A 216 45.35 -18.76 -5.20
CA GLU A 216 45.32 -19.61 -4.02
C GLU A 216 44.70 -18.90 -2.82
N GLU A 217 45.11 -17.66 -2.58
CA GLU A 217 44.59 -16.87 -1.47
C GLU A 217 43.07 -16.68 -1.61
N GLN A 218 42.63 -16.44 -2.84
CA GLN A 218 41.21 -16.27 -3.12
C GLN A 218 40.41 -17.48 -2.64
N VAL A 219 41.06 -18.64 -2.65
CA VAL A 219 40.39 -19.90 -2.30
C VAL A 219 40.66 -20.28 -0.85
N GLU A 220 41.92 -20.18 -0.43
CA GLU A 220 42.31 -20.64 0.90
C GLU A 220 42.01 -19.60 1.99
N THR A 221 42.06 -18.33 1.64
CA THR A 221 41.89 -17.25 2.62
C THR A 221 40.55 -16.53 2.42
N GLY A 222 40.25 -16.16 1.18
CA GLY A 222 38.96 -15.58 0.86
C GLY A 222 38.83 -14.09 1.06
N LEU A 223 37.62 -13.58 0.84
CA LEU A 223 37.32 -12.16 0.95
C LEU A 223 36.57 -11.85 2.25
N PRO A 224 36.83 -10.68 2.86
CA PRO A 224 36.10 -10.33 4.09
C PRO A 224 34.60 -10.15 3.88
N VAL A 225 33.80 -10.66 4.82
CA VAL A 225 32.36 -10.43 4.82
C VAL A 225 31.97 -9.79 6.15
N GLN A 226 31.05 -8.84 6.09
CA GLN A 226 30.64 -8.09 7.28
C GLN A 226 29.13 -8.14 7.48
N TRP A 227 28.70 -8.21 8.73
CA TRP A 227 27.29 -8.17 9.07
C TRP A 227 27.03 -7.09 10.12
N TYR A 228 26.38 -6.01 9.67
CA TYR A 228 26.02 -4.90 10.56
C TYR A 228 24.56 -5.03 10.97
N SER A 229 24.32 -5.47 12.20
CA SER A 229 22.98 -5.79 12.68
C SER A 229 22.09 -4.56 12.85
N ASP A 230 22.67 -3.41 13.18
CA ASP A 230 21.90 -2.20 13.39
C ASP A 230 21.24 -1.71 12.11
N ILE A 231 22.03 -1.64 11.03
CA ILE A 231 21.54 -1.12 9.75
C ILE A 231 21.05 -2.25 8.85
N ASN A 232 21.31 -3.50 9.24
CA ASN A 232 20.89 -4.67 8.48
C ASN A 232 21.56 -4.69 7.10
N VAL A 233 22.87 -4.87 7.07
CA VAL A 233 23.61 -4.91 5.83
C VAL A 233 24.64 -6.04 5.84
N ILE A 234 24.72 -6.77 4.73
CA ILE A 234 25.76 -7.76 4.52
C ILE A 234 26.66 -7.24 3.41
N LYS A 235 27.93 -6.98 3.73
CA LYS A 235 28.85 -6.39 2.76
C LYS A 235 30.12 -7.21 2.58
N SER A 236 30.41 -7.55 1.33
CA SER A 236 31.66 -8.25 1.01
C SER A 236 32.15 -7.84 -0.38
N ALA A 237 33.29 -7.18 -0.42
CA ALA A 237 33.89 -6.73 -1.68
C ALA A 237 32.91 -5.89 -2.49
N GLY A 238 32.55 -6.36 -3.68
CA GLY A 238 31.74 -5.57 -4.59
C GLY A 238 30.24 -5.74 -4.40
N VAL A 239 29.86 -6.64 -3.51
CA VAL A 239 28.44 -6.93 -3.26
C VAL A 239 28.02 -6.31 -1.94
N GLU A 240 26.89 -5.60 -1.96
CA GLU A 240 26.33 -5.00 -0.77
C GLU A 240 24.84 -5.29 -0.68
N LEU A 241 24.43 -5.99 0.39
CA LEU A 241 23.05 -6.44 0.53
C LEU A 241 22.37 -5.79 1.74
N ARG A 242 21.29 -5.05 1.48
CA ARG A 242 20.56 -4.36 2.54
C ARG A 242 19.17 -4.95 2.74
N GLY A 243 18.70 -4.95 3.98
CA GLY A 243 17.34 -5.34 4.30
C GLY A 243 16.95 -6.76 3.93
N LEU A 244 17.79 -7.72 4.31
CA LEU A 244 17.50 -9.13 4.04
C LEU A 244 16.40 -9.64 4.97
N LYS A 245 15.42 -10.33 4.39
CA LYS A 245 14.35 -10.95 5.16
C LYS A 245 14.28 -12.44 4.83
N ALA A 246 14.37 -13.28 5.87
CA ALA A 246 14.25 -14.73 5.70
C ALA A 246 13.08 -15.26 6.50
N ASN A 247 12.31 -16.16 5.88
CA ASN A 247 11.20 -16.81 6.55
C ASN A 247 11.48 -18.27 6.82
N LEU A 248 10.95 -18.75 7.92
CA LEU A 248 11.10 -20.14 8.31
C LEU A 248 10.41 -21.04 7.29
N ALA A 249 11.09 -22.08 6.83
CA ALA A 249 10.56 -22.96 5.80
C ALA A 249 10.06 -24.28 6.36
N GLN A 250 9.18 -24.93 5.61
CA GLN A 250 8.65 -26.24 5.97
C GLN A 250 9.70 -27.33 5.81
N ARG A 251 9.80 -28.21 6.80
CA ARG A 251 10.71 -29.35 6.72
C ARG A 251 9.94 -30.56 6.23
N ARG A 252 10.52 -31.26 5.24
CA ARG A 252 9.85 -32.42 4.66
C ARG A 252 9.56 -33.43 5.76
N PRO A 253 8.45 -34.16 5.65
CA PRO A 253 8.20 -35.17 6.69
C PRO A 253 9.23 -36.29 6.59
N GLY A 254 10.32 -36.13 7.33
CA GLY A 254 11.43 -37.06 7.28
C GLY A 254 11.02 -38.51 7.37
N THR A 255 11.66 -39.34 6.56
CA THR A 255 11.36 -40.77 6.55
C THR A 255 12.17 -41.52 7.59
N GLN A 256 12.55 -40.83 8.66
CA GLN A 256 13.31 -41.45 9.73
C GLN A 256 12.42 -41.84 10.90
N ALA A 257 12.13 -43.12 11.02
CA ALA A 257 11.30 -43.62 12.11
C ALA A 257 12.07 -43.46 13.42
N PRO A 258 11.36 -43.20 14.54
CA PRO A 258 12.12 -43.03 15.78
C PRO A 258 12.75 -44.34 16.22
N PRO A 259 13.85 -44.28 16.98
CA PRO A 259 14.53 -45.50 17.45
C PRO A 259 13.77 -46.23 18.54
N THR A 260 13.89 -47.56 18.57
CA THR A 260 13.25 -48.36 19.61
C THR A 260 14.32 -48.89 20.57
N LEU A 261 13.89 -49.25 21.77
CA LEU A 261 14.79 -49.80 22.77
C LEU A 261 14.39 -51.22 23.14
N GLU A 262 15.39 -52.10 23.23
CA GLU A 262 15.16 -53.48 23.68
C GLU A 262 15.99 -53.77 24.91
N ARG A 263 15.34 -54.25 25.96
CA ARG A 263 16.01 -54.53 27.22
C ARG A 263 16.52 -55.97 27.26
N TYR A 264 17.73 -56.14 27.80
CA TYR A 264 18.29 -57.46 27.98
C TYR A 264 17.84 -58.05 29.31
N GLN A 265 17.65 -59.37 29.35
CA GLN A 265 17.35 -60.07 30.59
C GLN A 265 17.71 -61.55 30.48
N PHE A 266 17.87 -62.20 31.63
CA PHE A 266 18.17 -63.62 31.66
C PHE A 266 16.90 -64.45 31.46
N VAL A 267 16.93 -65.32 30.45
CA VAL A 267 15.83 -66.21 30.16
C VAL A 267 16.27 -67.65 30.37
N PRO A 268 15.71 -68.32 31.40
CA PRO A 268 16.06 -69.74 31.57
C PRO A 268 15.68 -70.57 30.35
N ASN A 269 16.48 -71.57 30.03
CA ASN A 269 16.12 -72.51 28.96
C ASN A 269 14.75 -73.08 29.26
N ILE A 270 14.53 -73.41 30.53
CA ILE A 270 13.23 -73.88 30.98
C ILE A 270 12.56 -72.77 31.77
N ASN A 271 11.65 -72.05 31.11
CA ASN A 271 11.00 -70.91 31.73
C ASN A 271 9.51 -71.19 31.88
N THR A 272 9.05 -71.30 33.12
CA THR A 272 7.65 -71.62 33.41
C THR A 272 6.84 -70.35 33.66
N THR A 273 7.46 -69.20 33.43
CA THR A 273 6.78 -67.92 33.57
C THR A 273 6.65 -67.24 32.21
N ASP A 274 5.45 -66.78 31.90
CA ASP A 274 5.22 -66.07 30.65
C ASP A 274 6.12 -64.84 30.58
N LEU A 275 6.61 -64.54 29.38
CA LEU A 275 7.54 -63.44 29.19
C LEU A 275 6.82 -62.10 29.26
N ASN A 276 5.50 -62.12 29.24
CA ASN A 276 4.70 -60.91 29.39
C ASN A 276 3.36 -61.20 30.06
N GLU A 277 2.75 -60.16 30.62
CA GLU A 277 1.44 -60.26 31.24
C GLU A 277 0.37 -60.59 30.21
N ASN A 278 0.43 -59.91 29.08
CA ASN A 278 -0.47 -60.14 27.97
C ASN A 278 -0.11 -61.44 27.25
N SER A 279 -1.06 -62.35 27.17
CA SER A 279 -0.80 -63.68 26.60
C SER A 279 -0.34 -63.59 25.15
N GLU A 280 -0.91 -62.67 24.38
CA GLU A 280 -0.56 -62.53 22.98
C GLU A 280 0.87 -62.02 22.84
N LYS A 281 1.20 -60.98 23.60
CA LYS A 281 2.55 -60.43 23.60
C LYS A 281 3.55 -61.45 24.13
N ALA A 282 3.12 -62.26 25.09
CA ALA A 282 3.98 -63.27 25.69
C ALA A 282 4.42 -64.27 24.62
N ARG A 283 3.46 -64.70 23.80
CA ARG A 283 3.73 -65.63 22.72
C ARG A 283 4.72 -65.06 21.71
N LEU A 284 4.49 -63.81 21.31
CA LEU A 284 5.39 -63.14 20.36
C LEU A 284 6.82 -63.10 20.91
N HIS A 285 6.96 -62.80 22.20
CA HIS A 285 8.27 -62.80 22.84
C HIS A 285 8.90 -64.19 22.83
N ALA A 286 8.09 -65.21 23.09
CA ALA A 286 8.58 -66.59 23.06
C ALA A 286 9.19 -66.89 21.68
N LEU A 287 8.50 -66.48 20.62
CA LEU A 287 8.99 -66.67 19.27
C LEU A 287 10.25 -65.83 19.03
N ASP A 288 10.27 -64.62 19.57
CA ASP A 288 11.42 -63.74 19.43
C ASP A 288 12.65 -64.37 20.09
N VAL A 289 12.47 -64.95 21.27
CA VAL A 289 13.57 -65.59 21.97
C VAL A 289 14.06 -66.78 21.18
N ALA A 290 13.13 -67.54 20.61
CA ALA A 290 13.46 -68.76 19.89
C ALA A 290 14.36 -68.46 18.70
N ILE A 291 13.95 -67.50 17.87
CA ILE A 291 14.71 -67.14 16.68
C ILE A 291 16.08 -66.61 17.09
N GLN A 292 16.12 -65.87 18.19
CA GLN A 292 17.37 -65.32 18.68
C GLN A 292 18.38 -66.43 18.99
N VAL A 293 17.91 -67.49 19.64
CA VAL A 293 18.77 -68.60 19.99
C VAL A 293 19.28 -69.29 18.72
N ILE A 294 18.41 -69.40 17.72
CA ILE A 294 18.77 -70.03 16.46
C ILE A 294 19.83 -69.21 15.74
N ILE A 295 19.61 -67.91 15.65
CA ILE A 295 20.57 -67.02 15.01
C ILE A 295 21.89 -67.11 15.74
N GLU A 296 21.81 -67.08 17.07
CA GLU A 296 23.00 -67.15 17.92
C GLU A 296 23.80 -68.43 17.65
N ASN A 297 23.12 -69.48 17.24
CA ASN A 297 23.76 -70.79 17.05
C ASN A 297 23.73 -71.25 15.60
N SER A 298 23.89 -70.31 14.68
CA SER A 298 23.99 -70.65 13.25
C SER A 298 25.35 -70.25 12.71
N SER A 299 26.33 -70.12 13.60
CA SER A 299 27.67 -69.70 13.21
C SER A 299 27.57 -68.36 12.49
N GLY A 300 28.32 -68.18 11.41
CA GLY A 300 28.29 -66.93 10.67
C GLY A 300 27.38 -66.99 9.47
N ALA A 301 26.12 -67.33 9.72
CA ALA A 301 25.13 -67.42 8.64
C ALA A 301 24.62 -66.04 8.25
N VAL A 302 24.62 -65.77 6.94
CA VAL A 302 24.11 -64.51 6.41
C VAL A 302 22.65 -64.66 6.00
N LYS A 303 22.27 -65.89 5.65
CA LYS A 303 20.87 -66.19 5.34
C LYS A 303 20.32 -67.26 6.28
N LEU A 304 19.10 -67.03 6.74
CA LEU A 304 18.43 -67.96 7.66
C LEU A 304 17.17 -68.55 7.03
N LYS A 305 17.18 -69.87 6.82
CA LYS A 305 16.08 -70.56 6.16
C LYS A 305 15.13 -71.19 7.17
N GLY A 306 13.82 -71.01 6.95
CA GLY A 306 12.82 -71.59 7.82
C GLY A 306 11.49 -71.81 7.12
N VAL A 307 10.64 -72.64 7.73
CA VAL A 307 9.31 -72.91 7.17
C VAL A 307 8.28 -72.98 8.29
N GLU A 308 7.01 -72.82 7.93
CA GLU A 308 5.91 -72.96 8.88
C GLU A 308 4.86 -73.93 8.36
N LEU A 309 4.66 -75.02 9.10
CA LEU A 309 3.65 -76.00 8.78
C LEU A 309 2.26 -75.47 9.14
N ALA A 310 1.36 -75.43 8.16
CA ALA A 310 0.05 -74.80 8.31
C ALA A 310 -1.12 -75.71 7.94
N ASN A 311 -1.07 -76.97 8.39
CA ASN A 311 -2.15 -77.91 8.09
C ASN A 311 -3.27 -77.81 9.12
N GLY A 312 -4.47 -77.50 8.65
CA GLY A 312 -5.63 -77.39 9.53
C GLY A 312 -5.64 -76.11 10.34
N ARG A 313 -5.16 -75.02 9.75
CA ARG A 313 -5.07 -73.74 10.43
C ARG A 313 -5.58 -72.59 9.57
N ASN A 314 -6.04 -71.54 10.24
CA ASN A 314 -6.52 -70.32 9.60
C ASN A 314 -5.35 -69.57 8.97
N PRO A 315 -5.49 -69.17 7.69
CA PRO A 315 -4.40 -68.46 7.02
C PRO A 315 -3.94 -67.20 7.77
N ASP A 316 -4.82 -66.63 8.57
CA ASP A 316 -4.52 -65.38 9.27
C ASP A 316 -3.60 -65.58 10.48
N VAL A 317 -3.79 -66.68 11.20
CA VAL A 317 -3.10 -66.88 12.48
C VAL A 317 -1.65 -67.35 12.34
N LEU A 318 -1.24 -67.77 11.15
CA LEU A 318 0.13 -68.24 10.94
C LEU A 318 1.12 -67.13 11.33
N VAL A 319 2.29 -67.54 11.78
CA VAL A 319 3.27 -66.60 12.34
C VAL A 319 4.41 -66.28 11.38
N ALA A 320 4.40 -66.90 10.21
CA ALA A 320 5.48 -66.77 9.24
C ALA A 320 5.99 -65.33 9.10
N ASN A 321 5.07 -64.38 8.94
CA ASN A 321 5.44 -62.98 8.76
C ASN A 321 6.27 -62.48 9.93
N ARG A 322 5.81 -62.79 11.15
CA ARG A 322 6.51 -62.36 12.35
C ARG A 322 7.92 -62.95 12.41
N LEU A 323 8.05 -64.21 12.04
CA LEU A 323 9.35 -64.87 12.06
C LEU A 323 10.31 -64.17 11.09
N LEU A 324 9.88 -63.99 9.85
CA LEU A 324 10.72 -63.33 8.86
C LEU A 324 11.05 -61.91 9.30
N GLN A 325 10.11 -61.29 10.01
CA GLN A 325 10.31 -59.92 10.50
C GLN A 325 11.39 -59.88 11.57
N ILE A 326 11.43 -60.91 12.42
CA ILE A 326 12.45 -60.99 13.46
C ILE A 326 13.82 -61.22 12.81
N ILE A 327 13.85 -62.12 11.83
CA ILE A 327 15.09 -62.45 11.14
C ILE A 327 15.62 -61.20 10.43
N GLU A 328 14.80 -60.61 9.57
CA GLU A 328 15.18 -59.45 8.79
C GLU A 328 15.69 -58.33 9.69
N GLY A 329 15.11 -58.25 10.89
CA GLY A 329 15.50 -57.26 11.87
C GLY A 329 16.97 -57.30 12.23
N GLU A 330 17.50 -58.50 12.39
CA GLU A 330 18.91 -58.67 12.74
C GLU A 330 19.80 -58.11 11.62
N PRO A 331 20.83 -57.33 11.99
CA PRO A 331 21.66 -56.71 10.94
C PRO A 331 22.35 -57.73 10.03
N VAL A 332 22.65 -57.33 8.81
CA VAL A 332 23.36 -58.19 7.84
C VAL A 332 22.83 -59.63 7.92
N LEU A 333 21.52 -59.77 7.79
CA LEU A 333 20.88 -61.08 7.81
C LEU A 333 19.54 -61.02 7.10
N THR A 334 19.35 -61.92 6.15
CA THR A 334 18.09 -62.02 5.41
C THR A 334 17.51 -63.41 5.58
N GLY A 335 16.18 -63.52 5.45
CA GLY A 335 15.50 -64.76 5.74
C GLY A 335 14.80 -65.38 4.55
N ASP A 336 14.81 -66.70 4.48
CA ASP A 336 14.04 -67.45 3.50
C ASP A 336 12.94 -68.22 4.22
N VAL A 337 11.81 -67.57 4.44
CA VAL A 337 10.70 -68.18 5.17
C VAL A 337 9.61 -68.56 4.19
N ALA A 338 9.05 -69.75 4.38
CA ALA A 338 7.98 -70.25 3.52
C ALA A 338 6.86 -70.85 4.37
N VAL A 339 5.66 -70.90 3.80
CA VAL A 339 4.54 -71.54 4.46
C VAL A 339 4.20 -72.81 3.69
N VAL A 340 4.28 -73.94 4.38
CA VAL A 340 4.02 -75.23 3.76
C VAL A 340 2.57 -75.63 4.02
N THR A 341 1.89 -76.08 2.96
CA THR A 341 0.50 -76.47 3.07
C THR A 341 0.27 -77.83 2.43
N SER A 342 -0.45 -78.69 3.14
CA SER A 342 -0.77 -80.02 2.63
C SER A 342 -2.19 -80.06 2.08
N ASN A 343 -2.96 -79.00 2.35
CA ASN A 343 -4.37 -78.99 1.96
C ASN A 343 -4.57 -78.26 0.63
N ASN A 344 -3.48 -78.07 -0.10
CA ASN A 344 -3.52 -77.52 -1.45
C ASN A 344 -4.46 -76.32 -1.58
N ASN A 345 -4.37 -75.40 -0.62
CA ASN A 345 -5.14 -74.15 -0.65
C ASN A 345 -4.19 -72.98 -0.84
N GLU A 346 -3.26 -73.13 -1.77
CA GLU A 346 -2.21 -72.15 -2.00
C GLU A 346 -2.73 -70.74 -2.25
N GLU A 347 -3.67 -70.59 -3.19
CA GLU A 347 -4.20 -69.28 -3.52
C GLU A 347 -4.73 -68.55 -2.28
N THR A 348 -5.40 -69.29 -1.41
CA THR A 348 -5.96 -68.71 -0.19
C THR A 348 -4.85 -68.23 0.74
N ILE A 349 -3.85 -69.07 0.96
CA ILE A 349 -2.75 -68.76 1.86
C ILE A 349 -1.91 -67.58 1.36
N THR A 350 -1.61 -67.59 0.06
CA THR A 350 -0.75 -66.56 -0.54
C THR A 350 -1.30 -65.16 -0.29
N ALA A 351 -2.61 -65.03 -0.32
CA ALA A 351 -3.26 -63.74 -0.12
C ALA A 351 -3.10 -63.25 1.32
N ALA A 352 -3.22 -64.19 2.26
CA ALA A 352 -3.14 -63.85 3.68
C ALA A 352 -1.79 -63.24 4.07
N LEU A 353 -0.70 -63.84 3.58
CA LEU A 353 0.64 -63.34 3.88
C LEU A 353 0.84 -61.89 3.44
N GLY A 354 0.34 -61.56 2.25
CA GLY A 354 0.40 -60.20 1.76
C GLY A 354 1.75 -59.74 1.23
N ASP A 355 2.10 -58.50 1.55
CA ASP A 355 3.30 -57.86 1.04
C ASP A 355 4.50 -58.14 1.93
N SER A 356 4.53 -59.31 2.56
CA SER A 356 5.59 -59.66 3.49
C SER A 356 6.80 -60.27 2.79
N GLY A 357 6.55 -61.01 1.73
CA GLY A 357 7.61 -61.66 0.98
C GLY A 357 7.91 -63.05 1.49
N VAL A 358 6.87 -63.73 2.00
CA VAL A 358 6.99 -65.11 2.43
C VAL A 358 6.45 -65.97 1.30
N ARG A 359 7.29 -66.85 0.77
CA ARG A 359 6.88 -67.72 -0.32
C ARG A 359 5.99 -68.85 0.21
N VAL A 360 5.41 -69.61 -0.71
CA VAL A 360 4.56 -70.74 -0.35
C VAL A 360 4.94 -71.99 -1.15
N VAL A 361 5.17 -73.09 -0.45
CA VAL A 361 5.51 -74.35 -1.08
C VAL A 361 4.34 -75.32 -0.90
N SER A 362 4.11 -76.16 -1.90
CA SER A 362 3.00 -77.09 -1.89
C SER A 362 3.49 -78.54 -1.75
N LYS A 363 3.46 -79.05 -0.52
CA LYS A 363 3.87 -80.42 -0.26
C LYS A 363 3.11 -81.00 0.94
N ASP A 364 2.83 -82.29 0.86
CA ASP A 364 2.11 -82.99 1.92
C ASP A 364 3.13 -83.49 2.95
N VAL A 365 3.08 -82.90 4.15
CA VAL A 365 4.10 -83.15 5.16
C VAL A 365 4.17 -84.64 5.53
N LEU A 366 3.12 -85.39 5.23
CA LEU A 366 3.13 -86.82 5.50
C LEU A 366 3.87 -87.55 4.38
N LYS A 367 4.77 -88.47 4.78
CA LYS A 367 5.56 -89.28 3.84
C LYS A 367 6.69 -88.57 3.07
N GLU A 368 6.78 -87.25 3.10
CA GLU A 368 7.85 -86.60 2.35
C GLU A 368 8.35 -85.32 3.05
N PRO A 369 9.62 -84.95 2.78
CA PRO A 369 10.22 -83.72 3.32
C PRO A 369 9.69 -82.44 2.67
N VAL A 370 9.39 -81.44 3.49
CA VAL A 370 8.83 -80.20 2.99
C VAL A 370 9.91 -79.39 2.24
N GLU A 371 11.12 -79.41 2.76
CA GLU A 371 12.24 -78.70 2.15
C GLU A 371 13.56 -79.20 2.70
N GLN A 372 14.65 -78.91 2.01
CA GLN A 372 15.97 -79.39 2.41
C GLN A 372 16.83 -78.31 3.08
N ASN A 373 17.58 -78.73 4.09
CA ASN A 373 18.52 -77.87 4.80
C ASN A 373 17.92 -76.55 5.29
N CYS A 374 16.95 -76.65 6.20
CA CYS A 374 16.39 -75.48 6.86
C CYS A 374 17.11 -75.24 8.19
N HIS A 375 17.10 -74.00 8.66
CA HIS A 375 17.65 -73.70 9.97
C HIS A 375 16.63 -74.02 11.06
N PHE A 376 15.35 -73.93 10.72
CA PHE A 376 14.30 -74.30 11.66
C PHE A 376 12.99 -74.66 10.97
N VAL A 377 12.14 -75.35 11.71
CA VAL A 377 10.79 -75.69 11.25
C VAL A 377 9.83 -75.36 12.38
N PHE A 378 8.83 -74.54 12.10
CA PHE A 378 7.81 -74.23 13.08
C PHE A 378 6.56 -75.08 12.85
N GLY A 379 5.96 -75.53 13.94
CA GLY A 379 4.76 -76.35 13.87
C GLY A 379 3.96 -76.30 15.15
N ILE A 380 2.66 -76.56 15.06
CA ILE A 380 1.79 -76.59 16.22
C ILE A 380 1.18 -77.98 16.36
N ASP A 381 1.28 -78.54 17.56
CA ASP A 381 0.70 -79.84 17.85
C ASP A 381 1.31 -80.94 16.98
N VAL A 382 2.62 -80.88 16.82
CA VAL A 382 3.34 -81.87 16.02
C VAL A 382 3.52 -83.15 16.83
N LEU A 383 3.77 -82.99 18.12
CA LEU A 383 3.94 -84.12 19.02
C LEU A 383 2.59 -84.66 19.49
N SER A 384 1.54 -83.90 19.21
CA SER A 384 0.18 -84.30 19.57
C SER A 384 -0.39 -85.29 18.56
N ARG A 385 -0.02 -85.11 17.29
CA ARG A 385 -0.50 -85.95 16.20
C ARG A 385 -0.36 -87.44 16.54
N PRO A 386 -1.27 -88.28 16.02
CA PRO A 386 -1.23 -89.71 16.31
C PRO A 386 -0.05 -90.40 15.62
N ASP A 387 0.26 -89.96 14.40
CA ASP A 387 1.38 -90.53 13.65
C ASP A 387 2.60 -89.62 13.76
N THR A 388 3.78 -90.24 13.73
CA THR A 388 5.03 -89.51 13.90
C THR A 388 5.56 -89.01 12.55
N LYS A 389 4.85 -89.34 11.48
CA LYS A 389 5.30 -89.02 10.14
C LYS A 389 5.50 -87.52 9.94
N THR A 390 4.63 -86.71 10.55
CA THR A 390 4.77 -85.27 10.48
C THR A 390 6.10 -84.85 11.08
N LEU A 391 6.41 -85.38 12.25
CA LEU A 391 7.67 -85.10 12.92
C LEU A 391 8.86 -85.59 12.10
N GLU A 392 8.78 -86.82 11.62
CA GLU A 392 9.88 -87.44 10.87
C GLU A 392 10.35 -86.57 9.72
N ASN A 393 9.40 -86.11 8.89
CA ASN A 393 9.75 -85.36 7.70
C ASN A 393 10.18 -83.93 8.06
N SER A 394 9.80 -83.48 9.25
CA SER A 394 10.26 -82.20 9.74
C SER A 394 11.73 -82.31 10.11
N ILE A 395 12.12 -83.46 10.64
CA ILE A 395 13.50 -83.70 11.04
C ILE A 395 14.38 -83.84 9.80
N ALA A 396 13.84 -84.46 8.76
CA ALA A 396 14.55 -84.64 7.50
C ALA A 396 14.70 -83.33 6.75
N SER A 397 13.93 -82.32 7.15
CA SER A 397 13.91 -81.05 6.43
C SER A 397 14.95 -80.05 6.93
N ILE A 398 15.42 -80.23 8.16
CA ILE A 398 16.40 -79.31 8.74
C ILE A 398 17.81 -79.84 8.49
N ARG A 399 18.78 -78.94 8.49
CA ARG A 399 20.18 -79.33 8.48
C ARG A 399 20.50 -79.98 9.82
N GLU A 400 21.61 -80.71 9.88
CA GLU A 400 21.95 -81.54 11.04
C GLU A 400 21.86 -80.78 12.36
N ASN A 401 22.36 -79.54 12.37
CA ASN A 401 22.33 -78.72 13.59
C ASN A 401 21.11 -77.79 13.63
N GLY A 402 20.11 -78.08 12.82
CA GLY A 402 18.92 -77.25 12.76
C GLY A 402 18.05 -77.39 13.99
N PHE A 403 17.03 -76.54 14.10
CA PHE A 403 16.15 -76.54 15.26
C PHE A 403 14.71 -76.89 14.90
N LEU A 404 13.92 -77.20 15.92
CA LEU A 404 12.49 -77.36 15.76
C LEU A 404 11.75 -76.45 16.73
N ILE A 405 10.93 -75.55 16.21
CA ILE A 405 10.10 -74.70 17.05
C ILE A 405 8.71 -75.32 17.10
N LEU A 406 8.39 -75.96 18.22
CA LEU A 406 7.13 -76.69 18.34
C LEU A 406 6.25 -76.10 19.44
N GLU A 407 5.10 -75.56 19.05
CA GLU A 407 4.11 -75.12 20.02
C GLU A 407 3.21 -76.30 20.34
N GLU A 408 3.12 -76.65 21.62
CA GLU A 408 2.38 -77.82 22.04
C GLU A 408 1.45 -77.50 23.21
N THR A 409 0.48 -78.36 23.44
CA THR A 409 -0.34 -78.27 24.64
C THR A 409 0.43 -78.91 25.78
N LEU A 410 0.44 -78.25 26.93
CA LEU A 410 1.25 -78.68 28.06
C LEU A 410 0.94 -80.10 28.55
N PRO A 411 -0.35 -80.42 28.76
CA PRO A 411 -0.62 -81.77 29.25
C PRO A 411 -0.08 -82.86 28.32
N THR A 412 -0.33 -82.73 27.03
CA THR A 412 0.14 -83.71 26.05
C THR A 412 1.66 -83.75 25.97
N TYR A 413 2.27 -82.57 25.90
CA TYR A 413 3.72 -82.49 25.77
C TYR A 413 4.41 -83.22 26.92
N THR A 414 3.80 -83.18 28.09
CA THR A 414 4.38 -83.79 29.29
C THR A 414 4.28 -85.31 29.28
N LYS A 415 3.09 -85.83 28.99
CA LYS A 415 2.84 -87.27 29.14
C LYS A 415 3.44 -88.09 28.01
N THR A 416 3.55 -87.50 26.81
CA THR A 416 4.11 -88.23 25.67
C THR A 416 5.06 -87.38 24.83
N GLY A 417 4.96 -86.05 24.95
CA GLY A 417 5.71 -85.15 24.09
C GLY A 417 7.21 -85.27 24.19
N ARG A 418 7.73 -85.29 25.42
CA ARG A 418 9.17 -85.37 25.63
C ARG A 418 9.72 -86.71 25.19
N ALA A 419 8.99 -87.78 25.51
CA ALA A 419 9.41 -89.13 25.14
C ALA A 419 9.55 -89.24 23.62
N LEU A 420 8.62 -88.61 22.91
CA LEU A 420 8.63 -88.66 21.45
C LEU A 420 9.87 -87.96 20.90
N LEU A 421 10.25 -86.83 21.49
CA LEU A 421 11.46 -86.13 21.10
C LEU A 421 12.67 -86.98 21.45
N THR A 422 12.66 -87.58 22.63
CA THR A 422 13.73 -88.46 23.07
C THR A 422 13.80 -89.66 22.13
N LYS A 423 12.64 -90.19 21.78
CA LYS A 423 12.57 -91.35 20.90
C LYS A 423 13.25 -91.10 19.57
N PHE A 424 13.14 -89.89 19.06
CA PHE A 424 13.73 -89.54 17.77
C PHE A 424 15.09 -88.86 17.91
N GLY A 425 15.66 -88.94 19.10
CA GLY A 425 17.03 -88.48 19.31
C GLY A 425 17.19 -86.98 19.50
N PHE A 426 16.10 -86.30 19.78
CA PHE A 426 16.11 -84.86 19.96
C PHE A 426 16.05 -84.50 21.44
N VAL A 427 16.58 -83.34 21.78
CA VAL A 427 16.56 -82.86 23.16
C VAL A 427 15.86 -81.50 23.21
N ALA A 428 15.14 -81.24 24.29
CA ALA A 428 14.48 -79.95 24.44
C ALA A 428 15.50 -78.92 24.90
N VAL A 429 15.92 -78.06 23.98
CA VAL A 429 16.88 -77.03 24.27
C VAL A 429 16.25 -75.98 25.16
N GLN A 430 15.04 -75.55 24.81
CA GLN A 430 14.30 -74.59 25.63
C GLN A 430 12.85 -74.99 25.77
N GLU A 431 12.26 -74.60 26.90
CA GLU A 431 10.83 -74.76 27.12
C GLU A 431 10.25 -73.49 27.70
N GLN A 432 9.46 -72.79 26.90
CA GLN A 432 8.84 -71.54 27.32
C GLN A 432 7.33 -71.71 27.40
N SER A 433 6.78 -71.37 28.56
CA SER A 433 5.34 -71.47 28.78
C SER A 433 4.61 -70.46 27.90
N LEU A 434 3.43 -70.87 27.42
CA LEU A 434 2.54 -69.95 26.72
C LEU A 434 1.25 -69.92 27.51
N GLY A 435 1.34 -69.34 28.70
CA GLY A 435 0.27 -69.44 29.67
C GLY A 435 0.36 -70.83 30.28
N ALA A 436 -0.76 -71.36 30.70
CA ALA A 436 -0.82 -72.76 31.12
C ALA A 436 -1.49 -73.53 30.00
N THR A 437 -1.37 -74.84 30.02
CA THR A 437 -1.94 -75.70 28.98
C THR A 437 -1.21 -75.59 27.64
N ARG A 438 -0.22 -74.69 27.53
CA ARG A 438 0.55 -74.58 26.30
C ARG A 438 2.01 -74.21 26.58
N VAL A 439 2.89 -74.63 25.67
CA VAL A 439 4.32 -74.41 25.83
C VAL A 439 5.01 -74.31 24.47
N LEU A 440 6.02 -73.45 24.38
CA LEU A 440 6.84 -73.38 23.17
C LEU A 440 8.14 -74.14 23.41
N VAL A 441 8.40 -75.14 22.57
CA VAL A 441 9.55 -76.01 22.74
C VAL A 441 10.53 -75.82 21.59
N LEU A 442 11.78 -75.54 21.92
CA LEU A 442 12.85 -75.48 20.94
C LEU A 442 13.69 -76.76 21.05
N ALA A 443 13.71 -77.55 19.97
CA ALA A 443 14.37 -78.85 20.00
C ALA A 443 15.53 -78.90 19.02
N ARG A 444 16.47 -79.80 19.29
CA ARG A 444 17.71 -79.93 18.52
C ARG A 444 18.33 -81.30 18.78
N LYS A 445 19.04 -81.84 17.80
CA LYS A 445 19.80 -83.08 18.02
C LYS A 445 20.96 -82.79 18.97
N ALA A 446 21.15 -83.66 19.96
CA ALA A 446 22.24 -83.49 20.91
C ALA A 446 23.59 -83.86 20.29
N VAL A 447 24.68 -83.38 20.91
CA VAL A 447 26.02 -83.74 20.49
C VAL A 447 26.69 -84.52 21.61
N ASP A 448 27.63 -85.39 21.24
CA ASP A 448 28.34 -86.23 22.19
C ASP A 448 29.64 -85.58 22.62
N LEU A 449 29.71 -85.19 23.88
CA LEU A 449 30.89 -84.50 24.42
C LEU A 449 32.11 -85.42 24.46
N LYS A 450 31.84 -86.71 24.59
CA LYS A 450 32.87 -87.73 24.70
C LYS A 450 33.67 -87.95 23.41
N THR A 451 32.97 -88.06 22.29
CA THR A 451 33.63 -88.40 21.02
C THR A 451 34.36 -87.26 20.31
N ARG A 452 34.07 -86.01 20.64
CA ARG A 452 34.74 -84.90 19.99
C ARG A 452 35.84 -84.27 20.85
N LYS A 453 36.95 -83.92 20.21
CA LYS A 453 38.08 -83.32 20.91
C LYS A 453 37.74 -81.90 21.36
N SER A 454 38.23 -81.54 22.55
CA SER A 454 37.96 -80.22 23.11
C SER A 454 39.04 -79.78 24.08
N VAL A 455 39.20 -78.47 24.21
CA VAL A 455 40.14 -77.89 25.17
C VAL A 455 39.45 -76.70 25.83
N VAL A 456 39.91 -76.33 27.02
CA VAL A 456 39.25 -75.31 27.82
C VAL A 456 40.14 -74.08 28.01
N VAL A 457 39.53 -72.89 27.96
CA VAL A 457 40.24 -71.65 28.20
C VAL A 457 39.70 -70.99 29.47
N VAL A 458 40.61 -70.50 30.30
CA VAL A 458 40.26 -70.06 31.65
C VAL A 458 39.44 -68.77 31.66
N ALA A 459 39.80 -67.82 30.80
CA ALA A 459 39.07 -66.56 30.69
C ALA A 459 38.82 -65.91 32.05
N THR A 460 39.90 -65.63 32.77
CA THR A 460 39.82 -64.99 34.08
C THR A 460 40.58 -63.66 34.07
N GLU A 461 40.30 -62.82 35.06
CA GLU A 461 40.91 -61.49 35.12
C GLU A 461 42.30 -61.52 35.74
N GLN A 462 42.60 -62.59 36.47
CA GLN A 462 43.90 -62.73 37.11
C GLN A 462 44.98 -62.98 36.06
N ASN A 463 44.58 -63.55 34.93
CA ASN A 463 45.48 -63.73 33.81
C ASN A 463 45.13 -62.72 32.71
N PHE A 464 46.02 -61.75 32.52
CA PHE A 464 45.78 -60.64 31.60
C PHE A 464 45.85 -61.09 30.14
N ASN A 465 46.55 -62.20 29.89
CA ASN A 465 46.83 -62.65 28.54
C ASN A 465 45.88 -63.74 28.03
N TRP A 466 44.78 -63.95 28.73
CA TRP A 466 43.86 -65.04 28.38
C TRP A 466 43.28 -64.84 26.99
N VAL A 467 43.29 -63.61 26.49
CA VAL A 467 42.77 -63.30 25.17
C VAL A 467 43.64 -63.92 24.10
N ASP A 468 44.95 -63.87 24.30
CA ASP A 468 45.88 -64.48 23.35
C ASP A 468 45.79 -66.00 23.41
N ASP A 469 45.55 -66.53 24.60
CA ASP A 469 45.36 -67.97 24.78
C ASP A 469 44.17 -68.43 23.96
N LEU A 470 43.10 -67.64 23.96
CA LEU A 470 41.91 -67.96 23.20
C LEU A 470 42.19 -67.89 21.70
N LYS A 471 42.82 -66.80 21.27
CA LYS A 471 43.17 -66.62 19.87
C LYS A 471 44.05 -67.76 19.38
N ALA A 472 45.03 -68.13 20.19
CA ALA A 472 45.93 -69.23 19.84
C ALA A 472 45.14 -70.52 19.73
N ALA A 473 44.19 -70.70 20.64
CA ALA A 473 43.36 -71.90 20.66
C ALA A 473 42.43 -71.95 19.45
N LEU A 474 41.89 -70.80 19.08
CA LEU A 474 40.96 -70.73 17.95
C LEU A 474 41.65 -71.11 16.64
N ALA A 475 42.85 -70.59 16.43
CA ALA A 475 43.62 -70.93 15.23
C ALA A 475 43.99 -72.41 15.22
N THR A 476 44.44 -72.90 16.37
CA THR A 476 44.81 -74.30 16.51
C THR A 476 43.58 -75.20 16.40
N ALA A 477 42.45 -74.70 16.90
CA ALA A 477 41.21 -75.47 16.91
C ALA A 477 40.85 -75.97 15.52
N ALA A 478 40.93 -75.08 14.53
CA ALA A 478 40.61 -75.43 13.15
C ALA A 478 41.46 -76.62 12.68
N THR A 479 42.76 -76.49 12.84
CA THR A 479 43.69 -77.54 12.44
C THR A 479 43.43 -78.84 13.20
N GLU A 480 43.27 -78.74 14.51
CA GLU A 480 43.17 -79.92 15.37
C GLU A 480 41.75 -80.50 15.43
N GLU A 481 40.83 -79.94 14.65
CA GLU A 481 39.47 -80.46 14.58
C GLU A 481 38.83 -80.54 15.97
N GLN A 482 38.94 -79.47 16.74
CA GLN A 482 38.41 -79.46 18.10
C GLN A 482 37.56 -78.23 18.39
N TYR A 483 36.80 -78.29 19.48
CA TYR A 483 35.95 -77.19 19.92
C TYR A 483 36.55 -76.56 21.18
N VAL A 484 36.38 -75.25 21.32
CA VAL A 484 36.98 -74.53 22.44
C VAL A 484 35.90 -74.08 23.42
N TYR A 485 36.05 -74.45 24.69
CA TYR A 485 35.14 -74.03 25.73
C TYR A 485 35.75 -72.88 26.51
N VAL A 486 35.13 -71.72 26.42
CA VAL A 486 35.57 -70.55 27.16
C VAL A 486 34.80 -70.50 28.47
N VAL A 487 35.50 -70.71 29.58
CA VAL A 487 34.86 -70.79 30.89
C VAL A 487 35.12 -69.51 31.67
N CYS A 488 34.05 -68.84 32.09
CA CYS A 488 34.17 -67.61 32.86
C CYS A 488 33.34 -67.70 34.15
N GLN A 489 33.95 -68.26 35.20
CA GLN A 489 33.25 -68.49 36.45
C GLN A 489 33.57 -67.46 37.52
N GLY A 490 32.55 -66.77 38.01
CA GLY A 490 32.69 -65.82 39.10
C GLY A 490 33.68 -64.70 38.85
N GLU A 491 33.59 -64.10 37.67
CA GLU A 491 34.49 -63.01 37.29
C GLU A 491 33.76 -61.68 37.11
N GLU A 492 34.36 -60.63 37.64
CA GLU A 492 33.82 -59.27 37.50
C GLU A 492 34.35 -58.63 36.21
N LEU A 493 33.63 -57.61 35.76
CA LEU A 493 33.95 -56.90 34.52
C LEU A 493 33.95 -57.87 33.34
N PHE A 494 33.09 -58.88 33.41
CA PHE A 494 32.82 -59.71 32.25
C PHE A 494 31.33 -59.98 32.15
N GLY A 495 30.63 -59.09 31.45
CA GLY A 495 29.23 -59.29 31.15
C GLY A 495 29.11 -60.38 30.11
N ALA A 496 28.15 -61.28 30.29
CA ALA A 496 28.02 -62.45 29.42
C ALA A 496 27.75 -62.03 27.98
N VAL A 497 26.89 -61.03 27.79
CA VAL A 497 26.50 -60.59 26.45
C VAL A 497 27.69 -60.06 25.67
N GLY A 498 28.42 -59.13 26.28
CA GLY A 498 29.58 -58.54 25.63
C GLY A 498 30.66 -59.56 25.32
N LEU A 499 30.94 -60.41 26.29
CA LEU A 499 31.98 -61.43 26.14
C LEU A 499 31.64 -62.40 25.01
N MET A 500 30.35 -62.73 24.90
CA MET A 500 29.91 -63.65 23.84
C MET A 500 30.20 -63.04 22.48
N THR A 501 29.81 -61.78 22.30
CA THR A 501 30.02 -61.07 21.04
C THR A 501 31.51 -61.01 20.71
N CYS A 502 32.32 -60.79 21.74
CA CYS A 502 33.76 -60.69 21.57
C CYS A 502 34.34 -62.00 21.01
N ILE A 503 33.78 -63.13 21.46
CA ILE A 503 34.24 -64.44 21.02
C ILE A 503 33.76 -64.73 19.60
N LYS A 504 32.48 -64.48 19.35
CA LYS A 504 31.86 -64.76 18.06
C LYS A 504 32.64 -64.17 16.89
N ASN A 505 33.08 -62.93 17.04
CA ASN A 505 33.72 -62.19 15.95
C ASN A 505 35.18 -62.57 15.74
N GLU A 506 35.73 -63.39 16.62
CA GLU A 506 37.12 -63.82 16.46
C GLU A 506 37.23 -64.80 15.30
N ASN A 507 38.43 -64.87 14.71
CA ASN A 507 38.69 -65.80 13.61
C ASN A 507 38.65 -67.23 14.13
N GLY A 508 37.69 -68.02 13.63
CA GLY A 508 37.50 -69.37 14.12
C GLY A 508 36.61 -69.40 15.34
N GLY A 509 35.78 -68.37 15.47
CA GLY A 509 34.92 -68.21 16.61
C GLY A 509 33.76 -69.20 16.61
N LYS A 510 33.41 -69.71 15.43
CA LYS A 510 32.34 -70.68 15.30
C LYS A 510 32.62 -71.92 16.15
N LEU A 511 33.89 -72.14 16.48
CA LEU A 511 34.30 -73.32 17.24
C LEU A 511 34.26 -73.10 18.75
N ALA A 512 33.89 -71.90 19.19
CA ALA A 512 33.92 -71.58 20.62
C ALA A 512 32.57 -71.79 21.28
N ARG A 513 32.59 -72.13 22.58
CA ARG A 513 31.38 -72.31 23.37
C ARG A 513 31.55 -71.64 24.74
N LEU A 514 30.71 -70.66 25.02
CA LEU A 514 30.82 -69.89 26.26
C LEU A 514 30.08 -70.55 27.42
N VAL A 515 30.81 -70.80 28.50
CA VAL A 515 30.23 -71.34 29.72
C VAL A 515 30.36 -70.30 30.83
N PHE A 516 29.27 -69.57 31.05
CA PHE A 516 29.28 -68.44 31.99
C PHE A 516 28.56 -68.80 33.29
N VAL A 517 29.29 -68.75 34.40
CA VAL A 517 28.72 -69.11 35.70
C VAL A 517 28.89 -67.97 36.70
N GLN A 518 27.77 -67.36 37.08
CA GLN A 518 27.80 -66.23 37.99
C GLN A 518 28.29 -66.63 39.37
N ASP A 519 27.68 -67.66 39.95
CA ASP A 519 28.01 -68.09 41.30
C ASP A 519 29.38 -68.76 41.31
N ALA A 520 30.31 -68.25 42.10
CA ALA A 520 31.67 -68.79 42.11
C ALA A 520 31.73 -70.13 42.83
N LYS A 521 30.73 -70.43 43.64
CA LYS A 521 30.65 -71.72 44.32
C LYS A 521 29.77 -72.66 43.49
N ALA A 522 30.40 -73.48 42.67
CA ALA A 522 29.70 -74.42 41.81
C ALA A 522 30.68 -75.46 41.31
N GLU A 523 30.18 -76.61 40.87
CA GLU A 523 31.05 -77.67 40.40
C GLU A 523 31.95 -77.10 39.32
N LYS A 524 33.25 -77.43 39.40
CA LYS A 524 34.20 -76.92 38.42
C LYS A 524 33.72 -77.34 37.04
N PHE A 525 34.14 -76.61 36.02
CA PHE A 525 33.72 -76.97 34.67
C PHE A 525 34.19 -78.39 34.39
N SER A 526 33.31 -79.19 33.79
CA SER A 526 33.65 -80.56 33.45
C SER A 526 32.56 -81.14 32.56
N LEU A 527 32.98 -81.78 31.47
CA LEU A 527 32.05 -82.41 30.54
C LEU A 527 31.29 -83.55 31.23
N THR A 528 31.94 -84.16 32.22
CA THR A 528 31.38 -85.33 32.90
C THR A 528 30.34 -84.99 33.97
N SER A 529 30.47 -83.82 34.59
CA SER A 529 29.58 -83.41 35.67
C SER A 529 28.12 -83.42 35.23
N THR A 530 27.24 -83.96 36.09
CA THR A 530 25.83 -84.08 35.78
C THR A 530 25.18 -82.73 35.51
N LEU A 531 25.68 -81.71 36.18
CA LEU A 531 25.17 -80.35 36.02
C LEU A 531 25.42 -79.82 34.61
N TYR A 532 26.67 -79.93 34.18
CA TYR A 532 27.10 -79.39 32.89
C TYR A 532 26.77 -80.27 31.69
N ARG A 533 26.79 -81.60 31.89
CA ARG A 533 26.73 -82.54 30.77
C ARG A 533 25.47 -82.38 29.92
N GLN A 534 24.30 -82.46 30.54
CA GLN A 534 23.05 -82.35 29.79
C GLN A 534 22.96 -81.00 29.09
N GLN A 535 23.48 -79.97 29.72
CA GLN A 535 23.42 -78.63 29.15
C GLN A 535 24.34 -78.49 27.95
N LEU A 536 25.60 -78.91 28.12
CA LEU A 536 26.59 -78.73 27.08
C LEU A 536 26.34 -79.69 25.93
N GLU A 537 25.47 -80.67 26.16
CA GLU A 537 25.06 -81.60 25.10
C GLU A 537 24.13 -80.92 24.10
N LYS A 538 23.72 -79.69 24.41
CA LYS A 538 22.88 -78.91 23.50
C LYS A 538 23.74 -78.19 22.46
N ASP A 539 25.01 -77.98 22.81
CA ASP A 539 25.97 -77.37 21.91
C ASP A 539 25.58 -75.91 21.59
N LEU A 540 25.08 -75.21 22.60
CA LEU A 540 24.79 -73.78 22.49
C LEU A 540 26.07 -72.99 22.71
N ILE A 541 26.26 -71.92 21.95
CA ILE A 541 27.49 -71.15 22.07
C ILE A 541 27.45 -70.30 23.34
N SER A 542 26.24 -69.97 23.80
CA SER A 542 26.07 -69.17 25.01
C SER A 542 25.35 -69.97 26.11
N ASN A 543 26.04 -70.16 27.24
CA ASN A 543 25.50 -70.89 28.38
C ASN A 543 25.71 -70.10 29.66
N VAL A 544 24.62 -69.59 30.23
CA VAL A 544 24.69 -68.76 31.43
C VAL A 544 24.00 -69.45 32.61
N LEU A 545 24.74 -69.63 33.70
CA LEU A 545 24.16 -70.23 34.90
C LEU A 545 23.85 -69.17 35.94
N LYS A 546 22.57 -68.99 36.23
CA LYS A 546 22.12 -67.99 37.20
C LYS A 546 21.10 -68.60 38.16
N ASN A 547 21.50 -68.78 39.41
CA ASN A 547 20.65 -69.41 40.43
C ASN A 547 20.18 -70.78 39.99
N GLY A 548 21.14 -71.68 39.72
CA GLY A 548 20.83 -73.07 39.47
C GLY A 548 20.23 -73.37 38.12
N ALA A 549 19.93 -72.33 37.34
CA ALA A 549 19.28 -72.50 36.05
C ALA A 549 20.16 -72.02 34.90
N TRP A 550 20.30 -72.88 33.89
CA TRP A 550 20.99 -72.50 32.67
C TRP A 550 20.09 -71.63 31.81
N GLY A 551 20.69 -70.69 31.10
CA GLY A 551 19.93 -69.81 30.23
C GLY A 551 20.80 -68.91 29.37
N THR A 552 20.17 -67.91 28.78
CA THR A 552 20.86 -66.95 27.92
C THR A 552 20.36 -65.54 28.21
N PHE A 553 21.09 -64.55 27.71
CA PHE A 553 20.63 -63.17 27.77
C PHE A 553 19.99 -62.79 26.45
N ARG A 554 18.68 -62.53 26.48
CA ARG A 554 17.93 -62.21 25.28
C ARG A 554 17.38 -60.78 25.35
N HIS A 555 17.25 -60.14 24.20
CA HIS A 555 16.73 -58.77 24.14
C HIS A 555 15.28 -58.75 23.71
N LEU A 556 14.43 -58.14 24.53
CA LEU A 556 13.00 -58.10 24.29
C LEU A 556 12.53 -56.71 23.85
N LYS A 557 11.62 -56.69 22.87
CA LYS A 557 11.07 -55.46 22.34
C LYS A 557 10.17 -54.78 23.38
N LEU A 558 10.41 -53.50 23.64
CA LEU A 558 9.62 -52.76 24.62
C LEU A 558 8.30 -52.28 24.02
N GLU A 559 7.24 -52.30 24.83
CA GLU A 559 5.88 -51.99 24.37
C GLU A 559 5.56 -50.50 24.27
N THR A 560 6.26 -49.67 25.04
CA THR A 560 5.91 -48.26 25.13
C THR A 560 6.48 -47.35 24.04
N GLN A 561 5.89 -47.42 22.85
CA GLN A 561 6.19 -46.45 21.80
C GLN A 561 5.40 -45.17 22.08
N GLN A 562 4.19 -45.36 22.61
CA GLN A 562 3.30 -44.27 22.96
C GLN A 562 2.40 -44.67 24.13
N ALA A 563 3.03 -45.13 25.21
CA ALA A 563 2.32 -45.54 26.41
C ALA A 563 1.94 -44.33 27.24
N THR A 564 0.82 -44.44 27.95
CA THR A 564 0.27 -43.32 28.71
C THR A 564 0.14 -43.66 30.19
N LEU A 565 0.82 -42.88 31.03
CA LEU A 565 0.75 -43.04 32.48
C LEU A 565 -0.03 -41.89 33.10
N GLN A 566 -0.72 -42.17 34.20
CA GLN A 566 -1.49 -41.15 34.89
C GLN A 566 -0.57 -40.20 35.67
N VAL A 567 -0.37 -39.01 35.12
CA VAL A 567 0.48 -38.01 35.74
C VAL A 567 -0.36 -36.90 36.37
N GLU A 568 0.26 -36.12 37.25
CA GLU A 568 -0.44 -35.04 37.94
C GLU A 568 -0.46 -33.75 37.11
N HIS A 569 0.66 -33.45 36.46
CA HIS A 569 0.80 -32.24 35.66
C HIS A 569 1.19 -32.56 34.22
N ALA A 570 0.50 -31.93 33.28
CA ALA A 570 0.76 -32.15 31.87
C ALA A 570 0.33 -30.97 31.02
N TYR A 571 0.83 -30.93 29.79
CA TYR A 571 0.44 -29.92 28.83
C TYR A 571 0.20 -30.60 27.49
N VAL A 572 -0.43 -29.88 26.57
CA VAL A 572 -0.72 -30.42 25.24
C VAL A 572 0.38 -29.98 24.29
N ASN A 573 0.79 -30.88 23.42
CA ASN A 573 1.82 -30.57 22.44
C ASN A 573 1.51 -31.23 21.10
N ALA A 574 1.82 -30.51 20.02
CA ALA A 574 1.73 -31.06 18.68
C ALA A 574 3.10 -31.59 18.28
N LEU A 575 3.27 -32.91 18.30
CA LEU A 575 4.57 -33.53 18.06
C LEU A 575 5.06 -33.30 16.62
N VAL A 576 4.18 -33.54 15.65
CA VAL A 576 4.48 -33.25 14.25
C VAL A 576 3.41 -32.30 13.74
N LYS A 577 3.84 -31.14 13.28
CA LYS A 577 2.94 -30.06 12.89
C LYS A 577 1.92 -30.43 11.81
N GLY A 578 2.36 -31.16 10.79
CA GLY A 578 1.46 -31.49 9.69
C GLY A 578 0.20 -32.24 10.11
N ASP A 579 0.36 -33.19 11.02
CA ASP A 579 -0.75 -34.04 11.45
C ASP A 579 -1.30 -33.61 12.82
N LEU A 580 -2.60 -33.31 12.87
CA LEU A 580 -3.24 -32.87 14.11
C LEU A 580 -3.52 -34.05 15.05
N ALA A 581 -3.39 -35.27 14.52
CA ALA A 581 -3.52 -36.46 15.33
C ALA A 581 -2.37 -36.53 16.35
N SER A 582 -1.34 -35.74 16.09
CA SER A 582 -0.15 -35.71 16.93
C SER A 582 -0.39 -34.96 18.24
N LEU A 583 -1.52 -34.27 18.34
CA LEU A 583 -1.86 -33.55 19.57
C LEU A 583 -2.06 -34.52 20.72
N LYS A 584 -1.17 -34.45 21.71
CA LYS A 584 -1.25 -35.35 22.85
C LYS A 584 -0.81 -34.64 24.14
N TRP A 585 -1.29 -35.12 25.28
CA TRP A 585 -0.88 -34.60 26.57
C TRP A 585 0.52 -35.11 26.91
N ILE A 586 1.36 -34.22 27.42
CA ILE A 586 2.72 -34.58 27.79
C ILE A 586 2.94 -34.24 29.25
N GLU A 587 3.64 -35.11 29.97
CA GLU A 587 3.94 -34.84 31.36
C GLU A 587 4.82 -33.61 31.44
N ALA A 588 4.55 -32.75 32.43
CA ALA A 588 5.29 -31.50 32.55
C ALA A 588 6.31 -31.61 33.67
N ALA A 589 7.32 -30.75 33.62
CA ALA A 589 8.31 -30.71 34.68
C ALA A 589 7.68 -30.05 35.90
N GLN A 590 8.16 -30.39 37.09
CA GLN A 590 7.66 -29.77 38.30
C GLN A 590 8.19 -28.34 38.40
N ALA A 591 7.68 -27.59 39.37
CA ALA A 591 8.17 -26.25 39.61
C ALA A 591 9.17 -26.27 40.76
N ASP A 592 10.14 -25.36 40.72
CA ASP A 592 11.18 -25.29 41.74
C ASP A 592 10.58 -25.00 43.11
N ASP A 598 6.07 -16.35 42.67
CA ASP A 598 7.16 -15.38 42.76
C ASP A 598 6.81 -14.10 41.99
N LYS A 599 7.43 -12.99 42.39
CA LYS A 599 7.26 -11.72 41.68
C LYS A 599 5.78 -11.32 41.66
N ASN A 600 5.27 -11.03 40.46
CA ASN A 600 3.86 -10.71 40.28
C ASN A 600 3.22 -11.83 39.48
N LEU A 601 3.44 -13.07 39.92
CA LEU A 601 2.94 -14.25 39.22
C LEU A 601 2.07 -15.10 40.15
N GLU A 602 1.23 -15.93 39.55
CA GLU A 602 0.33 -16.80 40.31
C GLU A 602 0.10 -18.11 39.58
N THR A 603 0.40 -19.22 40.26
CA THR A 603 0.17 -20.54 39.70
C THR A 603 -1.29 -20.91 39.91
N CYS A 604 -2.00 -21.10 38.81
CA CYS A 604 -3.43 -21.39 38.85
C CYS A 604 -3.73 -22.81 38.40
N THR A 605 -4.87 -23.33 38.83
CA THR A 605 -5.35 -24.63 38.37
C THR A 605 -6.30 -24.42 37.21
N VAL A 606 -6.00 -25.05 36.07
CA VAL A 606 -6.77 -24.82 34.86
C VAL A 606 -7.99 -25.73 34.83
N TYR A 607 -9.14 -25.13 34.54
CA TYR A 607 -10.39 -25.87 34.38
C TYR A 607 -10.84 -25.84 32.94
N TYR A 608 -10.82 -24.65 32.35
CA TYR A 608 -11.23 -24.46 30.97
C TYR A 608 -10.17 -23.70 30.18
N ALA A 609 -9.74 -24.28 29.07
CA ALA A 609 -8.73 -23.65 28.21
C ALA A 609 -9.28 -23.57 26.79
N PRO A 610 -9.60 -22.35 26.32
CA PRO A 610 -10.05 -22.20 24.94
C PRO A 610 -8.93 -22.30 23.90
N ILE A 611 -9.29 -22.76 22.71
CA ILE A 611 -8.37 -22.71 21.59
C ILE A 611 -8.63 -21.44 20.79
N ASN A 612 -7.55 -20.77 20.38
CA ASN A 612 -7.66 -19.61 19.52
C ASN A 612 -6.98 -19.92 18.19
N PHE A 613 -7.23 -19.10 17.18
CA PHE A 613 -6.69 -19.35 15.85
C PHE A 613 -5.16 -19.47 15.88
N ARG A 614 -4.52 -18.73 16.78
CA ARG A 614 -3.07 -18.77 16.88
C ARG A 614 -2.59 -20.18 17.21
N ASP A 615 -3.34 -20.89 18.03
CA ASP A 615 -3.01 -22.27 18.37
C ASP A 615 -3.15 -23.16 17.14
N VAL A 616 -4.22 -22.94 16.38
CA VAL A 616 -4.47 -23.71 15.18
C VAL A 616 -3.38 -23.44 14.15
N MET A 617 -3.08 -22.16 13.95
CA MET A 617 -2.10 -21.75 12.94
C MET A 617 -0.73 -22.33 13.27
N LEU A 618 -0.35 -22.29 14.54
CA LEU A 618 0.92 -22.83 14.97
C LEU A 618 0.98 -24.34 14.74
N THR A 619 -0.07 -25.03 15.16
CA THR A 619 -0.11 -26.49 15.03
C THR A 619 -0.09 -26.91 13.56
N SER A 620 -0.87 -26.21 12.73
CA SER A 620 -0.96 -26.55 11.32
C SER A 620 0.33 -26.22 10.56
N GLY A 621 1.05 -25.21 11.04
CA GLY A 621 2.31 -24.80 10.43
C GLY A 621 2.17 -23.60 9.52
N LYS A 622 0.94 -23.09 9.36
CA LYS A 622 0.71 -21.91 8.56
C LYS A 622 1.45 -20.73 9.18
N LEU A 623 1.59 -20.76 10.51
CA LEU A 623 2.36 -19.75 11.23
C LEU A 623 3.67 -20.37 11.72
N ALA A 624 4.78 -19.66 11.51
CA ALA A 624 6.08 -20.16 11.93
C ALA A 624 6.25 -19.94 13.43
N ALA A 625 7.32 -20.47 14.00
CA ALA A 625 7.57 -20.31 15.43
C ALA A 625 8.28 -19.00 15.77
N ASP A 626 9.04 -18.45 14.82
CA ASP A 626 9.77 -17.20 15.08
C ASP A 626 8.80 -16.06 15.40
N ALA A 627 7.58 -16.15 14.87
CA ALA A 627 6.57 -15.13 15.09
C ALA A 627 6.13 -15.09 16.55
N LEU A 628 6.21 -16.24 17.21
CA LEU A 628 5.76 -16.36 18.60
C LEU A 628 6.49 -15.35 19.49
N PRO A 629 5.74 -14.63 20.33
CA PRO A 629 6.38 -13.60 21.16
C PRO A 629 7.46 -14.16 22.09
N GLY A 630 8.52 -13.37 22.27
CA GLY A 630 9.66 -13.76 23.09
C GLY A 630 10.36 -15.05 22.67
N ASP A 631 10.72 -15.85 23.65
CA ASP A 631 11.53 -17.05 23.42
C ASP A 631 10.68 -18.32 23.32
N LEU A 632 9.45 -18.20 22.83
CA LEU A 632 8.55 -19.34 22.77
C LEU A 632 8.99 -20.33 21.69
N ALA A 633 9.66 -19.82 20.66
CA ALA A 633 10.17 -20.69 19.59
C ALA A 633 11.07 -21.78 20.16
N GLU A 634 11.74 -21.47 21.27
CA GLU A 634 12.57 -22.45 21.95
C GLU A 634 11.75 -23.44 22.78
N GLN A 635 10.65 -22.97 23.34
CA GLN A 635 9.87 -23.74 24.30
C GLN A 635 9.07 -24.87 23.65
N ASP A 636 8.73 -25.87 24.45
CA ASP A 636 7.91 -27.00 24.01
C ASP A 636 6.44 -26.73 24.29
N CYS A 637 6.16 -26.21 25.48
CA CYS A 637 4.80 -25.89 25.91
C CYS A 637 4.44 -24.46 25.51
N VAL A 638 3.70 -24.31 24.41
CA VAL A 638 3.38 -22.98 23.88
C VAL A 638 1.88 -22.77 23.64
N LEU A 639 1.12 -23.85 23.59
CA LEU A 639 -0.31 -23.74 23.31
C LEU A 639 -1.06 -23.18 24.52
N GLY A 640 -2.17 -22.50 24.26
CA GLY A 640 -2.99 -21.97 25.34
C GLY A 640 -2.76 -20.49 25.59
N LEU A 641 -3.72 -19.67 25.20
CA LEU A 641 -3.57 -18.22 25.32
C LEU A 641 -4.36 -17.66 26.50
N GLU A 642 -5.37 -18.40 26.94
CA GLU A 642 -6.23 -17.96 28.04
C GLU A 642 -6.84 -19.16 28.75
N PHE A 643 -7.44 -18.92 29.91
CA PHE A 643 -8.08 -19.99 30.67
C PHE A 643 -8.98 -19.45 31.77
N ALA A 644 -9.92 -20.30 32.20
CA ALA A 644 -10.68 -20.05 33.41
C ALA A 644 -10.35 -21.18 34.39
N GLY A 645 -10.11 -20.83 35.64
CA GLY A 645 -9.72 -21.80 36.64
C GLY A 645 -9.75 -21.28 38.06
N ARG A 646 -8.89 -21.85 38.90
CA ARG A 646 -8.85 -21.48 40.32
C ARG A 646 -7.50 -20.90 40.72
N ASP A 647 -7.54 -19.96 41.65
CA ASP A 647 -6.35 -19.29 42.15
C ASP A 647 -5.60 -20.22 43.10
N THR A 648 -4.39 -19.82 43.51
CA THR A 648 -3.65 -20.53 44.54
C THR A 648 -4.49 -20.68 45.82
N GLN A 649 -5.42 -19.75 46.01
CA GLN A 649 -6.27 -19.75 47.20
C GLN A 649 -7.71 -20.14 46.84
N GLY A 650 -7.85 -20.87 45.74
CA GLY A 650 -9.12 -21.47 45.35
C GLY A 650 -10.17 -20.48 44.84
N ARG A 651 -9.74 -19.25 44.57
CA ARG A 651 -10.63 -18.24 44.03
C ARG A 651 -10.97 -18.53 42.56
N ARG A 652 -12.19 -18.20 42.16
CA ARG A 652 -12.61 -18.38 40.78
C ARG A 652 -12.06 -17.25 39.91
N VAL A 653 -11.23 -17.61 38.94
CA VAL A 653 -10.47 -16.63 38.17
C VAL A 653 -10.46 -16.97 36.69
N MET A 654 -10.40 -15.92 35.87
CA MET A 654 -10.18 -16.05 34.43
C MET A 654 -8.96 -15.20 34.08
N ALA A 655 -8.13 -15.69 33.16
CA ALA A 655 -6.88 -15.01 32.87
C ALA A 655 -6.51 -15.02 31.39
N MET A 656 -5.50 -14.22 31.07
CA MET A 656 -4.95 -14.14 29.72
C MET A 656 -3.43 -14.22 29.81
N VAL A 657 -2.84 -15.07 28.97
CA VAL A 657 -1.41 -15.31 29.01
C VAL A 657 -0.84 -15.41 27.59
N PRO A 658 0.48 -15.23 27.45
CA PRO A 658 1.10 -15.36 26.12
C PRO A 658 1.11 -16.80 25.62
N ALA A 659 1.21 -17.76 26.54
CA ALA A 659 1.21 -19.16 26.18
C ALA A 659 1.01 -20.02 27.43
N LYS A 660 0.90 -21.33 27.20
CA LYS A 660 1.01 -22.34 28.25
C LYS A 660 -0.26 -22.49 29.10
N SER A 661 -1.41 -22.04 28.60
CA SER A 661 -2.64 -22.16 29.35
C SER A 661 -3.32 -23.50 29.09
N LEU A 662 -2.90 -24.18 28.03
CA LEU A 662 -3.51 -25.45 27.67
C LEU A 662 -2.76 -26.55 28.43
N ALA A 663 -2.88 -26.48 29.75
CA ALA A 663 -2.20 -27.40 30.64
C ALA A 663 -3.01 -27.55 31.92
N THR A 664 -2.65 -28.51 32.75
CA THR A 664 -3.37 -28.74 34.01
C THR A 664 -3.15 -27.57 34.96
N THR A 665 -2.03 -26.88 34.81
CA THR A 665 -1.72 -25.71 35.63
C THR A 665 -1.03 -24.65 34.77
N CYS A 666 -1.22 -23.39 35.14
CA CYS A 666 -0.62 -22.28 34.41
C CYS A 666 -0.22 -21.16 35.36
N VAL A 667 0.92 -20.52 35.08
CA VAL A 667 1.36 -19.36 35.82
C VAL A 667 0.86 -18.10 35.12
N ALA A 668 -0.04 -17.37 35.77
CA ALA A 668 -0.65 -16.18 35.18
C ALA A 668 -0.18 -14.91 35.88
N SER A 669 -0.17 -13.80 35.13
CA SER A 669 0.20 -12.50 35.68
C SER A 669 -1.01 -11.80 36.30
N LYS A 670 -0.85 -11.30 37.52
CA LYS A 670 -1.97 -10.70 38.24
C LYS A 670 -2.54 -9.51 37.47
N ARG A 671 -1.67 -8.78 36.79
CA ARG A 671 -2.11 -7.62 36.01
C ARG A 671 -3.15 -8.06 34.98
N MET A 672 -2.95 -9.23 34.40
CA MET A 672 -3.88 -9.74 33.40
C MET A 672 -4.73 -10.88 33.96
N MET A 673 -5.51 -10.57 35.00
CA MET A 673 -6.47 -11.52 35.56
C MET A 673 -7.73 -10.81 36.04
N TRP A 674 -8.87 -11.48 35.86
CA TRP A 674 -10.14 -10.99 36.36
C TRP A 674 -10.73 -12.05 37.28
N GLN A 675 -11.38 -11.63 38.36
CA GLN A 675 -12.07 -12.57 39.22
C GLN A 675 -13.46 -12.84 38.63
N ILE A 676 -13.75 -14.10 38.37
CA ILE A 676 -14.99 -14.47 37.71
C ILE A 676 -16.18 -13.97 38.54
N PRO A 677 -17.15 -13.31 37.89
CA PRO A 677 -18.35 -12.87 38.59
C PRO A 677 -19.33 -14.01 38.86
N GLU A 678 -20.34 -13.75 39.67
CA GLU A 678 -21.38 -14.75 39.94
C GLU A 678 -22.27 -14.85 38.70
N LYS A 679 -22.98 -15.97 38.58
CA LYS A 679 -23.84 -16.23 37.42
C LYS A 679 -23.02 -16.39 36.14
N TRP A 680 -21.72 -16.59 36.29
CA TRP A 680 -20.87 -17.01 35.18
C TRP A 680 -20.26 -18.36 35.50
N THR A 681 -20.45 -19.32 34.60
CA THR A 681 -19.80 -20.61 34.73
C THR A 681 -18.36 -20.41 34.28
N MET A 682 -17.44 -21.22 34.80
CA MET A 682 -16.06 -21.17 34.33
C MET A 682 -16.04 -21.35 32.82
N GLU A 683 -16.92 -22.22 32.32
CA GLU A 683 -17.08 -22.44 30.90
C GLU A 683 -17.32 -21.12 30.18
N GLU A 684 -18.26 -20.34 30.71
CA GLU A 684 -18.60 -19.04 30.15
C GLU A 684 -17.43 -18.06 30.25
N ALA A 685 -16.87 -17.94 31.45
CA ALA A 685 -15.84 -16.95 31.72
C ALA A 685 -14.63 -17.13 30.82
N SER A 686 -14.27 -18.39 30.53
CA SER A 686 -13.09 -18.71 29.75
C SER A 686 -13.10 -18.03 28.37
N THR A 687 -14.29 -17.66 27.90
CA THR A 687 -14.44 -17.09 26.56
C THR A 687 -14.08 -15.61 26.48
N VAL A 688 -13.97 -14.95 27.64
CA VAL A 688 -13.91 -13.49 27.68
C VAL A 688 -12.53 -12.88 27.46
N PRO A 689 -11.50 -13.34 28.21
CA PRO A 689 -10.20 -12.65 28.27
C PRO A 689 -9.63 -12.15 26.93
N CYS A 690 -9.41 -13.06 25.99
CA CYS A 690 -8.69 -12.72 24.76
C CYS A 690 -9.50 -11.84 23.81
N VAL A 691 -10.67 -12.32 23.41
CA VAL A 691 -11.46 -11.63 22.40
C VAL A 691 -11.83 -10.23 22.86
N TYR A 692 -12.10 -10.06 24.15
CA TYR A 692 -12.51 -8.75 24.66
C TYR A 692 -11.33 -7.84 24.92
N SER A 693 -10.22 -8.40 25.39
CA SER A 693 -8.99 -7.64 25.52
C SER A 693 -8.58 -7.11 24.14
N THR A 694 -8.80 -7.92 23.12
CA THR A 694 -8.51 -7.55 21.75
C THR A 694 -9.44 -6.43 21.30
N VAL A 695 -10.74 -6.61 21.53
CA VAL A 695 -11.74 -5.66 21.09
C VAL A 695 -11.49 -4.29 21.70
N TYR A 696 -11.15 -4.27 22.99
CA TYR A 696 -10.98 -3.03 23.70
C TYR A 696 -9.67 -2.34 23.34
N TYR A 697 -8.62 -3.12 23.10
CA TYR A 697 -7.34 -2.53 22.74
C TYR A 697 -7.40 -1.95 21.33
N ALA A 698 -8.27 -2.50 20.50
CA ALA A 698 -8.40 -2.08 19.11
C ALA A 698 -9.38 -0.92 18.96
N LEU A 699 -10.59 -1.10 19.48
CA LEU A 699 -11.67 -0.14 19.26
C LEU A 699 -11.58 1.09 20.17
N VAL A 700 -11.18 0.90 21.42
CA VAL A 700 -11.20 1.99 22.40
C VAL A 700 -9.84 2.67 22.52
N VAL A 701 -8.79 1.89 22.70
CA VAL A 701 -7.46 2.45 22.91
C VAL A 701 -6.93 3.01 21.60
N ARG A 702 -6.68 2.12 20.64
CA ARG A 702 -6.10 2.52 19.37
C ARG A 702 -7.08 3.34 18.52
N GLY A 703 -8.27 2.80 18.29
CA GLY A 703 -9.25 3.42 17.42
C GLY A 703 -10.00 4.60 18.03
N GLN A 704 -10.10 4.62 19.35
CA GLN A 704 -10.83 5.68 20.05
C GLN A 704 -12.20 5.90 19.44
N MET A 705 -13.03 4.87 19.48
CA MET A 705 -14.34 4.93 18.86
C MET A 705 -15.28 5.80 19.69
N LYS A 706 -16.13 6.57 19.01
CA LYS A 706 -17.06 7.47 19.67
C LYS A 706 -18.50 7.11 19.34
N LYS A 707 -19.41 7.44 20.25
CA LYS A 707 -20.83 7.16 20.07
C LYS A 707 -21.36 7.81 18.79
N GLY A 708 -22.26 7.12 18.10
CA GLY A 708 -22.86 7.65 16.90
C GLY A 708 -22.08 7.38 15.63
N GLU A 709 -20.84 6.93 15.79
CA GLU A 709 -20.00 6.61 14.63
C GLU A 709 -20.44 5.30 13.98
N LYS A 710 -19.96 5.09 12.76
CA LYS A 710 -20.25 3.86 12.02
C LYS A 710 -19.02 2.96 12.00
N ILE A 711 -19.19 1.69 12.35
CA ILE A 711 -18.07 0.75 12.34
C ILE A 711 -18.41 -0.51 11.55
N LEU A 712 -17.44 -0.96 10.76
CA LEU A 712 -17.58 -2.20 9.99
C LEU A 712 -16.83 -3.32 10.70
N ILE A 713 -17.57 -4.25 11.29
CA ILE A 713 -16.98 -5.39 11.97
C ILE A 713 -17.07 -6.62 11.08
N HIS A 714 -15.95 -7.01 10.48
CA HIS A 714 -15.92 -8.22 9.68
C HIS A 714 -15.96 -9.45 10.56
N ALA A 715 -16.38 -10.58 9.99
CA ALA A 715 -16.49 -11.84 10.72
C ALA A 715 -17.35 -11.66 11.97
N GLY A 716 -18.57 -11.17 11.76
CA GLY A 716 -19.46 -10.86 12.86
C GLY A 716 -19.67 -11.99 13.85
N SER A 717 -20.00 -13.17 13.34
CA SER A 717 -20.33 -14.31 14.20
C SER A 717 -19.09 -15.11 14.58
N GLY A 718 -17.96 -14.42 14.71
CA GLY A 718 -16.73 -15.03 15.18
C GLY A 718 -16.44 -14.60 16.59
N GLY A 719 -15.39 -15.16 17.18
CA GLY A 719 -15.00 -14.82 18.54
C GLY A 719 -14.80 -13.32 18.73
N VAL A 720 -13.94 -12.75 17.90
CA VAL A 720 -13.61 -11.33 17.99
C VAL A 720 -14.78 -10.49 17.52
N GLY A 721 -15.47 -10.95 16.47
CA GLY A 721 -16.62 -10.25 15.94
C GLY A 721 -17.74 -10.06 16.96
N GLN A 722 -18.17 -11.17 17.54
CA GLN A 722 -19.22 -11.15 18.56
C GLN A 722 -18.87 -10.20 19.69
N ALA A 723 -17.63 -10.27 20.15
CA ALA A 723 -17.18 -9.40 21.23
C ALA A 723 -17.17 -7.95 20.75
N ALA A 724 -16.76 -7.75 19.51
CA ALA A 724 -16.70 -6.41 18.93
C ALA A 724 -18.09 -5.80 18.78
N ILE A 725 -19.02 -6.59 18.24
CA ILE A 725 -20.39 -6.11 18.02
C ILE A 725 -21.03 -5.72 19.34
N SER A 726 -20.83 -6.54 20.36
CA SER A 726 -21.42 -6.30 21.67
C SER A 726 -20.94 -4.98 22.26
N VAL A 727 -19.63 -4.78 22.28
CA VAL A 727 -19.05 -3.56 22.86
C VAL A 727 -19.45 -2.35 22.03
N ALA A 728 -19.33 -2.46 20.71
CA ALA A 728 -19.65 -1.36 19.81
C ALA A 728 -21.10 -0.90 20.02
N LEU A 729 -22.04 -1.84 19.91
CA LEU A 729 -23.45 -1.52 20.10
C LEU A 729 -23.68 -0.92 21.48
N ALA A 730 -22.88 -1.36 22.46
CA ALA A 730 -22.99 -0.86 23.82
C ALA A 730 -22.57 0.61 23.89
N HIS A 731 -21.55 0.97 23.11
CA HIS A 731 -21.06 2.34 23.09
C HIS A 731 -21.94 3.23 22.20
N GLY A 732 -22.83 2.61 21.43
CA GLY A 732 -23.82 3.35 20.66
C GLY A 732 -23.48 3.59 19.20
N LEU A 733 -22.52 2.85 18.68
CA LEU A 733 -22.15 2.99 17.27
C LEU A 733 -23.14 2.28 16.35
N THR A 734 -23.23 2.76 15.12
CA THR A 734 -23.93 2.04 14.07
C THR A 734 -23.01 0.94 13.54
N VAL A 735 -23.50 -0.28 13.51
CA VAL A 735 -22.68 -1.43 13.18
C VAL A 735 -23.04 -2.04 11.83
N PHE A 736 -22.01 -2.25 11.00
CA PHE A 736 -22.12 -3.07 9.81
C PHE A 736 -21.30 -4.34 10.04
N THR A 737 -21.77 -5.47 9.52
CA THR A 737 -21.02 -6.71 9.67
C THR A 737 -21.12 -7.61 8.45
N THR A 738 -20.36 -8.69 8.47
CA THR A 738 -20.40 -9.71 7.43
C THR A 738 -20.41 -11.10 8.07
N VAL A 739 -20.94 -12.08 7.34
CA VAL A 739 -21.06 -13.44 7.85
C VAL A 739 -20.71 -14.46 6.76
N GLY A 740 -20.27 -15.64 7.20
CA GLY A 740 -19.86 -16.69 6.29
C GLY A 740 -20.98 -17.53 5.71
N SER A 741 -22.16 -17.48 6.31
CA SER A 741 -23.26 -18.34 5.86
C SER A 741 -24.63 -17.91 6.37
N LYS A 742 -25.66 -18.61 5.89
CA LYS A 742 -27.04 -18.33 6.28
C LYS A 742 -27.23 -18.50 7.78
N GLU A 743 -26.72 -19.60 8.32
CA GLU A 743 -26.90 -19.91 9.74
C GLU A 743 -26.21 -18.87 10.60
N LYS A 744 -25.05 -18.41 10.16
CA LYS A 744 -24.29 -17.39 10.88
C LYS A 744 -25.04 -16.06 10.85
N ARG A 745 -25.70 -15.78 9.73
CA ARG A 745 -26.55 -14.59 9.61
C ARG A 745 -27.69 -14.66 10.64
N GLU A 746 -28.39 -15.78 10.66
CA GLU A 746 -29.52 -15.97 11.56
C GLU A 746 -29.14 -15.80 13.02
N PHE A 747 -27.97 -16.32 13.40
CA PHE A 747 -27.50 -16.27 14.77
C PHE A 747 -27.31 -14.84 15.28
N LEU A 748 -26.63 -14.01 14.48
CA LEU A 748 -26.38 -12.62 14.86
C LEU A 748 -27.67 -11.84 15.02
N LEU A 749 -28.53 -11.91 14.02
CA LEU A 749 -29.79 -11.18 14.01
C LEU A 749 -30.55 -11.39 15.32
N LYS A 750 -30.68 -12.64 15.73
CA LYS A 750 -31.48 -13.01 16.89
C LYS A 750 -30.80 -12.66 18.22
N ARG A 751 -29.47 -12.59 18.20
CA ARG A 751 -28.70 -12.45 19.43
C ARG A 751 -28.50 -11.00 19.90
N PHE A 752 -28.55 -10.04 18.98
CA PHE A 752 -28.16 -8.66 19.32
C PHE A 752 -29.26 -7.59 19.28
N PRO A 753 -29.07 -6.48 20.03
CA PRO A 753 -29.93 -5.30 20.13
C PRO A 753 -29.84 -4.32 18.95
N LYS A 754 -30.86 -4.29 18.11
CA LYS A 754 -30.90 -3.36 16.97
C LYS A 754 -29.77 -3.60 15.99
N LEU A 755 -29.61 -4.84 15.54
CA LEU A 755 -28.79 -5.13 14.37
C LEU A 755 -29.65 -5.18 13.11
N GLN A 756 -29.39 -4.29 12.16
CA GLN A 756 -30.22 -4.21 10.96
C GLN A 756 -29.80 -5.22 9.91
N GLU A 757 -30.77 -5.94 9.35
CA GLU A 757 -30.50 -6.89 8.27
C GLU A 757 -29.81 -6.19 7.11
N ARG A 758 -30.19 -4.92 6.90
CA ARG A 758 -29.58 -4.07 5.88
C ARG A 758 -28.08 -3.96 6.07
N ASN A 759 -27.62 -4.17 7.30
CA ASN A 759 -26.22 -3.94 7.67
C ASN A 759 -25.40 -5.23 7.73
N ILE A 760 -25.95 -6.35 7.28
CA ILE A 760 -25.22 -7.62 7.27
C ILE A 760 -24.85 -8.02 5.85
N GLY A 761 -23.56 -7.96 5.54
CA GLY A 761 -23.07 -8.33 4.23
C GLY A 761 -22.52 -9.75 4.22
N ASN A 762 -21.88 -10.11 3.10
CA ASN A 762 -21.33 -11.45 2.95
C ASN A 762 -19.81 -11.39 3.00
N SER A 763 -19.22 -12.24 3.83
CA SER A 763 -17.77 -12.24 4.02
C SER A 763 -17.04 -13.12 3.00
N ARG A 764 -17.79 -13.95 2.29
CA ARG A 764 -17.19 -14.84 1.30
C ARG A 764 -16.68 -14.07 0.09
N ASP A 765 -17.25 -12.89 -0.16
CA ASP A 765 -16.89 -12.11 -1.34
C ASP A 765 -16.68 -10.64 -0.98
N THR A 766 -16.61 -9.78 -1.99
CA THR A 766 -16.40 -8.35 -1.81
C THR A 766 -17.70 -7.55 -1.87
N SER A 767 -18.84 -8.25 -1.95
CA SER A 767 -20.14 -7.60 -2.12
C SER A 767 -20.42 -6.57 -1.03
N PHE A 768 -19.85 -6.78 0.16
CA PHE A 768 -20.11 -5.91 1.29
C PHE A 768 -19.69 -4.47 1.03
N GLU A 769 -18.77 -4.27 0.09
CA GLU A 769 -18.32 -2.94 -0.28
C GLU A 769 -19.49 -2.12 -0.82
N GLN A 770 -20.21 -2.69 -1.78
CA GLN A 770 -21.36 -2.01 -2.38
C GLN A 770 -22.42 -1.75 -1.32
N LEU A 771 -22.65 -2.76 -0.47
CA LEU A 771 -23.67 -2.66 0.56
C LEU A 771 -23.40 -1.49 1.50
N VAL A 772 -22.17 -1.38 1.97
CA VAL A 772 -21.81 -0.35 2.94
C VAL A 772 -21.88 1.03 2.31
N LEU A 773 -21.31 1.16 1.12
CA LEU A 773 -21.31 2.44 0.42
C LEU A 773 -22.76 2.86 0.11
N ARG A 774 -23.61 1.88 -0.18
CA ARG A 774 -25.02 2.17 -0.46
C ARG A 774 -25.74 2.67 0.79
N GLU A 775 -25.49 2.01 1.92
CA GLU A 775 -26.18 2.33 3.16
C GLU A 775 -25.61 3.59 3.79
N THR A 776 -24.39 3.94 3.42
CA THR A 776 -23.76 5.16 3.90
C THR A 776 -23.80 6.24 2.84
N LYS A 777 -24.48 5.97 1.73
CA LYS A 777 -24.61 6.93 0.64
C LYS A 777 -23.25 7.46 0.21
N GLY A 778 -22.26 6.57 0.16
CA GLY A 778 -20.93 6.92 -0.31
C GLY A 778 -20.04 7.51 0.78
N ARG A 779 -20.62 7.79 1.93
CA ARG A 779 -19.87 8.39 3.04
C ARG A 779 -18.84 7.42 3.62
N GLY A 780 -19.24 6.16 3.77
CA GLY A 780 -18.38 5.16 4.37
C GLY A 780 -18.55 5.05 5.87
N VAL A 781 -17.60 4.41 6.54
CA VAL A 781 -17.65 4.25 7.98
C VAL A 781 -16.43 4.89 8.63
N ASP A 782 -16.50 5.09 9.94
CA ASP A 782 -15.43 5.74 10.70
C ASP A 782 -14.34 4.77 11.16
N LEU A 783 -14.71 3.51 11.35
CA LEU A 783 -13.75 2.49 11.74
C LEU A 783 -14.02 1.19 11.01
N VAL A 784 -12.93 0.45 10.76
CA VAL A 784 -13.04 -0.90 10.21
C VAL A 784 -12.20 -1.82 11.06
N LEU A 785 -12.84 -2.85 11.61
CA LEU A 785 -12.12 -3.91 12.31
C LEU A 785 -12.01 -5.10 11.37
N ASN A 786 -10.83 -5.28 10.80
CA ASN A 786 -10.65 -6.24 9.71
C ASN A 786 -9.83 -7.47 10.10
N SER A 787 -10.34 -8.64 9.73
CA SER A 787 -9.59 -9.89 9.85
C SER A 787 -9.57 -10.62 8.50
N LEU A 788 -10.10 -9.95 7.48
CA LEU A 788 -10.07 -10.48 6.11
C LEU A 788 -8.78 -10.04 5.42
N SER A 789 -8.51 -10.60 4.24
CA SER A 789 -7.24 -10.32 3.57
C SER A 789 -7.40 -10.21 2.05
N GLU A 790 -6.34 -9.69 1.41
CA GLU A 790 -6.29 -9.55 -0.04
C GLU A 790 -7.47 -8.72 -0.57
N GLU A 791 -8.10 -9.16 -1.66
CA GLU A 791 -9.11 -8.34 -2.34
C GLU A 791 -10.19 -7.87 -1.38
N LYS A 792 -10.42 -8.63 -0.32
CA LYS A 792 -11.42 -8.27 0.68
C LYS A 792 -10.89 -7.17 1.60
N LEU A 793 -9.57 -7.06 1.71
CA LEU A 793 -8.96 -6.00 2.52
C LEU A 793 -9.02 -4.67 1.77
N GLN A 794 -8.57 -4.69 0.53
CA GLN A 794 -8.59 -3.48 -0.30
C GLN A 794 -10.03 -2.98 -0.47
N ALA A 795 -10.98 -3.92 -0.49
CA ALA A 795 -12.39 -3.57 -0.58
C ALA A 795 -12.83 -2.92 0.72
N SER A 796 -12.26 -3.38 1.83
CA SER A 796 -12.58 -2.83 3.15
C SER A 796 -12.00 -1.43 3.27
N ILE A 797 -10.87 -1.20 2.62
CA ILE A 797 -10.23 0.11 2.60
C ILE A 797 -11.17 1.10 1.92
N ARG A 798 -11.76 0.69 0.81
CA ARG A 798 -12.67 1.54 0.05
C ARG A 798 -13.92 1.90 0.87
N CYS A 799 -14.17 1.14 1.94
CA CYS A 799 -15.32 1.42 2.80
C CYS A 799 -15.02 2.51 3.82
N LEU A 800 -13.74 2.89 3.94
CA LEU A 800 -13.33 3.87 4.94
C LEU A 800 -13.66 5.30 4.50
N GLY A 801 -14.39 6.01 5.35
CA GLY A 801 -14.76 7.39 5.10
C GLY A 801 -13.79 8.38 5.69
N LEU A 802 -14.09 9.67 5.51
CA LEU A 802 -13.21 10.73 5.99
C LEU A 802 -12.88 10.56 7.48
N ASN A 803 -11.61 10.83 7.81
CA ASN A 803 -11.12 10.70 9.19
C ASN A 803 -11.21 9.26 9.70
N GLY A 804 -11.41 8.31 8.80
CA GLY A 804 -11.55 6.91 9.20
C GLY A 804 -10.32 6.33 9.87
N ARG A 805 -10.50 5.20 10.55
CA ARG A 805 -9.40 4.56 11.26
C ARG A 805 -9.45 3.03 11.06
N PHE A 806 -8.51 2.52 10.27
CA PHE A 806 -8.48 1.11 9.92
C PHE A 806 -7.76 0.31 11.00
N LEU A 807 -8.41 -0.76 11.45
CA LEU A 807 -7.89 -1.58 12.54
C LEU A 807 -7.65 -3.00 12.07
N GLU A 808 -6.41 -3.32 11.74
CA GLU A 808 -6.08 -4.64 11.22
C GLU A 808 -5.73 -5.60 12.35
N ILE A 809 -6.43 -6.73 12.39
CA ILE A 809 -6.14 -7.77 13.38
C ILE A 809 -5.85 -9.10 12.68
N GLY A 810 -5.76 -9.06 11.36
CA GLY A 810 -5.34 -10.21 10.57
C GLY A 810 -3.83 -10.23 10.45
N LYS A 811 -3.28 -11.23 9.78
CA LYS A 811 -1.83 -11.39 9.71
C LYS A 811 -1.30 -11.65 8.30
N PHE A 812 -2.17 -12.09 7.39
CA PHE A 812 -1.74 -12.48 6.06
C PHE A 812 -1.01 -11.35 5.32
N ASP A 813 -1.74 -10.29 5.00
CA ASP A 813 -1.19 -9.20 4.22
C ASP A 813 0.00 -8.54 4.91
N LEU A 814 0.00 -8.54 6.24
CA LEU A 814 1.13 -8.01 7.00
C LEU A 814 2.35 -8.89 6.77
N SER A 815 2.17 -10.19 6.92
CA SER A 815 3.25 -11.15 6.72
C SER A 815 3.78 -11.11 5.29
N ASN A 816 2.85 -11.11 4.33
CA ASN A 816 3.21 -11.12 2.92
C ASN A 816 3.76 -9.78 2.46
N ASN A 817 3.65 -8.77 3.31
CA ASN A 817 4.12 -7.42 2.98
C ASN A 817 3.38 -6.91 1.75
N SER A 818 2.07 -7.16 1.69
CA SER A 818 1.25 -6.72 0.57
C SER A 818 1.33 -5.21 0.38
N PRO A 819 1.15 -4.74 -0.87
CA PRO A 819 1.21 -3.29 -1.09
C PRO A 819 -0.09 -2.60 -0.70
N LEU A 820 0.02 -1.44 -0.08
CA LEU A 820 -1.16 -0.67 0.32
C LEU A 820 -1.18 0.67 -0.40
N GLY A 821 -2.25 0.91 -1.16
CA GLY A 821 -2.42 2.17 -1.85
C GLY A 821 -2.54 3.30 -0.85
N MET A 822 -1.62 4.25 -0.92
CA MET A 822 -1.55 5.33 0.07
C MET A 822 -2.53 6.47 -0.21
N SER A 823 -3.35 6.33 -1.24
CA SER A 823 -4.36 7.34 -1.54
C SER A 823 -5.36 7.43 -0.39
N VAL A 824 -5.59 6.30 0.28
CA VAL A 824 -6.53 6.22 1.39
C VAL A 824 -6.20 7.24 2.48
N PHE A 825 -4.93 7.59 2.59
CA PHE A 825 -4.46 8.48 3.65
C PHE A 825 -4.74 9.95 3.33
N LEU A 826 -5.13 10.24 2.09
CA LEU A 826 -5.58 11.58 1.74
C LEU A 826 -6.81 11.97 2.54
N LYS A 827 -7.56 10.96 2.99
CA LYS A 827 -8.81 11.20 3.73
C LYS A 827 -8.58 11.45 5.21
N ASN A 828 -7.34 11.78 5.57
CA ASN A 828 -6.99 12.07 6.96
C ASN A 828 -7.22 10.83 7.82
N THR A 829 -6.87 9.67 7.27
CA THR A 829 -7.15 8.40 7.92
C THR A 829 -5.94 7.86 8.68
N SER A 830 -6.17 6.77 9.40
CA SER A 830 -5.10 6.08 10.11
C SER A 830 -5.19 4.58 9.86
N PHE A 831 -4.04 3.95 9.66
CA PHE A 831 -3.98 2.50 9.57
C PHE A 831 -3.27 1.96 10.81
N HIS A 832 -3.93 1.04 11.52
CA HIS A 832 -3.38 0.49 12.76
C HIS A 832 -3.11 -0.99 12.68
N GLY A 833 -1.84 -1.36 12.76
CA GLY A 833 -1.45 -2.74 12.97
C GLY A 833 -1.64 -3.08 14.43
N ILE A 834 -2.52 -4.04 14.72
CA ILE A 834 -2.89 -4.35 16.08
C ILE A 834 -2.48 -5.77 16.45
N LEU A 835 -1.44 -5.88 17.28
CA LEU A 835 -0.98 -7.15 17.78
C LEU A 835 -1.14 -7.20 19.29
N LEU A 836 -2.10 -8.00 19.76
CA LEU A 836 -2.32 -8.15 21.18
C LEU A 836 -1.07 -8.67 21.88
N ASP A 837 -0.33 -9.54 21.19
CA ASP A 837 0.91 -10.10 21.73
C ASP A 837 1.84 -8.99 22.20
N SER A 838 1.94 -7.92 21.42
CA SER A 838 2.81 -6.80 21.76
C SER A 838 2.41 -6.15 23.09
N VAL A 839 1.13 -6.29 23.46
CA VAL A 839 0.65 -5.73 24.72
C VAL A 839 1.24 -6.52 25.87
N MET A 840 1.05 -7.83 25.85
CA MET A 840 1.49 -8.68 26.93
C MET A 840 3.01 -8.67 27.00
N GLU A 841 3.64 -8.65 25.83
CA GLU A 841 5.10 -8.58 25.74
C GLU A 841 5.60 -7.17 26.08
N GLY A 842 4.72 -6.18 25.89
CA GLY A 842 5.08 -4.79 26.07
C GLY A 842 5.04 -4.27 27.49
N GLU A 843 4.97 -2.95 27.63
CA GLU A 843 5.00 -2.30 28.93
C GLU A 843 3.80 -2.69 29.80
N GLU A 844 3.82 -2.23 31.04
CA GLU A 844 2.84 -2.69 32.04
C GLU A 844 1.55 -1.86 32.04
N GLU A 845 1.68 -0.54 31.98
CA GLU A 845 0.52 0.33 32.11
C GLU A 845 -0.54 0.03 31.05
N MET A 846 -0.10 -0.34 29.86
CA MET A 846 -1.01 -0.69 28.78
C MET A 846 -1.81 -1.93 29.15
N GLN A 847 -1.13 -2.90 29.76
CA GLN A 847 -1.79 -4.12 30.23
C GLN A 847 -2.85 -3.80 31.27
N ASN A 848 -2.53 -2.90 32.19
CA ASN A 848 -3.44 -2.55 33.27
C ASN A 848 -4.66 -1.78 32.76
N GLN A 849 -4.47 -1.01 31.69
CA GLN A 849 -5.57 -0.24 31.13
C GLN A 849 -6.57 -1.16 30.43
N VAL A 850 -6.08 -2.07 29.59
CA VAL A 850 -6.96 -2.93 28.81
C VAL A 850 -7.81 -3.80 29.73
N VAL A 851 -7.21 -4.31 30.80
CA VAL A 851 -7.93 -5.16 31.73
C VAL A 851 -8.98 -4.32 32.46
N SER A 852 -8.65 -3.06 32.72
CA SER A 852 -9.60 -2.13 33.32
C SER A 852 -10.81 -1.97 32.41
N LEU A 853 -10.54 -1.81 31.12
CA LEU A 853 -11.60 -1.66 30.13
C LEU A 853 -12.50 -2.89 30.14
N VAL A 854 -11.89 -4.07 30.12
CA VAL A 854 -12.64 -5.31 30.16
C VAL A 854 -13.37 -5.41 31.49
N ALA A 855 -12.67 -5.05 32.57
CA ALA A 855 -13.24 -5.12 33.90
C ALA A 855 -14.49 -4.24 34.00
N GLU A 856 -14.36 -2.99 33.55
CA GLU A 856 -15.47 -2.04 33.57
C GLU A 856 -16.61 -2.51 32.68
N GLY A 857 -16.26 -3.16 31.57
CA GLY A 857 -17.24 -3.60 30.59
C GLY A 857 -18.18 -4.68 31.07
N ILE A 858 -17.67 -5.59 31.89
CA ILE A 858 -18.47 -6.72 32.37
C ILE A 858 -19.66 -6.24 33.19
N LYS A 859 -19.43 -5.31 34.10
CA LYS A 859 -20.50 -4.76 34.92
C LYS A 859 -21.52 -4.00 34.07
N THR A 860 -21.03 -3.29 33.06
CA THR A 860 -21.89 -2.52 32.18
C THR A 860 -22.85 -3.42 31.42
N GLY A 861 -22.41 -4.65 31.16
CA GLY A 861 -23.18 -5.60 30.37
C GLY A 861 -22.71 -5.70 28.93
N ALA A 862 -21.70 -4.91 28.57
CA ALA A 862 -21.15 -4.94 27.23
C ALA A 862 -20.38 -6.24 26.99
N VAL A 863 -19.75 -6.75 28.03
CA VAL A 863 -18.99 -7.99 27.94
C VAL A 863 -19.89 -9.17 28.28
N VAL A 864 -20.21 -9.97 27.27
CA VAL A 864 -21.03 -11.17 27.46
C VAL A 864 -20.21 -12.41 27.08
N PRO A 865 -20.34 -13.48 27.87
CA PRO A 865 -19.63 -14.69 27.45
C PRO A 865 -20.17 -15.23 26.13
N LEU A 866 -19.32 -15.90 25.36
CA LEU A 866 -19.70 -16.40 24.04
C LEU A 866 -20.31 -17.78 24.12
N PRO A 867 -21.03 -18.19 23.07
CA PRO A 867 -21.43 -19.60 22.96
C PRO A 867 -20.20 -20.50 23.01
N THR A 868 -20.37 -21.72 23.51
CA THR A 868 -19.24 -22.63 23.68
C THR A 868 -19.46 -23.97 22.99
N SER A 869 -18.42 -24.46 22.34
CA SER A 869 -18.39 -25.82 21.82
C SER A 869 -17.32 -26.56 22.63
N VAL A 870 -17.77 -27.25 23.67
CA VAL A 870 -16.86 -27.82 24.66
C VAL A 870 -16.38 -29.21 24.27
N PHE A 871 -15.10 -29.47 24.53
CA PHE A 871 -14.51 -30.79 24.33
C PHE A 871 -13.73 -31.18 25.58
N ASN A 872 -13.76 -32.45 25.95
CA ASN A 872 -13.03 -32.91 27.14
C ASN A 872 -11.57 -33.19 26.79
N ASP A 873 -10.79 -33.55 27.80
CA ASP A 873 -9.33 -33.68 27.66
C ASP A 873 -8.94 -34.71 26.60
N GLN A 874 -9.84 -35.63 26.29
CA GLN A 874 -9.55 -36.70 25.33
C GLN A 874 -9.86 -36.29 23.90
N GLN A 875 -10.76 -35.31 23.73
CA GLN A 875 -11.19 -34.88 22.41
C GLN A 875 -10.48 -33.63 21.92
N VAL A 876 -9.18 -33.51 22.23
CA VAL A 876 -8.41 -32.34 21.83
C VAL A 876 -8.25 -32.30 20.30
N GLU A 877 -8.02 -33.46 19.70
CA GLU A 877 -7.88 -33.54 18.25
C GLU A 877 -9.14 -33.00 17.58
N GLN A 878 -10.28 -33.56 17.97
CA GLN A 878 -11.56 -33.19 17.38
C GLN A 878 -11.83 -31.71 17.63
N ALA A 879 -11.41 -31.23 18.79
CA ALA A 879 -11.58 -29.82 19.13
C ALA A 879 -10.88 -28.92 18.13
N PHE A 880 -9.62 -29.24 17.83
CA PHE A 880 -8.85 -28.47 16.86
C PHE A 880 -9.40 -28.57 15.46
N ARG A 881 -9.65 -29.79 15.00
CA ARG A 881 -10.18 -30.01 13.66
C ARG A 881 -11.52 -29.28 13.49
N PHE A 882 -12.28 -29.21 14.58
CA PHE A 882 -13.59 -28.58 14.56
C PHE A 882 -13.48 -27.07 14.35
N MET A 883 -12.47 -26.45 14.97
CA MET A 883 -12.29 -25.02 14.83
C MET A 883 -11.73 -24.68 13.45
N ALA A 884 -10.86 -25.55 12.95
CA ALA A 884 -10.25 -25.36 11.64
C ALA A 884 -11.32 -25.32 10.55
N SER A 885 -12.36 -26.13 10.71
CA SER A 885 -13.42 -26.22 9.70
C SER A 885 -14.09 -24.88 9.48
N GLY A 886 -14.44 -24.21 10.57
CA GLY A 886 -15.02 -22.88 10.51
C GLY A 886 -16.54 -22.84 10.58
N LYS A 887 -17.16 -23.97 10.89
CA LYS A 887 -18.62 -24.00 11.05
C LYS A 887 -19.00 -23.56 12.46
N HIS A 888 -18.01 -23.38 13.32
CA HIS A 888 -18.26 -23.09 14.72
C HIS A 888 -18.64 -21.63 14.93
N ILE A 889 -19.49 -21.41 15.93
CA ILE A 889 -19.89 -20.06 16.31
C ILE A 889 -19.55 -19.86 17.78
N GLY A 890 -18.71 -18.87 18.04
CA GLY A 890 -18.28 -18.57 19.40
C GLY A 890 -16.92 -19.15 19.72
N LYS A 891 -16.72 -19.49 20.99
CA LYS A 891 -15.42 -19.97 21.44
C LYS A 891 -15.38 -21.49 21.59
N VAL A 892 -14.27 -22.08 21.14
CA VAL A 892 -14.03 -23.51 21.31
C VAL A 892 -13.24 -23.72 22.59
N VAL A 893 -13.79 -24.51 23.51
CA VAL A 893 -13.19 -24.67 24.84
C VAL A 893 -12.91 -26.13 25.18
N ILE A 894 -11.77 -26.37 25.81
CA ILE A 894 -11.42 -27.71 26.30
C ILE A 894 -11.67 -27.80 27.80
N LYS A 895 -12.47 -28.79 28.18
CA LYS A 895 -12.82 -29.01 29.59
C LYS A 895 -11.76 -29.87 30.26
N VAL A 896 -10.77 -29.23 30.86
CA VAL A 896 -9.70 -29.93 31.56
C VAL A 896 -10.25 -30.51 32.86
N ARG A 897 -11.02 -29.70 33.59
CA ARG A 897 -11.64 -30.12 34.83
C ARG A 897 -13.10 -29.68 34.88
N ASP A 898 -13.96 -30.54 35.41
CA ASP A 898 -15.35 -30.18 35.68
C ASP A 898 -15.41 -29.22 36.87
N GLU A 899 -16.18 -28.14 36.74
CA GLU A 899 -16.27 -27.15 37.80
C GLU A 899 -17.08 -27.67 38.98
N GLU A 900 -16.55 -27.44 40.18
CA GLU A 900 -17.23 -27.80 41.42
C GLU A 900 -18.57 -27.09 41.53
N ALA A 901 -19.54 -27.75 42.17
CA ALA A 901 -20.90 -27.26 42.23
C ALA A 901 -21.02 -26.08 43.19
N GLY A 902 -21.95 -25.17 42.86
CA GLY A 902 -22.17 -23.96 43.64
C GLY A 902 -21.50 -22.73 43.07
N LYS A 903 -20.54 -22.94 42.18
CA LYS A 903 -19.72 -21.87 41.60
C LYS A 903 -19.24 -20.89 42.66
N LYS A 904 -18.58 -21.43 43.68
CA LYS A 904 -18.01 -20.63 44.76
C LYS A 904 -16.51 -20.94 44.86
N ALA A 905 -15.81 -20.22 45.72
CA ALA A 905 -14.38 -20.45 45.91
C ALA A 905 -14.15 -21.72 46.72
N LEU A 906 -13.17 -22.51 46.31
CA LEU A 906 -12.95 -23.83 46.89
C LEU A 906 -11.62 -24.42 46.45
N GLN A 907 -10.90 -25.05 47.37
CA GLN A 907 -9.63 -25.69 47.05
C GLN A 907 -9.86 -26.93 46.21
N PRO A 908 -9.13 -27.08 45.09
CA PRO A 908 -9.43 -28.17 44.14
C PRO A 908 -9.02 -29.56 44.63
N LYS A 909 -9.83 -30.56 44.28
CA LYS A 909 -9.49 -31.95 44.50
C LYS A 909 -8.35 -32.34 43.57
N PRO A 910 -7.47 -33.24 44.01
CA PRO A 910 -6.40 -33.64 43.08
C PRO A 910 -6.91 -34.51 41.94
N ARG A 911 -6.30 -34.40 40.77
CA ARG A 911 -6.64 -35.22 39.61
C ARG A 911 -5.41 -35.76 38.93
N LEU A 912 -5.62 -36.79 38.14
CA LEU A 912 -4.58 -37.37 37.32
C LEU A 912 -5.07 -37.36 35.88
N ILE A 913 -4.16 -37.15 34.95
CA ILE A 913 -4.50 -37.12 33.53
C ILE A 913 -3.54 -38.01 32.78
N ASN A 914 -4.05 -38.72 31.78
CA ASN A 914 -3.23 -39.61 31.00
C ASN A 914 -2.39 -38.82 30.01
N ALA A 915 -1.08 -38.84 30.23
CA ALA A 915 -0.14 -38.13 29.36
C ALA A 915 1.08 -39.00 29.11
N ILE A 916 1.76 -38.75 27.99
CA ILE A 916 2.98 -39.46 27.68
C ILE A 916 4.00 -39.08 28.76
N PRO A 917 4.53 -40.08 29.49
CA PRO A 917 5.46 -39.73 30.55
C PRO A 917 6.74 -39.11 29.99
N ARG A 918 7.36 -38.24 30.78
CA ARG A 918 8.59 -37.57 30.36
C ARG A 918 9.42 -37.18 31.56
N THR A 919 10.71 -37.53 31.50
CA THR A 919 11.62 -37.27 32.61
C THR A 919 12.46 -36.04 32.31
N TYR A 920 12.49 -35.12 33.27
CA TYR A 920 13.27 -33.90 33.15
C TYR A 920 14.46 -33.93 34.10
N MET A 921 15.51 -33.17 33.77
CA MET A 921 16.66 -33.07 34.65
C MET A 921 16.37 -32.14 35.83
N HIS A 922 17.15 -32.30 36.89
CA HIS A 922 17.03 -31.47 38.08
C HIS A 922 17.82 -30.18 37.91
N PRO A 923 17.16 -29.02 38.08
CA PRO A 923 17.82 -27.73 37.79
C PRO A 923 18.83 -27.30 38.86
N GLU A 924 19.01 -28.10 39.90
CA GLU A 924 19.96 -27.78 40.96
C GLU A 924 20.97 -28.90 41.16
N LYS A 925 21.14 -29.74 40.14
CA LYS A 925 22.11 -30.82 40.18
C LYS A 925 23.11 -30.66 39.03
N SER A 926 24.26 -31.31 39.15
CA SER A 926 25.27 -31.26 38.10
C SER A 926 25.23 -32.56 37.29
N TYR A 927 25.74 -32.50 36.07
CA TYR A 927 25.76 -33.67 35.20
C TYR A 927 27.10 -33.78 34.50
N ILE A 928 27.82 -34.84 34.83
CA ILE A 928 29.16 -35.08 34.32
C ILE A 928 29.07 -35.91 33.04
N LEU A 929 29.69 -35.42 31.98
CA LEU A 929 29.78 -36.16 30.73
C LEU A 929 31.24 -36.44 30.40
N VAL A 930 31.65 -37.68 30.63
CA VAL A 930 33.02 -38.09 30.33
C VAL A 930 33.16 -38.18 28.81
N GLY A 931 34.13 -37.46 28.28
CA GLY A 931 34.25 -37.29 26.84
C GLY A 931 33.12 -36.42 26.31
N GLY A 932 32.81 -35.38 27.08
CA GLY A 932 31.65 -34.57 26.81
C GLY A 932 31.76 -33.60 25.65
N LEU A 933 32.97 -33.35 25.16
CA LEU A 933 33.18 -32.38 24.10
C LEU A 933 33.24 -33.02 22.72
N GLY A 934 33.12 -34.35 22.67
CA GLY A 934 33.02 -35.04 21.40
C GLY A 934 31.68 -34.76 20.75
N GLY A 935 31.51 -35.21 19.51
CA GLY A 935 30.28 -34.98 18.79
C GLY A 935 29.06 -35.42 19.58
N PHE A 936 29.04 -36.68 19.97
CA PHE A 936 27.97 -37.24 20.78
C PHE A 936 27.73 -36.42 22.05
N GLY A 937 28.81 -36.15 22.78
CA GLY A 937 28.74 -35.44 24.04
C GLY A 937 28.06 -34.08 23.97
N LEU A 938 28.40 -33.31 22.93
CA LEU A 938 27.84 -31.98 22.77
C LEU A 938 26.33 -32.01 22.60
N GLU A 939 25.84 -32.90 21.75
CA GLU A 939 24.41 -32.98 21.49
C GLU A 939 23.67 -33.57 22.69
N LEU A 940 24.33 -34.43 23.45
CA LEU A 940 23.74 -34.96 24.67
C LEU A 940 23.59 -33.84 25.70
N THR A 941 24.64 -33.05 25.86
CA THR A 941 24.63 -31.91 26.77
C THR A 941 23.48 -30.96 26.44
N ASN A 942 23.36 -30.62 25.16
CA ASN A 942 22.32 -29.72 24.70
C ASN A 942 20.93 -30.24 25.12
N TRP A 943 20.70 -31.52 24.88
CA TRP A 943 19.44 -32.16 25.21
C TRP A 943 19.14 -32.05 26.71
N LEU A 944 20.18 -32.26 27.52
CA LEU A 944 20.03 -32.18 28.98
C LEU A 944 19.64 -30.75 29.37
N VAL A 945 20.19 -29.79 28.67
CA VAL A 945 19.93 -28.38 28.95
C VAL A 945 18.47 -28.06 28.63
N THR A 946 17.97 -28.58 27.52
CA THR A 946 16.58 -28.37 27.14
C THR A 946 15.64 -29.11 28.08
N ARG A 947 16.16 -30.11 28.78
CA ARG A 947 15.36 -30.84 29.75
C ARG A 947 15.52 -30.28 31.17
N GLY A 948 16.24 -29.17 31.30
CA GLY A 948 16.33 -28.47 32.56
C GLY A 948 17.67 -28.48 33.27
N ALA A 949 18.65 -29.16 32.71
CA ALA A 949 19.98 -29.20 33.33
C ALA A 949 20.58 -27.79 33.32
N ARG A 950 21.14 -27.37 34.44
CA ARG A 950 21.69 -26.02 34.57
C ARG A 950 23.12 -26.03 35.12
N TYR A 951 23.67 -27.23 35.33
CA TYR A 951 25.06 -27.38 35.73
C TYR A 951 25.69 -28.53 34.96
N ILE A 952 26.66 -28.19 34.11
CA ILE A 952 27.26 -29.16 33.21
C ILE A 952 28.77 -29.25 33.45
N VAL A 953 29.27 -30.48 33.56
CA VAL A 953 30.70 -30.72 33.65
C VAL A 953 31.13 -31.61 32.50
N LEU A 954 32.06 -31.11 31.69
CA LEU A 954 32.58 -31.86 30.56
C LEU A 954 34.06 -32.18 30.78
N THR A 955 34.41 -33.46 30.70
CA THR A 955 35.80 -33.86 30.85
C THR A 955 36.43 -33.99 29.46
N SER A 956 37.54 -33.29 29.25
CA SER A 956 38.28 -33.35 28.00
C SER A 956 39.76 -33.11 28.23
N ARG A 957 40.58 -34.04 27.77
CA ARG A 957 42.02 -33.92 27.94
C ARG A 957 42.58 -32.80 27.08
N SER A 958 42.10 -32.70 25.84
CA SER A 958 42.59 -31.71 24.90
C SER A 958 41.93 -30.34 25.12
N GLY A 959 40.73 -30.35 25.71
CA GLY A 959 39.99 -29.11 25.92
C GLY A 959 39.26 -28.68 24.67
N VAL A 960 38.83 -27.42 24.65
CA VAL A 960 38.15 -26.87 23.47
C VAL A 960 39.08 -26.87 22.28
N LYS A 961 38.65 -27.52 21.20
CA LYS A 961 39.47 -27.69 20.01
C LYS A 961 38.81 -27.04 18.79
N THR A 962 37.49 -27.16 18.70
CA THR A 962 36.75 -26.65 17.57
C THR A 962 35.91 -25.44 17.92
N GLY A 963 35.69 -24.57 16.94
CA GLY A 963 34.84 -23.41 17.10
C GLY A 963 33.41 -23.81 17.46
N TYR A 964 32.95 -24.91 16.87
CA TYR A 964 31.63 -25.43 17.18
C TYR A 964 31.47 -25.70 18.67
N GLN A 965 32.49 -26.30 19.28
CA GLN A 965 32.50 -26.53 20.72
C GLN A 965 32.31 -25.22 21.47
N GLY A 966 33.17 -24.26 21.18
CA GLY A 966 33.09 -22.95 21.80
C GLY A 966 31.73 -22.32 21.58
N LEU A 967 31.14 -22.55 20.41
CA LEU A 967 29.83 -22.03 20.07
C LEU A 967 28.76 -22.57 21.01
N MET A 968 28.72 -23.89 21.16
CA MET A 968 27.72 -24.53 22.00
C MET A 968 27.86 -24.10 23.46
N ILE A 969 29.10 -23.97 23.91
CA ILE A 969 29.36 -23.56 25.29
C ILE A 969 28.85 -22.13 25.46
N ARG A 970 29.13 -21.27 24.49
CA ARG A 970 28.67 -19.90 24.54
C ARG A 970 27.15 -19.85 24.61
N ARG A 971 26.49 -20.66 23.77
CA ARG A 971 25.04 -20.70 23.74
C ARG A 971 24.46 -21.21 25.06
N TRP A 972 25.10 -22.21 25.67
CA TRP A 972 24.63 -22.75 26.93
C TRP A 972 24.83 -21.74 28.06
N GLN A 973 25.95 -21.03 28.03
CA GLN A 973 26.27 -20.07 29.06
C GLN A 973 25.34 -18.86 28.96
N GLU A 974 25.00 -18.48 27.74
CA GLU A 974 24.07 -17.38 27.51
C GLU A 974 22.69 -17.76 28.02
N ARG A 975 22.33 -19.03 27.88
CA ARG A 975 21.06 -19.52 28.38
C ARG A 975 21.11 -19.73 29.89
N GLY A 976 22.23 -19.36 30.51
CA GLY A 976 22.36 -19.37 31.95
C GLY A 976 22.86 -20.68 32.52
N VAL A 977 23.55 -21.48 31.70
CA VAL A 977 24.06 -22.77 32.16
C VAL A 977 25.51 -22.63 32.61
N LYS A 978 25.82 -23.27 33.74
CA LYS A 978 27.18 -23.30 34.25
C LYS A 978 27.94 -24.45 33.59
N VAL A 979 28.93 -24.11 32.78
CA VAL A 979 29.71 -25.11 32.06
C VAL A 979 31.12 -25.15 32.63
N VAL A 980 31.56 -26.35 33.01
CA VAL A 980 32.90 -26.56 33.51
C VAL A 980 33.60 -27.57 32.61
N ILE A 981 34.77 -27.20 32.11
CA ILE A 981 35.62 -28.12 31.37
C ILE A 981 36.70 -28.64 32.31
N ASP A 982 36.61 -29.93 32.66
CA ASP A 982 37.60 -30.53 33.55
C ASP A 982 38.63 -31.28 32.71
N THR A 983 39.88 -30.80 32.76
CA THR A 983 40.92 -31.34 31.90
C THR A 983 41.83 -32.33 32.63
N SER A 984 41.41 -32.75 33.82
CA SER A 984 42.21 -33.66 34.63
C SER A 984 42.07 -35.11 34.15
N ASP A 985 43.08 -35.92 34.46
CA ASP A 985 43.08 -37.33 34.09
C ASP A 985 42.12 -38.13 34.97
N VAL A 986 40.98 -38.51 34.38
CA VAL A 986 39.93 -39.19 35.12
C VAL A 986 40.13 -40.71 35.14
N THR A 987 41.12 -41.20 34.40
CA THR A 987 41.35 -42.63 34.27
C THR A 987 41.91 -43.23 35.56
N THR A 988 42.64 -42.41 36.33
CA THR A 988 43.20 -42.87 37.59
C THR A 988 42.15 -42.80 38.70
N ALA A 989 42.45 -43.40 39.85
CA ALA A 989 41.52 -43.41 40.97
C ALA A 989 41.44 -42.03 41.62
N ALA A 990 42.58 -41.38 41.78
CA ALA A 990 42.64 -40.07 42.40
C ALA A 990 41.95 -39.02 41.53
N GLY A 991 42.14 -39.12 40.23
CA GLY A 991 41.50 -38.21 39.29
C GLY A 991 40.00 -38.35 39.27
N ALA A 992 39.52 -39.58 39.21
CA ALA A 992 38.09 -39.84 39.22
C ALA A 992 37.48 -39.30 40.51
N LYS A 993 38.15 -39.58 41.62
CA LYS A 993 37.69 -39.12 42.92
C LYS A 993 37.61 -37.59 42.97
N LYS A 994 38.60 -36.92 42.40
CA LYS A 994 38.66 -35.46 42.42
C LYS A 994 37.54 -34.87 41.57
N LEU A 995 37.36 -35.40 40.36
CA LEU A 995 36.31 -34.94 39.47
C LEU A 995 34.96 -34.94 40.20
N LEU A 996 34.65 -36.06 40.84
CA LEU A 996 33.36 -36.23 41.49
C LEU A 996 33.18 -35.30 42.68
N GLU A 997 34.27 -35.05 43.41
CA GLU A 997 34.18 -34.20 44.60
C GLU A 997 34.06 -32.73 44.24
N ASN A 998 34.77 -32.29 43.20
CA ASN A 998 34.64 -30.91 42.74
C ASN A 998 33.24 -30.71 42.17
N SER A 999 32.82 -31.62 41.30
CA SER A 999 31.52 -31.51 40.64
C SER A 999 30.40 -31.44 41.66
N ASN A 1000 30.54 -32.23 42.72
CA ASN A 1000 29.50 -32.32 43.74
C ASN A 1000 29.41 -31.00 44.50
N LYS A 1001 30.56 -30.35 44.72
CA LYS A 1001 30.60 -29.08 45.44
C LYS A 1001 30.01 -27.95 44.61
N LEU A 1002 30.15 -28.02 43.29
CA LEU A 1002 29.48 -27.08 42.40
C LEU A 1002 27.98 -27.20 42.60
N ALA A 1003 27.50 -28.43 42.41
CA ALA A 1003 26.11 -28.79 42.66
C ALA A 1003 26.04 -30.29 42.75
N LEU A 1004 25.17 -30.81 43.61
CA LEU A 1004 25.09 -32.24 43.83
C LEU A 1004 24.86 -32.97 42.51
N VAL A 1005 25.72 -33.97 42.26
CA VAL A 1005 25.69 -34.72 41.02
C VAL A 1005 24.38 -35.50 40.89
N GLY A 1006 23.70 -35.31 39.76
CA GLY A 1006 22.46 -36.01 39.49
C GLY A 1006 22.62 -37.13 38.48
N GLY A 1007 23.65 -37.02 37.64
CA GLY A 1007 23.90 -38.01 36.61
C GLY A 1007 25.33 -38.05 36.12
N ILE A 1008 25.79 -39.24 35.76
CA ILE A 1008 27.11 -39.44 35.18
C ILE A 1008 26.95 -40.18 33.87
N PHE A 1009 27.47 -39.59 32.80
CA PHE A 1009 27.38 -40.18 31.47
C PHE A 1009 28.77 -40.50 30.93
N ASN A 1010 29.00 -41.78 30.64
CA ASN A 1010 30.29 -42.24 30.14
C ASN A 1010 30.21 -42.44 28.63
N LEU A 1011 31.14 -41.84 27.91
CA LEU A 1011 31.10 -41.86 26.46
C LEU A 1011 32.34 -42.51 25.85
N ALA A 1012 32.17 -43.75 25.39
CA ALA A 1012 33.20 -44.44 24.62
C ALA A 1012 32.93 -44.28 23.13
N ALA A 1013 31.86 -43.55 22.79
CA ALA A 1013 31.44 -43.40 21.40
C ALA A 1013 32.26 -42.36 20.65
N VAL A 1014 32.93 -41.47 21.38
CA VAL A 1014 33.69 -40.39 20.76
C VAL A 1014 35.02 -40.95 20.27
N LEU A 1015 35.56 -40.34 19.21
CA LEU A 1015 36.82 -40.82 18.64
C LEU A 1015 37.42 -39.76 17.71
N ASP A 1033 41.20 -51.23 29.49
CA ASP A 1033 41.42 -50.03 28.69
C ASP A 1033 41.11 -48.79 29.50
N PRO A 1034 41.53 -47.61 28.99
CA PRO A 1034 41.17 -46.35 29.65
C PRO A 1034 39.66 -46.12 29.71
N LYS A 1035 38.94 -46.73 28.77
CA LYS A 1035 37.48 -46.64 28.76
C LYS A 1035 36.91 -47.36 29.97
N VAL A 1036 37.48 -48.52 30.27
CA VAL A 1036 37.02 -49.37 31.37
C VAL A 1036 37.35 -48.78 32.73
N THR A 1037 38.61 -48.36 32.91
CA THR A 1037 39.11 -47.95 34.22
C THR A 1037 38.46 -46.69 34.78
N ALA A 1038 38.11 -45.75 33.92
CA ALA A 1038 37.44 -44.53 34.35
C ALA A 1038 36.05 -44.87 34.89
N THR A 1039 35.32 -45.69 34.14
CA THR A 1039 33.98 -46.11 34.55
C THR A 1039 34.07 -46.90 35.85
N LYS A 1040 35.10 -47.73 35.97
CA LYS A 1040 35.28 -48.56 37.14
C LYS A 1040 35.47 -47.70 38.39
N TYR A 1041 36.34 -46.70 38.29
CA TYR A 1041 36.62 -45.82 39.42
C TYR A 1041 35.49 -44.82 39.65
N LEU A 1042 34.92 -44.28 38.59
CA LEU A 1042 33.78 -43.37 38.70
C LEU A 1042 32.62 -44.09 39.39
N ASP A 1043 32.40 -45.34 39.02
CA ASP A 1043 31.37 -46.16 39.66
C ASP A 1043 31.66 -46.28 41.15
N GLN A 1044 32.90 -46.64 41.48
CA GLN A 1044 33.29 -46.93 42.85
C GLN A 1044 33.12 -45.72 43.78
N PHE A 1045 33.64 -44.57 43.36
CA PHE A 1045 33.69 -43.40 44.23
C PHE A 1045 32.38 -42.62 44.25
N SER A 1046 31.58 -42.72 43.18
CA SER A 1046 30.30 -42.04 43.14
C SER A 1046 29.37 -42.61 44.22
N ARG A 1047 29.52 -43.90 44.50
CA ARG A 1047 28.73 -44.54 45.55
C ARG A 1047 28.89 -43.82 46.89
N ASP A 1048 30.09 -43.32 47.14
CA ASP A 1048 30.40 -42.65 48.39
C ASP A 1048 30.09 -41.15 48.33
N ILE A 1049 30.44 -40.53 47.20
CA ILE A 1049 30.35 -39.08 47.07
C ILE A 1049 28.96 -38.64 46.62
N CYS A 1050 28.51 -39.18 45.49
CA CYS A 1050 27.28 -38.70 44.87
C CYS A 1050 26.07 -39.40 45.48
N THR A 1051 25.49 -38.77 46.49
CA THR A 1051 24.34 -39.35 47.19
C THR A 1051 23.00 -38.96 46.57
N GLU A 1052 23.03 -38.09 45.56
CA GLU A 1052 21.80 -37.68 44.87
C GLU A 1052 21.85 -38.07 43.40
N LEU A 1053 22.76 -38.98 43.06
CA LEU A 1053 22.90 -39.45 41.68
C LEU A 1053 21.69 -40.27 41.24
N ASP A 1054 21.08 -39.86 40.13
CA ASP A 1054 19.90 -40.53 39.61
C ASP A 1054 20.25 -41.43 38.41
N TYR A 1055 21.33 -41.11 37.72
CA TYR A 1055 21.71 -41.86 36.52
C TYR A 1055 23.20 -42.13 36.43
N PHE A 1056 23.51 -43.34 35.97
CA PHE A 1056 24.88 -43.75 35.68
C PHE A 1056 24.83 -44.53 34.38
N ILE A 1057 25.08 -43.84 33.28
CA ILE A 1057 24.85 -44.40 31.95
C ILE A 1057 26.16 -44.50 31.17
N CYS A 1058 26.31 -45.61 30.47
CA CYS A 1058 27.47 -45.86 29.62
C CYS A 1058 27.04 -46.09 28.18
N PHE A 1059 27.46 -45.20 27.27
CA PHE A 1059 27.14 -45.33 25.85
C PHE A 1059 28.25 -46.00 25.06
N SER A 1060 27.88 -46.72 24.01
CA SER A 1060 28.83 -47.41 23.15
C SER A 1060 28.13 -48.10 21.98
N SER A 1061 28.92 -48.63 21.05
CA SER A 1061 28.40 -49.42 19.94
C SER A 1061 28.77 -50.90 20.11
N VAL A 1062 28.06 -51.77 19.39
CA VAL A 1062 28.30 -53.21 19.49
C VAL A 1062 29.60 -53.58 18.76
N SER A 1063 30.29 -54.58 19.32
CA SER A 1063 31.54 -55.08 18.74
C SER A 1063 32.50 -53.96 18.39
N GLN A 1071 37.78 -54.67 16.33
CA GLN A 1071 38.64 -54.85 17.49
C GLN A 1071 38.04 -55.75 18.55
N THR A 1072 38.92 -56.49 19.23
CA THR A 1072 38.53 -57.41 20.29
C THR A 1072 38.49 -56.67 21.63
N ASN A 1073 39.32 -55.65 21.78
CA ASN A 1073 39.40 -54.89 23.02
C ASN A 1073 38.19 -53.99 23.23
N TYR A 1074 37.57 -53.55 22.15
CA TYR A 1074 36.39 -52.70 22.27
C TYR A 1074 35.24 -53.55 22.80
N GLY A 1075 35.12 -54.76 22.28
CA GLY A 1075 34.08 -55.68 22.72
C GLY A 1075 34.21 -55.99 24.19
N LEU A 1076 35.45 -56.09 24.67
CA LEU A 1076 35.70 -56.40 26.07
C LEU A 1076 35.40 -55.18 26.95
N ALA A 1077 35.55 -53.99 26.38
CA ALA A 1077 35.22 -52.77 27.11
C ALA A 1077 33.71 -52.73 27.33
N ASN A 1078 32.95 -53.15 26.32
CA ASN A 1078 31.51 -53.25 26.44
C ASN A 1078 31.14 -54.24 27.54
N SER A 1079 31.70 -55.44 27.46
CA SER A 1079 31.44 -56.48 28.45
C SER A 1079 31.66 -55.93 29.86
N ALA A 1080 32.75 -55.20 30.04
CA ALA A 1080 33.08 -54.62 31.33
C ALA A 1080 32.02 -53.61 31.79
N MET A 1081 31.66 -52.69 30.91
CA MET A 1081 30.65 -51.68 31.23
C MET A 1081 29.30 -52.32 31.55
N GLU A 1082 28.98 -53.38 30.84
CA GLU A 1082 27.76 -54.14 31.09
C GLU A 1082 27.73 -54.65 32.52
N ARG A 1083 28.83 -55.24 32.94
CA ARG A 1083 28.93 -55.84 34.27
C ARG A 1083 28.89 -54.75 35.35
N ILE A 1084 29.60 -53.66 35.12
CA ILE A 1084 29.61 -52.54 36.05
C ILE A 1084 28.20 -52.07 36.37
N CYS A 1085 27.38 -51.91 35.34
CA CYS A 1085 26.02 -51.42 35.52
C CYS A 1085 25.14 -52.47 36.18
N GLU A 1086 25.34 -53.73 35.82
CA GLU A 1086 24.60 -54.83 36.43
C GLU A 1086 24.94 -54.89 37.92
N GLN A 1087 26.23 -54.84 38.23
CA GLN A 1087 26.69 -54.93 39.61
C GLN A 1087 26.15 -53.76 40.42
N ARG A 1088 26.17 -52.57 39.83
CA ARG A 1088 25.66 -51.38 40.49
C ARG A 1088 24.21 -51.59 40.93
N GLN A 1089 23.38 -52.09 40.02
CA GLN A 1089 21.97 -52.33 40.33
C GLN A 1089 21.81 -53.38 41.43
N VAL A 1090 22.66 -54.41 41.40
CA VAL A 1090 22.63 -55.44 42.43
C VAL A 1090 22.79 -54.76 43.79
N SER A 1091 23.77 -53.87 43.88
CA SER A 1091 24.06 -53.18 45.14
C SER A 1091 23.17 -51.96 45.34
N GLY A 1092 22.10 -51.85 44.56
CA GLY A 1092 21.12 -50.80 44.74
C GLY A 1092 21.57 -49.43 44.26
N PHE A 1093 22.08 -49.37 43.04
CA PHE A 1093 22.48 -48.11 42.43
C PHE A 1093 21.94 -48.01 41.01
N PRO A 1094 21.75 -46.78 40.51
CA PRO A 1094 21.35 -46.64 39.11
C PRO A 1094 22.48 -47.08 38.19
N GLY A 1095 22.14 -47.82 37.14
CA GLY A 1095 23.13 -48.24 36.18
C GLY A 1095 22.49 -48.73 34.90
N THR A 1096 22.93 -48.15 33.79
CA THR A 1096 22.34 -48.44 32.49
C THR A 1096 23.40 -48.44 31.43
N ALA A 1097 23.49 -49.52 30.68
CA ALA A 1097 24.39 -49.59 29.54
C ALA A 1097 23.56 -49.46 28.27
N ILE A 1098 23.92 -48.49 27.42
CA ILE A 1098 23.21 -48.25 26.17
C ILE A 1098 24.11 -48.63 25.01
N GLN A 1099 23.63 -49.55 24.18
CA GLN A 1099 24.39 -50.02 23.03
C GLN A 1099 23.63 -49.81 21.72
N TRP A 1100 24.34 -49.32 20.71
CA TRP A 1100 23.77 -49.08 19.39
C TRP A 1100 23.86 -50.34 18.54
N HIS A 1143 23.90 -34.53 14.53
CA HIS A 1143 23.61 -35.83 15.11
C HIS A 1143 22.14 -35.91 15.51
N PRO A 1144 21.25 -36.02 14.52
CA PRO A 1144 19.81 -36.08 14.82
C PRO A 1144 19.40 -37.32 15.60
N VAL A 1145 20.16 -38.40 15.47
CA VAL A 1145 19.80 -39.67 16.09
C VAL A 1145 19.89 -39.62 17.61
N VAL A 1146 20.83 -38.84 18.14
CA VAL A 1146 21.05 -38.78 19.58
C VAL A 1146 19.82 -38.28 20.32
N ALA A 1147 19.29 -37.15 19.87
CA ALA A 1147 18.13 -36.54 20.51
C ALA A 1147 16.93 -37.48 20.49
N SER A 1148 16.76 -38.17 19.37
CA SER A 1148 15.64 -39.09 19.19
C SER A 1148 15.75 -40.27 20.14
N MET A 1149 16.96 -40.79 20.31
CA MET A 1149 17.19 -41.92 21.19
C MET A 1149 17.00 -41.52 22.66
N LEU A 1150 17.55 -40.36 23.02
CA LEU A 1150 17.46 -39.88 24.40
C LEU A 1150 16.00 -39.66 24.81
N GLU A 1151 15.17 -39.18 23.89
CA GLU A 1151 13.76 -38.97 24.18
C GLU A 1151 13.11 -40.28 24.60
N VAL A 1152 13.37 -41.34 23.82
CA VAL A 1152 12.79 -42.65 24.07
C VAL A 1152 13.28 -43.19 25.41
N LEU A 1153 14.60 -43.11 25.63
CA LEU A 1153 15.20 -43.63 26.84
C LEU A 1153 14.56 -43.03 28.10
N PHE A 1154 14.36 -41.72 28.10
CA PHE A 1154 13.79 -41.04 29.27
C PHE A 1154 12.28 -40.88 29.20
N GLN A 1155 11.67 -41.40 28.12
CA GLN A 1155 10.21 -41.41 28.03
C GLN A 1155 9.69 -42.51 28.96
N GLY A 1156 9.58 -42.21 30.24
CA GLY A 1156 9.12 -43.20 31.21
C GLY A 1156 10.31 -43.91 31.82
N PRO A 1157 10.05 -44.79 32.80
CA PRO A 1157 11.11 -45.54 33.48
C PRO A 1157 11.80 -46.58 32.60
N HIS A 1158 13.12 -46.69 32.75
CA HIS A 1158 13.95 -47.66 32.03
C HIS A 1158 14.99 -48.23 32.97
N PRO A 1159 14.59 -49.17 33.84
CA PRO A 1159 15.43 -49.68 34.93
C PRO A 1159 16.36 -50.84 34.59
N ALA A 1160 16.29 -51.40 33.39
CA ALA A 1160 17.14 -52.54 33.05
C ALA A 1160 18.60 -52.07 32.93
N PHE A 1161 19.53 -52.99 33.19
CA PHE A 1161 20.94 -52.64 33.26
C PHE A 1161 21.59 -52.54 31.88
N LEU A 1162 21.00 -53.20 30.88
CA LEU A 1162 21.51 -53.13 29.52
C LEU A 1162 20.39 -52.96 28.50
N TYR A 1163 20.57 -52.06 27.54
CA TYR A 1163 19.59 -51.83 26.47
C TYR A 1163 20.23 -51.86 25.09
N LYS A 1164 19.47 -52.35 24.11
CA LYS A 1164 19.90 -52.33 22.71
C LYS A 1164 19.12 -51.25 21.96
N VAL A 1165 19.82 -50.41 21.21
CA VAL A 1165 19.17 -49.35 20.45
C VAL A 1165 19.01 -49.80 19.01
N VAL A 1166 17.77 -49.87 18.54
CA VAL A 1166 17.48 -50.27 17.18
C VAL A 1166 17.18 -49.03 16.35
N SER A 1167 17.99 -48.80 15.33
CA SER A 1167 17.81 -47.64 14.46
C SER A 1167 16.94 -47.98 13.26
N HIS A 1168 16.06 -47.05 12.91
CA HIS A 1168 15.18 -47.21 11.76
C HIS A 1168 15.35 -46.02 10.82
N HIS A 1169 16.57 -45.50 10.75
CA HIS A 1169 16.86 -44.28 10.01
C HIS A 1169 17.44 -44.60 8.64
N GLU B 6 9.30 -5.93 -26.11
CA GLU B 6 8.02 -5.21 -26.06
C GLU B 6 7.36 -5.17 -27.43
N THR B 7 6.04 -4.98 -27.45
CA THR B 7 5.29 -4.87 -28.69
C THR B 7 5.12 -3.40 -29.07
N ILE B 8 5.47 -3.06 -30.31
CA ILE B 8 5.35 -1.70 -30.81
C ILE B 8 4.04 -1.54 -31.59
N VAL B 9 3.27 -0.53 -31.22
CA VAL B 9 2.02 -0.22 -31.91
C VAL B 9 2.06 1.22 -32.42
N GLU B 10 1.82 1.38 -33.72
CA GLU B 10 1.85 2.70 -34.35
C GLU B 10 0.45 3.18 -34.76
N VAL B 11 0.12 4.40 -34.35
CA VAL B 11 -1.14 5.03 -34.77
C VAL B 11 -0.80 6.32 -35.50
N ASP B 12 -1.41 6.50 -36.67
CA ASP B 12 -1.18 7.68 -37.49
C ASP B 12 -2.52 8.32 -37.84
N LEU B 13 -2.76 9.52 -37.33
CA LEU B 13 -4.05 10.18 -37.52
C LEU B 13 -4.31 10.57 -38.98
N SER B 14 -3.28 10.46 -39.81
CA SER B 14 -3.43 10.68 -41.24
C SER B 14 -4.09 9.46 -41.88
N LYS B 15 -4.04 8.34 -41.17
CA LYS B 15 -4.58 7.08 -41.68
C LYS B 15 -6.06 6.94 -41.33
N GLU B 16 -6.78 6.22 -42.18
CA GLU B 16 -8.23 6.10 -42.06
C GLU B 16 -8.70 5.49 -40.73
N ASP B 17 -7.96 4.50 -40.24
CA ASP B 17 -8.36 3.77 -39.04
C ASP B 17 -8.17 4.58 -37.76
N ASP B 18 -7.18 5.46 -37.73
CA ASP B 18 -6.84 6.22 -36.54
C ASP B 18 -7.28 7.68 -36.58
N ALA B 19 -7.87 8.10 -37.70
CA ALA B 19 -8.23 9.50 -37.90
C ALA B 19 -9.18 10.04 -36.83
N PHE B 20 -10.13 9.20 -36.39
CA PHE B 20 -11.13 9.61 -35.42
C PHE B 20 -10.54 10.20 -34.13
N LEU B 21 -9.31 9.81 -33.80
CA LEU B 21 -8.70 10.22 -32.53
C LEU B 21 -8.64 11.75 -32.40
N ALA B 22 -8.68 12.45 -33.52
CA ALA B 22 -8.66 13.91 -33.50
C ALA B 22 -9.88 14.46 -32.77
N GLY B 23 -10.94 13.67 -32.73
CA GLY B 23 -12.17 14.06 -32.06
C GLY B 23 -12.02 14.23 -30.56
N HIS B 24 -11.04 13.54 -29.97
CA HIS B 24 -10.80 13.64 -28.54
C HIS B 24 -9.89 14.81 -28.24
N THR B 25 -10.36 16.01 -28.58
CA THR B 25 -9.59 17.23 -28.36
C THR B 25 -9.92 17.81 -26.98
N ILE B 26 -8.88 18.11 -26.22
CA ILE B 26 -9.04 18.66 -24.88
C ILE B 26 -8.27 19.97 -24.78
N ASP B 27 -9.00 21.05 -24.48
CA ASP B 27 -8.41 22.37 -24.29
C ASP B 27 -7.54 22.77 -25.49
N GLY B 28 -8.07 22.56 -26.69
CA GLY B 28 -7.42 23.01 -27.91
C GLY B 28 -6.25 22.16 -28.40
N ARG B 29 -6.11 20.95 -27.87
CA ARG B 29 -5.08 20.04 -28.34
C ARG B 29 -5.58 18.60 -28.25
N ILE B 30 -5.10 17.76 -29.16
CA ILE B 30 -5.49 16.37 -29.21
C ILE B 30 -4.76 15.56 -28.15
N LEU B 31 -5.51 14.85 -27.33
CA LEU B 31 -4.95 13.98 -26.31
C LEU B 31 -5.30 12.55 -26.61
N PHE B 32 -4.31 11.65 -26.57
CA PHE B 32 -4.60 10.25 -26.74
C PHE B 32 -5.45 9.83 -25.55
N PRO B 33 -6.70 9.37 -25.81
CA PRO B 33 -7.60 9.11 -24.69
C PRO B 33 -7.16 7.97 -23.80
N ALA B 34 -7.45 8.08 -22.51
CA ALA B 34 -7.19 7.03 -21.55
C ALA B 34 -7.76 5.70 -22.05
N THR B 35 -8.96 5.76 -22.61
CA THR B 35 -9.62 4.58 -23.15
C THR B 35 -8.92 4.09 -24.41
N GLY B 36 -8.13 4.97 -25.03
CA GLY B 36 -7.31 4.57 -26.15
C GLY B 36 -6.25 3.58 -25.70
N TYR B 37 -5.56 3.92 -24.61
CA TYR B 37 -4.57 3.04 -24.02
C TYR B 37 -5.19 1.72 -23.57
N MET B 38 -6.34 1.81 -22.92
CA MET B 38 -7.01 0.61 -22.42
C MET B 38 -7.30 -0.33 -23.58
N THR B 39 -7.75 0.22 -24.70
CA THR B 39 -8.05 -0.58 -25.88
C THR B 39 -6.78 -1.20 -26.46
N LEU B 40 -5.73 -0.38 -26.60
CA LEU B 40 -4.46 -0.88 -27.13
C LEU B 40 -3.93 -2.02 -26.26
N ALA B 41 -4.00 -1.83 -24.94
CA ALA B 41 -3.57 -2.86 -24.01
C ALA B 41 -4.45 -4.09 -24.16
N TRP B 42 -5.76 -3.85 -24.31
CA TRP B 42 -6.73 -4.92 -24.49
C TRP B 42 -6.46 -5.68 -25.78
N GLN B 43 -6.28 -4.95 -26.87
CA GLN B 43 -6.11 -5.55 -28.18
C GLN B 43 -4.87 -6.44 -28.25
N THR B 44 -3.71 -5.86 -27.97
CA THR B 44 -2.46 -6.60 -28.07
C THR B 44 -2.46 -7.82 -27.16
N PHE B 45 -3.08 -7.68 -25.99
CA PHE B 45 -3.14 -8.78 -25.02
C PHE B 45 -3.88 -9.97 -25.61
N ALA B 46 -4.93 -9.70 -26.37
CA ALA B 46 -5.68 -10.76 -27.04
C ALA B 46 -4.86 -11.36 -28.17
N LYS B 47 -4.03 -10.52 -28.79
CA LYS B 47 -3.21 -10.95 -29.92
C LYS B 47 -2.22 -12.03 -29.51
N MET B 48 -1.52 -11.80 -28.40
CA MET B 48 -0.54 -12.76 -27.91
C MET B 48 -1.21 -13.96 -27.25
N GLN B 49 -2.43 -13.75 -26.75
CA GLN B 49 -3.21 -14.85 -26.19
C GLN B 49 -3.82 -15.73 -27.29
N GLY B 50 -3.80 -15.23 -28.53
CA GLY B 50 -4.25 -16.01 -29.66
C GLY B 50 -5.62 -15.64 -30.21
N SER B 51 -6.42 -14.95 -29.40
CA SER B 51 -7.81 -14.66 -29.78
C SER B 51 -7.97 -13.28 -30.41
N GLU B 52 -9.16 -13.01 -30.92
CA GLU B 52 -9.52 -11.68 -31.39
C GLU B 52 -10.05 -10.88 -30.21
N PHE B 53 -9.72 -9.61 -30.15
CA PHE B 53 -10.01 -8.80 -28.97
C PHE B 53 -11.51 -8.65 -28.72
N HIS B 54 -12.30 -8.64 -29.79
CA HIS B 54 -13.75 -8.50 -29.66
C HIS B 54 -14.41 -9.81 -29.23
N LYS B 55 -13.62 -10.90 -29.20
CA LYS B 55 -14.11 -12.19 -28.73
C LYS B 55 -13.48 -12.58 -27.39
N THR B 56 -12.69 -11.68 -26.81
CA THR B 56 -11.91 -11.99 -25.63
C THR B 56 -12.28 -11.07 -24.45
N PRO B 57 -12.99 -11.63 -23.45
CA PRO B 57 -13.30 -10.83 -22.25
C PRO B 57 -12.09 -10.67 -21.33
N VAL B 58 -11.97 -9.50 -20.70
CA VAL B 58 -10.83 -9.22 -19.83
C VAL B 58 -11.25 -8.45 -18.58
N VAL B 59 -10.37 -8.45 -17.58
CA VAL B 59 -10.55 -7.65 -16.38
C VAL B 59 -9.28 -6.87 -16.11
N MET B 60 -9.36 -5.54 -16.23
CA MET B 60 -8.22 -4.68 -15.96
C MET B 60 -8.28 -4.17 -14.52
N GLU B 61 -7.12 -4.03 -13.88
CA GLU B 61 -7.07 -3.59 -12.50
C GLU B 61 -5.94 -2.59 -12.26
N ASN B 62 -6.16 -1.68 -11.31
CA ASN B 62 -5.15 -0.70 -10.88
C ASN B 62 -4.56 0.07 -12.07
N LEU B 63 -5.43 0.53 -12.96
CA LEU B 63 -5.00 1.33 -14.09
C LEU B 63 -4.50 2.69 -13.63
N VAL B 64 -3.32 3.08 -14.09
CA VAL B 64 -2.75 4.38 -13.77
C VAL B 64 -2.38 5.11 -15.06
N PHE B 65 -2.90 6.33 -15.20
CA PHE B 65 -2.57 7.19 -16.32
C PHE B 65 -1.62 8.26 -15.83
N HIS B 66 -0.33 8.03 -16.03
CA HIS B 66 0.73 8.82 -15.42
C HIS B 66 0.82 10.22 -16.01
N ARG B 67 0.51 10.35 -17.29
CA ARG B 67 0.60 11.64 -17.97
C ARG B 67 -0.27 11.67 -19.22
N ALA B 68 -0.55 12.88 -19.70
CA ALA B 68 -1.32 13.05 -20.92
C ALA B 68 -0.41 12.90 -22.12
N THR B 69 -0.97 12.40 -23.22
CA THR B 69 -0.22 12.25 -24.47
C THR B 69 -0.75 13.21 -25.52
N ILE B 70 0.06 14.18 -25.91
CA ILE B 70 -0.35 15.19 -26.89
C ILE B 70 0.11 14.80 -28.28
N LEU B 71 -0.79 14.95 -29.25
CA LEU B 71 -0.50 14.67 -30.65
C LEU B 71 -0.76 15.92 -31.50
N ASN B 72 0.02 16.07 -32.56
CA ASN B 72 -0.21 17.17 -33.51
C ASN B 72 -1.21 16.69 -34.55
N LYS B 73 -1.29 17.37 -35.69
CA LYS B 73 -2.21 16.92 -36.74
C LYS B 73 -1.65 15.68 -37.43
N ASN B 74 -0.40 15.73 -37.84
CA ASN B 74 0.25 14.57 -38.45
C ASN B 74 0.15 13.38 -37.52
N ALA B 75 0.57 13.57 -36.28
CA ALA B 75 0.40 12.59 -35.22
C ALA B 75 0.75 11.17 -35.66
N VAL B 76 2.02 10.94 -35.96
CA VAL B 76 2.53 9.58 -36.08
C VAL B 76 3.24 9.28 -34.76
N VAL B 77 2.63 8.42 -33.96
CA VAL B 77 3.16 8.13 -32.63
C VAL B 77 3.27 6.64 -32.39
N LYS B 78 4.36 6.22 -31.76
CA LYS B 78 4.61 4.81 -31.48
C LYS B 78 4.48 4.51 -29.99
N PHE B 79 3.63 3.54 -29.69
CA PHE B 79 3.41 3.09 -28.33
C PHE B 79 4.11 1.74 -28.10
N GLY B 80 4.86 1.65 -27.01
CA GLY B 80 5.51 0.41 -26.64
C GLY B 80 4.79 -0.26 -25.51
N ILE B 81 4.38 -1.51 -25.73
CA ILE B 81 3.58 -2.26 -24.76
C ILE B 81 4.33 -3.50 -24.30
N ASN B 82 4.23 -3.81 -23.01
CA ASN B 82 4.89 -4.99 -22.44
C ASN B 82 4.03 -5.63 -21.36
N PHE B 83 4.07 -6.96 -21.29
CA PHE B 83 3.26 -7.72 -20.33
C PHE B 83 4.10 -8.71 -19.53
N PHE B 84 3.76 -8.85 -18.25
CA PHE B 84 4.34 -9.86 -17.38
C PHE B 84 3.41 -11.08 -17.34
N ASP B 85 3.89 -12.22 -17.81
CA ASP B 85 3.11 -13.46 -17.77
C ASP B 85 2.71 -13.81 -16.34
N GLY B 86 3.58 -13.48 -15.39
CA GLY B 86 3.39 -13.85 -14.00
C GLY B 86 2.20 -13.20 -13.31
N THR B 87 2.17 -11.87 -13.32
CA THR B 87 1.16 -11.12 -12.58
C THR B 87 0.08 -10.52 -13.48
N GLY B 88 0.40 -10.36 -14.76
CA GLY B 88 -0.51 -9.74 -15.69
C GLY B 88 -0.31 -8.23 -15.76
N ALA B 89 0.71 -7.75 -15.05
CA ALA B 89 1.04 -6.33 -15.06
C ALA B 89 1.51 -5.92 -16.46
N PHE B 90 1.06 -4.75 -16.91
CA PHE B 90 1.47 -4.24 -18.20
C PHE B 90 1.93 -2.79 -18.08
N GLU B 91 2.62 -2.32 -19.11
CA GLU B 91 3.07 -0.94 -19.17
C GLU B 91 3.05 -0.47 -20.62
N ILE B 92 2.64 0.77 -20.82
CA ILE B 92 2.69 1.38 -22.15
C ILE B 92 3.57 2.61 -22.06
N CYS B 93 4.62 2.66 -22.87
CA CYS B 93 5.47 3.83 -22.91
C CYS B 93 5.35 4.51 -24.26
N GLU B 94 5.36 5.84 -24.24
CA GLU B 94 5.29 6.63 -25.46
C GLU B 94 6.43 7.64 -25.43
N SER B 95 7.12 7.79 -26.54
CA SER B 95 8.26 8.71 -26.63
C SER B 95 9.22 8.55 -25.45
N GLY B 96 9.71 7.32 -25.27
CA GLY B 96 10.72 7.04 -24.26
C GLY B 96 10.34 7.29 -22.81
N SER B 97 9.05 7.37 -22.50
CA SER B 97 8.63 7.58 -21.11
C SER B 97 7.32 6.84 -20.81
N LEU B 98 7.17 6.39 -19.56
CA LEU B 98 5.99 5.63 -19.16
C LEU B 98 4.75 6.48 -19.29
N ALA B 99 3.70 5.90 -19.87
CA ALA B 99 2.43 6.59 -20.05
C ALA B 99 1.36 5.98 -19.16
N VAL B 100 1.13 4.68 -19.31
CA VAL B 100 0.08 4.00 -18.58
C VAL B 100 0.58 2.67 -18.03
N SER B 101 0.08 2.30 -16.87
CA SER B 101 0.41 1.02 -16.24
C SER B 101 -0.83 0.41 -15.63
N GLY B 102 -0.81 -0.90 -15.41
CA GLY B 102 -1.91 -1.59 -14.79
C GLY B 102 -1.81 -3.11 -14.87
N LYS B 103 -2.93 -3.77 -14.58
CA LYS B 103 -2.99 -5.23 -14.60
C LYS B 103 -4.14 -5.68 -15.49
N ILE B 104 -3.95 -6.81 -16.17
CA ILE B 104 -4.97 -7.34 -17.07
C ILE B 104 -5.01 -8.86 -16.96
N THR B 105 -6.21 -9.41 -16.80
CA THR B 105 -6.36 -10.86 -16.68
C THR B 105 -7.63 -11.35 -17.36
N ILE B 106 -7.58 -12.57 -17.88
CA ILE B 106 -8.75 -13.22 -18.46
C ILE B 106 -9.46 -13.97 -17.34
N PRO B 107 -10.68 -13.54 -16.98
CA PRO B 107 -11.35 -14.13 -15.82
C PRO B 107 -11.88 -15.55 -16.07
N GLU B 108 -12.09 -16.29 -14.98
CA GLU B 108 -12.69 -17.61 -15.05
C GLU B 108 -14.08 -17.50 -15.63
N SER B 109 -14.88 -16.60 -15.05
CA SER B 109 -16.24 -16.37 -15.50
C SER B 109 -16.48 -14.86 -15.59
N ILE B 110 -16.56 -14.35 -16.81
CA ILE B 110 -16.68 -12.92 -17.04
C ILE B 110 -17.98 -12.38 -16.42
N ASP B 111 -19.02 -13.21 -16.40
CA ASP B 111 -20.31 -12.80 -15.85
C ASP B 111 -20.23 -12.58 -14.35
N ASN B 112 -19.42 -13.41 -13.66
CA ASN B 112 -19.31 -13.32 -12.21
C ASN B 112 -18.46 -12.14 -11.78
N GLU B 113 -17.69 -11.57 -12.71
CA GLU B 113 -16.84 -10.43 -12.40
C GLU B 113 -17.65 -9.14 -12.41
N GLU B 114 -18.89 -9.22 -12.88
CA GLU B 114 -19.76 -8.05 -12.97
C GLU B 114 -20.58 -7.89 -11.69
N LEU B 115 -21.16 -6.71 -11.51
CA LEU B 115 -21.98 -6.41 -10.34
C LEU B 115 -23.46 -6.62 -10.63
N PRO B 116 -24.22 -7.16 -9.65
CA PRO B 116 -25.65 -7.34 -9.87
C PRO B 116 -26.42 -6.03 -9.76
N LEU B 117 -26.36 -5.23 -10.83
CA LEU B 117 -26.98 -3.91 -10.84
C LEU B 117 -28.13 -3.79 -11.84
N GLU B 118 -29.25 -3.24 -11.37
CA GLU B 118 -30.40 -2.97 -12.22
C GLU B 118 -30.41 -1.50 -12.60
N GLU B 119 -31.01 -1.19 -13.74
CA GLU B 119 -31.06 0.20 -14.21
C GLU B 119 -31.69 1.09 -13.15
N GLN B 120 -31.26 2.34 -13.11
CA GLN B 120 -31.80 3.31 -12.17
C GLN B 120 -32.98 4.04 -12.79
N THR B 121 -33.87 4.55 -11.95
CA THR B 121 -35.00 5.33 -12.43
C THR B 121 -34.52 6.74 -12.75
N PRO B 122 -34.75 7.22 -13.99
CA PRO B 122 -34.26 8.55 -14.35
C PRO B 122 -34.77 9.65 -13.40
N SER B 123 -33.93 10.65 -13.18
CA SER B 123 -34.31 11.78 -12.33
C SER B 123 -35.31 12.68 -13.03
N ALA B 124 -36.35 13.09 -12.30
CA ALA B 124 -37.38 13.95 -12.85
C ALA B 124 -37.41 15.31 -12.16
N VAL B 125 -36.29 15.69 -11.55
CA VAL B 125 -36.19 16.96 -10.86
C VAL B 125 -36.19 18.09 -11.89
N ALA B 126 -35.56 17.84 -13.04
CA ALA B 126 -35.50 18.82 -14.11
C ALA B 126 -35.47 18.12 -15.47
N LYS B 127 -35.61 18.91 -16.53
CA LYS B 127 -35.64 18.38 -17.90
C LYS B 127 -34.39 17.59 -18.24
N GLU B 128 -34.55 16.57 -19.08
CA GLU B 128 -33.41 15.77 -19.53
C GLU B 128 -32.55 16.56 -20.49
N LEU B 129 -31.28 16.18 -20.61
CA LEU B 129 -30.34 16.84 -21.49
C LEU B 129 -30.26 16.15 -22.85
N GLY B 130 -30.27 16.94 -23.91
CA GLY B 130 -30.02 16.42 -25.25
C GLY B 130 -28.53 16.38 -25.54
N THR B 131 -28.16 15.86 -26.70
CA THR B 131 -26.77 15.79 -27.10
C THR B 131 -26.14 17.19 -27.11
N ASN B 132 -26.89 18.18 -27.57
CA ASN B 132 -26.39 19.54 -27.66
C ASN B 132 -26.29 20.18 -26.27
N ASP B 133 -27.25 19.88 -25.41
CA ASP B 133 -27.22 20.36 -24.03
C ASP B 133 -25.97 19.83 -23.34
N VAL B 134 -25.74 18.53 -23.48
CA VAL B 134 -24.61 17.87 -22.82
C VAL B 134 -23.27 18.47 -23.19
N TYR B 135 -23.03 18.61 -24.49
CA TYR B 135 -21.69 18.99 -24.97
C TYR B 135 -21.50 20.50 -24.98
N LYS B 136 -22.60 21.24 -24.89
CA LYS B 136 -22.53 22.67 -24.64
C LYS B 136 -21.91 22.89 -23.27
N GLU B 137 -22.41 22.14 -22.29
CA GLU B 137 -21.89 22.17 -20.93
C GLU B 137 -20.41 21.83 -20.89
N LEU B 138 -20.05 20.72 -21.52
CA LEU B 138 -18.67 20.23 -21.51
C LEU B 138 -17.73 21.21 -22.21
N ARG B 139 -18.18 21.76 -23.34
CA ARG B 139 -17.38 22.76 -24.06
C ARG B 139 -16.95 23.88 -23.12
N LEU B 140 -17.88 24.35 -22.30
CA LEU B 140 -17.59 25.44 -21.37
C LEU B 140 -16.56 25.03 -20.33
N ARG B 141 -16.45 23.73 -20.08
CA ARG B 141 -15.49 23.23 -19.09
C ARG B 141 -14.08 23.06 -19.67
N GLY B 142 -13.99 23.02 -20.99
CA GLY B 142 -12.71 22.87 -21.66
C GLY B 142 -12.65 21.69 -22.62
N TYR B 143 -13.60 20.78 -22.51
CA TYR B 143 -13.65 19.62 -23.39
C TYR B 143 -14.17 20.00 -24.78
N ASP B 144 -13.34 19.81 -25.80
CA ASP B 144 -13.71 20.13 -27.17
C ASP B 144 -13.90 18.87 -28.00
N TYR B 145 -14.85 18.03 -27.59
CA TYR B 145 -15.08 16.76 -28.26
C TYR B 145 -15.64 16.98 -29.66
N GLY B 146 -15.27 16.08 -30.57
CA GLY B 146 -15.71 16.15 -31.94
C GLY B 146 -15.87 14.76 -32.55
N GLY B 147 -16.54 14.70 -33.70
CA GLY B 147 -16.77 13.43 -34.36
C GLY B 147 -17.50 12.44 -33.49
N ILE B 148 -17.05 11.20 -33.53
CA ILE B 148 -17.72 10.11 -32.83
C ILE B 148 -17.58 10.23 -31.31
N PHE B 149 -16.67 11.09 -30.86
CA PHE B 149 -16.49 11.30 -29.42
C PHE B 149 -17.65 12.10 -28.83
N ARG B 150 -18.51 12.62 -29.69
CA ARG B 150 -19.76 13.23 -29.26
C ARG B 150 -20.85 12.16 -29.18
N GLY B 151 -20.62 11.15 -28.34
CA GLY B 151 -21.46 9.97 -28.33
C GLY B 151 -22.55 9.92 -27.27
N ILE B 152 -22.59 10.92 -26.40
CA ILE B 152 -23.67 11.03 -25.43
C ILE B 152 -24.90 11.60 -26.13
N VAL B 153 -25.85 10.72 -26.44
CA VAL B 153 -27.10 11.16 -27.08
C VAL B 153 -28.01 11.85 -26.07
N ARG B 154 -28.09 11.32 -24.86
CA ARG B 154 -29.05 11.84 -23.87
C ARG B 154 -28.59 11.59 -22.44
N SER B 155 -29.02 12.46 -21.52
CA SER B 155 -28.72 12.30 -20.10
C SER B 155 -29.76 12.99 -19.23
N ASP B 156 -30.04 12.43 -18.06
CA ASP B 156 -30.93 13.07 -17.11
C ASP B 156 -30.20 14.22 -16.41
N THR B 157 -30.96 15.06 -15.71
CA THR B 157 -30.43 16.31 -15.17
C THR B 157 -29.24 16.13 -14.23
N VAL B 158 -29.17 14.98 -13.54
CA VAL B 158 -28.08 14.73 -12.61
C VAL B 158 -27.06 13.76 -13.19
N ALA B 159 -27.28 13.32 -14.43
CA ALA B 159 -26.39 12.38 -15.10
C ALA B 159 -26.23 11.11 -14.27
N SER B 160 -27.34 10.55 -13.82
CA SER B 160 -27.33 9.27 -13.13
C SER B 160 -27.66 8.18 -14.14
N THR B 161 -28.47 8.54 -15.13
CA THR B 161 -28.80 7.66 -16.23
C THR B 161 -28.74 8.43 -17.54
N GLY B 162 -28.55 7.71 -18.65
CA GLY B 162 -28.45 8.33 -19.94
C GLY B 162 -28.27 7.31 -21.04
N LYS B 163 -27.87 7.78 -22.22
CA LYS B 163 -27.67 6.89 -23.35
C LYS B 163 -26.42 7.28 -24.16
N LEU B 164 -25.71 6.27 -24.65
CA LEU B 164 -24.51 6.47 -25.46
C LEU B 164 -24.66 5.75 -26.78
N GLN B 165 -24.28 6.40 -27.88
CA GLN B 165 -24.40 5.76 -29.18
C GLN B 165 -23.24 4.78 -29.40
N TRP B 166 -23.42 3.88 -30.35
CA TRP B 166 -22.42 2.87 -30.66
C TRP B 166 -22.09 2.90 -32.15
N VAL B 167 -20.82 3.17 -32.45
CA VAL B 167 -20.36 3.26 -33.83
C VAL B 167 -19.23 2.27 -34.08
N ASP B 168 -19.33 1.10 -33.46
CA ASP B 168 -18.31 0.06 -33.62
C ASP B 168 -16.92 0.60 -33.29
N ASN B 169 -16.82 1.29 -32.17
CA ASN B 169 -15.55 1.88 -31.72
C ASN B 169 -15.49 1.91 -30.20
N TRP B 170 -14.69 1.02 -29.62
CA TRP B 170 -14.61 0.88 -28.17
C TRP B 170 -13.95 2.09 -27.50
N ILE B 171 -12.96 2.66 -28.18
CA ILE B 171 -12.23 3.79 -27.62
C ILE B 171 -13.19 4.95 -27.37
N SER B 172 -13.94 5.34 -28.40
CA SER B 172 -14.89 6.43 -28.29
C SER B 172 -15.99 6.11 -27.27
N PHE B 173 -16.54 4.91 -27.35
CA PHE B 173 -17.66 4.53 -26.51
C PHE B 173 -17.29 4.58 -25.02
N MET B 174 -16.16 3.96 -24.68
CA MET B 174 -15.73 3.94 -23.29
C MET B 174 -15.39 5.35 -22.81
N ASP B 175 -14.92 6.19 -23.72
CA ASP B 175 -14.61 7.57 -23.37
C ASP B 175 -15.89 8.31 -22.96
N THR B 176 -16.97 8.10 -23.70
CA THR B 176 -18.23 8.75 -23.39
C THR B 176 -18.74 8.33 -22.02
N MET B 177 -18.35 7.13 -21.59
CA MET B 177 -18.69 6.69 -20.24
C MET B 177 -17.96 7.58 -19.23
N LEU B 178 -16.73 7.96 -19.56
CA LEU B 178 -15.96 8.86 -18.71
C LEU B 178 -16.51 10.28 -18.81
N GLN B 179 -16.92 10.67 -20.01
CA GLN B 179 -17.58 11.95 -20.20
C GLN B 179 -18.83 12.05 -19.33
N PHE B 180 -19.63 10.98 -19.36
CA PHE B 180 -20.90 10.95 -18.66
C PHE B 180 -20.71 11.09 -17.15
N SER B 181 -19.65 10.45 -16.64
CA SER B 181 -19.36 10.52 -15.21
C SER B 181 -18.92 11.94 -14.83
N ILE B 182 -18.30 12.63 -15.77
CA ILE B 182 -17.80 13.97 -15.53
C ILE B 182 -18.95 14.97 -15.49
N LEU B 183 -20.04 14.67 -16.17
CA LEU B 183 -21.21 15.54 -16.18
C LEU B 183 -21.72 15.75 -14.76
N SER B 184 -21.80 14.66 -14.01
CA SER B 184 -22.35 14.68 -12.66
C SER B 184 -21.48 15.50 -11.70
N LYS B 185 -20.22 15.68 -12.04
CA LYS B 185 -19.31 16.44 -11.20
C LYS B 185 -19.77 17.90 -11.15
N ASN B 186 -19.81 18.45 -9.95
CA ASN B 186 -20.41 19.77 -9.73
C ASN B 186 -19.54 20.91 -10.27
N LEU B 187 -18.24 20.83 -10.03
CA LEU B 187 -17.33 21.87 -10.48
C LEU B 187 -17.20 21.85 -12.00
N ARG B 188 -17.43 22.99 -12.64
CA ARG B 188 -17.40 23.07 -14.09
C ARG B 188 -15.99 23.40 -14.59
N GLU B 189 -15.06 22.50 -14.33
CA GLU B 189 -13.67 22.68 -14.75
C GLU B 189 -13.16 21.44 -15.45
N LEU B 190 -11.92 21.50 -15.93
CA LEU B 190 -11.33 20.42 -16.72
C LEU B 190 -10.78 19.31 -15.84
N TYR B 191 -11.35 18.11 -15.98
CA TYR B 191 -10.87 16.93 -15.26
C TYR B 191 -10.34 15.88 -16.24
N LEU B 192 -9.21 15.26 -15.89
CA LEU B 192 -8.66 14.19 -16.69
C LEU B 192 -8.48 12.94 -15.84
N PRO B 193 -8.76 11.75 -16.42
CA PRO B 193 -8.63 10.52 -15.64
C PRO B 193 -7.24 10.34 -15.03
N THR B 194 -7.21 9.87 -13.78
CA THR B 194 -5.96 9.58 -13.09
C THR B 194 -5.81 8.08 -12.87
N ARG B 195 -6.87 7.47 -12.36
CA ARG B 195 -6.87 6.04 -12.06
C ARG B 195 -8.22 5.39 -12.35
N ILE B 196 -8.19 4.09 -12.59
CA ILE B 196 -9.40 3.28 -12.65
C ILE B 196 -9.12 1.98 -11.93
N GLU B 197 -9.87 1.73 -10.86
CA GLU B 197 -9.65 0.57 -10.02
C GLU B 197 -9.92 -0.74 -10.76
N ARG B 198 -11.06 -0.80 -11.45
CA ARG B 198 -11.45 -2.01 -12.17
C ARG B 198 -12.21 -1.68 -13.43
N ALA B 199 -11.91 -2.40 -14.50
CA ALA B 199 -12.61 -2.26 -15.76
C ALA B 199 -12.99 -3.63 -16.30
N VAL B 200 -14.26 -3.98 -16.19
CA VAL B 200 -14.77 -5.27 -16.66
C VAL B 200 -15.32 -5.12 -18.06
N ILE B 201 -14.77 -5.89 -19.00
CA ILE B 201 -15.20 -5.83 -20.39
C ILE B 201 -15.78 -7.18 -20.81
N ASN B 202 -17.04 -7.15 -21.25
CA ASN B 202 -17.74 -8.37 -21.66
C ASN B 202 -18.28 -8.20 -23.09
N PRO B 203 -17.45 -8.50 -24.10
CA PRO B 203 -17.86 -8.28 -25.49
C PRO B 203 -19.06 -9.12 -25.90
N ALA B 204 -19.11 -10.36 -25.44
CA ALA B 204 -20.21 -11.26 -25.80
C ALA B 204 -21.54 -10.65 -25.38
N LYS B 205 -21.59 -10.17 -24.15
CA LYS B 205 -22.81 -9.54 -23.62
C LYS B 205 -23.08 -8.25 -24.38
N HIS B 206 -22.01 -7.57 -24.76
CA HIS B 206 -22.10 -6.28 -25.45
C HIS B 206 -22.81 -6.41 -26.80
N PHE B 207 -22.38 -7.39 -27.60
CA PHE B 207 -22.87 -7.51 -28.96
C PHE B 207 -24.23 -8.20 -29.05
N GLU B 208 -24.55 -9.03 -28.07
CA GLU B 208 -25.86 -9.70 -28.06
C GLU B 208 -26.93 -8.71 -27.58
N LEU B 209 -26.51 -7.64 -26.91
CA LEU B 209 -27.41 -6.56 -26.56
C LEU B 209 -27.58 -5.61 -27.73
N LEU B 210 -26.51 -5.44 -28.51
CA LEU B 210 -26.55 -4.58 -29.69
C LEU B 210 -27.41 -5.20 -30.79
N SER B 211 -27.48 -6.53 -30.81
CA SER B 211 -28.29 -7.23 -31.81
C SER B 211 -29.77 -6.90 -31.63
N ALA B 212 -30.14 -6.49 -30.42
CA ALA B 212 -31.52 -6.13 -30.13
C ALA B 212 -31.83 -4.72 -30.62
N LEU B 213 -30.81 -4.05 -31.17
CA LEU B 213 -30.98 -2.69 -31.67
C LEU B 213 -30.64 -2.61 -33.16
N THR B 214 -31.33 -1.72 -33.87
CA THR B 214 -31.02 -1.45 -35.27
C THR B 214 -29.78 -0.57 -35.38
N LYS B 215 -29.09 -0.66 -36.51
CA LYS B 215 -27.95 0.22 -36.76
C LYS B 215 -28.33 1.68 -36.63
N GLU B 216 -29.59 1.99 -36.92
CA GLU B 216 -30.11 3.34 -36.74
C GLU B 216 -30.31 3.61 -35.25
N GLU B 217 -30.91 2.65 -34.57
CA GLU B 217 -31.15 2.77 -33.13
C GLU B 217 -29.84 2.91 -32.36
N GLN B 218 -28.83 2.15 -32.79
CA GLN B 218 -27.52 2.20 -32.15
C GLN B 218 -26.93 3.61 -32.14
N VAL B 219 -27.28 4.39 -33.17
CA VAL B 219 -26.72 5.73 -33.33
C VAL B 219 -27.70 6.78 -32.80
N GLU B 220 -28.97 6.62 -33.16
CA GLU B 220 -29.98 7.62 -32.82
C GLU B 220 -30.50 7.46 -31.40
N THR B 221 -30.51 6.23 -30.90
CA THR B 221 -31.05 5.95 -29.58
C THR B 221 -29.94 5.59 -28.59
N GLY B 222 -29.06 4.69 -28.98
CA GLY B 222 -27.90 4.36 -28.19
C GLY B 222 -28.14 3.33 -27.10
N LEU B 223 -27.12 3.08 -26.29
CA LEU B 223 -27.20 2.11 -25.20
C LEU B 223 -27.33 2.82 -23.86
N PRO B 224 -28.07 2.22 -22.91
CA PRO B 224 -28.18 2.84 -21.58
C PRO B 224 -26.85 2.89 -20.83
N VAL B 225 -26.61 4.01 -20.16
CA VAL B 225 -25.44 4.15 -19.29
C VAL B 225 -25.91 4.50 -17.89
N GLN B 226 -25.21 3.96 -16.89
CA GLN B 226 -25.60 4.15 -15.50
C GLN B 226 -24.44 4.73 -14.71
N TRP B 227 -24.75 5.65 -13.78
CA TRP B 227 -23.73 6.20 -12.90
C TRP B 227 -24.19 6.10 -11.44
N TYR B 228 -23.55 5.20 -10.69
CA TYR B 228 -23.85 5.03 -9.28
C TYR B 228 -22.79 5.76 -8.45
N SER B 229 -23.16 6.93 -7.93
CA SER B 229 -22.19 7.78 -7.24
C SER B 229 -21.73 7.21 -5.90
N ASP B 230 -22.62 6.49 -5.23
CA ASP B 230 -22.30 5.92 -3.92
C ASP B 230 -21.21 4.84 -4.02
N ILE B 231 -21.37 3.92 -4.97
CA ILE B 231 -20.43 2.81 -5.13
C ILE B 231 -19.34 3.15 -6.15
N ASN B 232 -19.52 4.27 -6.84
CA ASN B 232 -18.56 4.72 -7.85
C ASN B 232 -18.43 3.72 -8.99
N VAL B 233 -19.52 3.54 -9.76
CA VAL B 233 -19.49 2.62 -10.88
C VAL B 233 -20.20 3.22 -12.09
N ILE B 234 -19.57 3.09 -13.26
CA ILE B 234 -20.18 3.45 -14.52
C ILE B 234 -20.43 2.17 -15.29
N LYS B 235 -21.69 1.87 -15.57
CA LYS B 235 -22.05 0.63 -16.25
C LYS B 235 -22.86 0.90 -17.52
N SER B 236 -22.38 0.36 -18.63
CA SER B 236 -23.09 0.45 -19.90
C SER B 236 -22.82 -0.80 -20.73
N ALA B 237 -23.86 -1.59 -20.95
CA ALA B 237 -23.73 -2.82 -21.72
C ALA B 237 -22.63 -3.72 -21.12
N GLY B 238 -21.60 -4.01 -21.92
CA GLY B 238 -20.58 -4.95 -21.52
C GLY B 238 -19.43 -4.35 -20.74
N VAL B 239 -19.43 -3.01 -20.62
CA VAL B 239 -18.35 -2.32 -19.94
C VAL B 239 -18.78 -1.87 -18.56
N GLU B 240 -17.96 -2.18 -17.56
CA GLU B 240 -18.20 -1.75 -16.18
C GLU B 240 -16.91 -1.17 -15.62
N LEU B 241 -16.96 0.11 -15.24
CA LEU B 241 -15.78 0.82 -14.77
C LEU B 241 -15.96 1.22 -13.30
N ARG B 242 -15.06 0.75 -12.45
CA ARG B 242 -15.13 1.03 -11.02
C ARG B 242 -13.97 1.89 -10.54
N GLY B 243 -14.24 2.72 -9.54
CA GLY B 243 -13.20 3.50 -8.89
C GLY B 243 -12.50 4.49 -9.80
N LEU B 244 -13.27 5.26 -10.56
CA LEU B 244 -12.70 6.29 -11.41
C LEU B 244 -12.22 7.47 -10.56
N LYS B 245 -10.99 7.88 -10.79
CA LYS B 245 -10.42 9.06 -10.13
C LYS B 245 -9.91 10.03 -11.17
N ALA B 246 -10.43 11.26 -11.14
CA ALA B 246 -9.98 12.30 -12.07
C ALA B 246 -9.40 13.46 -11.29
N ASN B 247 -8.28 13.99 -11.76
CA ASN B 247 -7.63 15.13 -11.13
C ASN B 247 -7.72 16.35 -12.03
N LEU B 248 -7.81 17.54 -11.43
CA LEU B 248 -7.83 18.77 -12.20
C LEU B 248 -6.53 18.97 -12.95
N ALA B 249 -6.65 19.27 -14.24
CA ALA B 249 -5.48 19.48 -15.10
C ALA B 249 -5.35 20.97 -15.36
N GLN B 250 -4.14 21.43 -15.69
CA GLN B 250 -3.91 22.83 -15.98
C GLN B 250 -4.54 23.20 -17.32
N ARG B 251 -5.28 24.30 -17.34
CA ARG B 251 -5.89 24.79 -18.56
C ARG B 251 -5.04 25.92 -19.15
N ARG B 252 -4.75 25.84 -20.44
CA ARG B 252 -3.91 26.84 -21.10
C ARG B 252 -4.50 28.26 -20.98
N PRO B 253 -3.63 29.26 -20.73
CA PRO B 253 -4.09 30.65 -20.71
C PRO B 253 -4.30 31.22 -22.11
N GLY B 254 -5.50 31.11 -22.66
CA GLY B 254 -5.78 31.58 -24.00
C GLY B 254 -5.33 33.00 -24.24
N THR B 255 -4.77 33.24 -25.42
CA THR B 255 -4.29 34.58 -25.79
C THR B 255 -5.40 35.38 -26.46
N GLN B 256 -6.62 35.20 -25.97
CA GLN B 256 -7.78 35.91 -26.51
C GLN B 256 -7.96 37.20 -25.73
N ALA B 257 -7.67 38.32 -26.38
CA ALA B 257 -7.72 39.62 -25.73
C ALA B 257 -9.15 39.96 -25.29
N PRO B 258 -9.28 40.64 -24.14
CA PRO B 258 -10.59 41.02 -23.59
C PRO B 258 -11.30 42.10 -24.41
N PRO B 259 -12.63 42.15 -24.33
CA PRO B 259 -13.36 43.21 -25.04
C PRO B 259 -13.17 44.56 -24.36
N THR B 260 -13.17 45.64 -25.15
CA THR B 260 -13.05 46.98 -24.60
C THR B 260 -14.38 47.72 -24.70
N LEU B 261 -14.53 48.76 -23.90
CA LEU B 261 -15.74 49.58 -23.92
C LEU B 261 -15.45 51.00 -24.36
N GLU B 262 -16.30 51.51 -25.24
CA GLU B 262 -16.22 52.89 -25.70
C GLU B 262 -17.55 53.57 -25.40
N ARG B 263 -17.50 54.71 -24.71
CA ARG B 263 -18.71 55.40 -24.31
C ARG B 263 -19.13 56.44 -25.36
N TYR B 264 -20.43 56.50 -25.63
CA TYR B 264 -20.98 57.52 -26.51
C TYR B 264 -21.25 58.80 -25.74
N GLN B 265 -21.04 59.93 -26.40
CA GLN B 265 -21.37 61.23 -25.82
C GLN B 265 -21.59 62.24 -26.94
N PHE B 266 -22.28 63.33 -26.62
CA PHE B 266 -22.52 64.37 -27.60
C PHE B 266 -21.30 65.26 -27.72
N VAL B 267 -20.78 65.38 -28.93
CA VAL B 267 -19.62 66.22 -29.20
C VAL B 267 -20.05 67.36 -30.14
N PRO B 268 -20.05 68.60 -29.63
CA PRO B 268 -20.39 69.72 -30.51
C PRO B 268 -19.44 69.84 -31.69
N ASN B 269 -19.95 70.21 -32.86
CA ASN B 269 -19.09 70.49 -34.00
C ASN B 269 -18.05 71.52 -33.57
N ILE B 270 -18.51 72.53 -32.85
CA ILE B 270 -17.63 73.56 -32.31
C ILE B 270 -17.46 73.30 -30.82
N ASN B 271 -16.35 72.66 -30.46
CA ASN B 271 -16.10 72.28 -29.07
C ASN B 271 -14.87 72.98 -28.52
N THR B 272 -15.09 73.86 -27.55
CA THR B 272 -14.01 74.62 -26.94
C THR B 272 -13.56 73.96 -25.63
N THR B 273 -14.06 72.76 -25.37
CA THR B 273 -13.67 72.01 -24.18
C THR B 273 -12.90 70.76 -24.60
N ASP B 274 -11.73 70.56 -23.97
CA ASP B 274 -10.91 69.39 -24.24
C ASP B 274 -11.70 68.12 -23.93
N LEU B 275 -11.49 67.09 -24.74
CA LEU B 275 -12.24 65.84 -24.61
C LEU B 275 -11.78 65.01 -23.42
N ASN B 276 -10.63 65.38 -22.84
CA ASN B 276 -10.14 64.74 -21.62
C ASN B 276 -9.29 65.72 -20.83
N GLU B 277 -9.12 65.46 -19.54
CA GLU B 277 -8.33 66.34 -18.69
C GLU B 277 -6.86 66.30 -19.13
N ASN B 278 -6.36 65.10 -19.40
CA ASN B 278 -4.99 64.91 -19.86
C ASN B 278 -4.85 65.39 -21.30
N SER B 279 -3.96 66.34 -21.52
CA SER B 279 -3.80 66.96 -22.84
C SER B 279 -3.42 65.95 -23.91
N GLU B 280 -2.60 64.98 -23.56
CA GLU B 280 -2.14 63.98 -24.52
C GLU B 280 -3.30 63.09 -24.96
N LYS B 281 -4.08 62.61 -24.00
CA LYS B 281 -5.25 61.79 -24.30
C LYS B 281 -6.30 62.60 -25.08
N ALA B 282 -6.37 63.89 -24.77
CA ALA B 282 -7.33 64.78 -25.42
C ALA B 282 -7.06 64.90 -26.92
N ARG B 283 -5.79 65.06 -27.28
CA ARG B 283 -5.42 65.16 -28.69
C ARG B 283 -5.77 63.87 -29.41
N LEU B 284 -5.43 62.73 -28.80
CA LEU B 284 -5.74 61.43 -29.38
C LEU B 284 -7.24 61.27 -29.61
N HIS B 285 -8.04 61.69 -28.64
CA HIS B 285 -9.49 61.64 -28.77
C HIS B 285 -9.95 62.54 -29.90
N ALA B 286 -9.38 63.73 -30.00
CA ALA B 286 -9.72 64.67 -31.07
C ALA B 286 -9.48 64.03 -32.44
N LEU B 287 -8.34 63.37 -32.58
CA LEU B 287 -8.01 62.66 -33.81
C LEU B 287 -8.97 61.50 -34.00
N ASP B 288 -9.32 60.86 -32.89
CA ASP B 288 -10.25 59.74 -32.89
C ASP B 288 -11.63 60.21 -33.38
N VAL B 289 -12.06 61.37 -32.91
CA VAL B 289 -13.36 61.92 -33.29
C VAL B 289 -13.35 62.30 -34.77
N ALA B 290 -12.26 62.89 -35.23
CA ALA B 290 -12.17 63.35 -36.61
C ALA B 290 -12.31 62.18 -37.58
N ILE B 291 -11.53 61.13 -37.35
CA ILE B 291 -11.53 59.96 -38.22
C ILE B 291 -12.92 59.32 -38.19
N GLN B 292 -13.56 59.33 -37.03
CA GLN B 292 -14.91 58.79 -36.91
C GLN B 292 -15.88 59.52 -37.85
N VAL B 293 -15.81 60.85 -37.87
CA VAL B 293 -16.69 61.66 -38.70
C VAL B 293 -16.48 61.34 -40.17
N ILE B 294 -15.22 61.17 -40.58
CA ILE B 294 -14.89 60.89 -41.97
C ILE B 294 -15.45 59.54 -42.37
N ILE B 295 -15.22 58.52 -41.54
CA ILE B 295 -15.73 57.18 -41.82
C ILE B 295 -17.24 57.25 -41.94
N GLU B 296 -17.87 57.95 -41.01
CA GLU B 296 -19.32 58.10 -41.01
C GLU B 296 -19.81 58.72 -42.32
N ASN B 297 -18.98 59.55 -42.93
CA ASN B 297 -19.37 60.28 -44.14
C ASN B 297 -18.53 59.91 -45.35
N SER B 298 -18.17 58.63 -45.47
CA SER B 298 -17.44 58.15 -46.64
C SER B 298 -18.27 57.12 -47.41
N SER B 299 -19.57 57.12 -47.16
CA SER B 299 -20.49 56.18 -47.82
C SER B 299 -20.01 54.74 -47.62
N GLY B 300 -20.10 53.93 -48.67
CA GLY B 300 -19.69 52.54 -48.59
C GLY B 300 -18.31 52.27 -49.14
N ALA B 301 -17.31 52.97 -48.59
CA ALA B 301 -15.93 52.79 -49.03
C ALA B 301 -15.34 51.52 -48.42
N VAL B 302 -14.68 50.71 -49.24
CA VAL B 302 -14.07 49.48 -48.77
C VAL B 302 -12.63 49.74 -48.35
N LYS B 303 -12.00 50.70 -49.01
CA LYS B 303 -10.67 51.16 -48.64
C LYS B 303 -10.72 52.66 -48.36
N LEU B 304 -10.02 53.10 -47.32
CA LEU B 304 -10.01 54.51 -46.95
C LEU B 304 -8.63 55.08 -47.17
N LYS B 305 -8.52 56.02 -48.10
CA LYS B 305 -7.25 56.59 -48.50
C LYS B 305 -6.99 57.91 -47.78
N GLY B 306 -5.78 58.05 -47.24
CA GLY B 306 -5.39 59.28 -46.56
C GLY B 306 -3.88 59.47 -46.54
N VAL B 307 -3.45 60.69 -46.24
CA VAL B 307 -2.03 60.99 -46.15
C VAL B 307 -1.78 61.94 -44.98
N GLU B 308 -0.53 62.00 -44.54
CA GLU B 308 -0.12 62.92 -43.49
C GLU B 308 1.08 63.72 -43.97
N LEU B 309 0.91 65.04 -44.06
CA LEU B 309 2.02 65.91 -44.45
C LEU B 309 2.99 66.04 -43.28
N ALA B 310 4.26 65.70 -43.53
CA ALA B 310 5.25 65.68 -42.47
C ALA B 310 6.49 66.48 -42.85
N ASN B 311 6.26 67.62 -43.50
CA ASN B 311 7.35 68.51 -43.86
C ASN B 311 7.59 69.51 -42.74
N GLY B 312 8.81 69.50 -42.20
CA GLY B 312 9.17 70.37 -41.10
C GLY B 312 8.65 69.87 -39.77
N ARG B 313 8.58 68.54 -39.65
CA ARG B 313 8.14 67.92 -38.41
C ARG B 313 9.06 66.76 -38.04
N ASN B 314 9.14 66.47 -36.75
CA ASN B 314 9.95 65.35 -36.28
C ASN B 314 9.25 64.03 -36.65
N PRO B 315 10.00 63.09 -37.26
CA PRO B 315 9.36 61.81 -37.62
C PRO B 315 8.68 61.06 -36.47
N ASP B 316 9.10 61.32 -35.24
CA ASP B 316 8.63 60.57 -34.09
C ASP B 316 7.19 60.89 -33.70
N VAL B 317 6.82 62.16 -33.82
CA VAL B 317 5.51 62.63 -33.35
C VAL B 317 4.38 62.32 -34.34
N LEU B 318 4.73 61.78 -35.51
CA LEU B 318 3.74 61.52 -36.54
C LEU B 318 2.59 60.65 -36.03
N VAL B 319 1.40 60.89 -36.58
CA VAL B 319 0.19 60.23 -36.13
C VAL B 319 -0.28 59.15 -37.10
N ALA B 320 0.41 59.05 -38.24
CA ALA B 320 0.00 58.15 -39.32
C ALA B 320 -0.46 56.79 -38.79
N ASN B 321 0.35 56.20 -37.92
CA ASN B 321 0.04 54.89 -37.34
C ASN B 321 -1.29 54.93 -36.59
N ARG B 322 -1.46 55.94 -35.74
CA ARG B 322 -2.66 56.05 -34.92
C ARG B 322 -3.89 56.13 -35.82
N LEU B 323 -3.77 56.88 -36.92
CA LEU B 323 -4.87 57.04 -37.86
C LEU B 323 -5.25 55.70 -38.47
N LEU B 324 -4.25 55.01 -39.02
CA LEU B 324 -4.47 53.70 -39.63
C LEU B 324 -4.99 52.71 -38.59
N GLN B 325 -4.56 52.89 -37.35
CA GLN B 325 -4.97 52.01 -36.27
C GLN B 325 -6.46 52.15 -35.98
N ILE B 326 -6.96 53.39 -36.03
CA ILE B 326 -8.37 53.66 -35.82
C ILE B 326 -9.20 53.11 -36.97
N ILE B 327 -8.73 53.35 -38.19
CA ILE B 327 -9.45 52.92 -39.38
C ILE B 327 -9.58 51.40 -39.42
N GLU B 328 -8.44 50.71 -39.45
CA GLU B 328 -8.45 49.25 -39.51
C GLU B 328 -9.22 48.64 -38.35
N GLY B 329 -9.16 49.30 -37.19
CA GLY B 329 -9.87 48.84 -36.01
C GLY B 329 -11.36 48.68 -36.24
N GLU B 330 -11.95 49.67 -36.92
CA GLU B 330 -13.38 49.62 -37.25
C GLU B 330 -13.62 48.44 -38.19
N PRO B 331 -14.68 47.65 -37.93
CA PRO B 331 -14.90 46.43 -38.72
C PRO B 331 -15.05 46.63 -40.23
N VAL B 332 -14.71 45.57 -40.97
CA VAL B 332 -14.84 45.52 -42.43
C VAL B 332 -14.40 46.82 -43.11
N LEU B 333 -13.20 47.28 -42.78
CA LEU B 333 -12.65 48.46 -43.42
C LEU B 333 -11.13 48.48 -43.25
N THR B 334 -10.41 48.68 -44.36
CA THR B 334 -8.96 48.75 -44.34
C THR B 334 -8.52 50.10 -44.88
N GLY B 335 -7.34 50.55 -44.45
CA GLY B 335 -6.87 51.89 -44.77
C GLY B 335 -5.61 51.94 -45.60
N ASP B 336 -5.55 52.93 -46.48
CA ASP B 336 -4.35 53.22 -47.25
C ASP B 336 -3.77 54.54 -46.78
N VAL B 337 -2.94 54.48 -45.75
CA VAL B 337 -2.36 55.68 -45.15
C VAL B 337 -0.91 55.84 -45.56
N ALA B 338 -0.53 57.06 -45.90
CA ALA B 338 0.85 57.35 -46.30
C ALA B 338 1.37 58.60 -45.61
N VAL B 339 2.69 58.67 -45.51
CA VAL B 339 3.36 59.85 -44.96
C VAL B 339 4.12 60.53 -46.08
N VAL B 340 3.81 61.80 -46.33
CA VAL B 340 4.46 62.53 -47.42
C VAL B 340 5.63 63.34 -46.86
N THR B 341 6.80 63.18 -47.48
CA THR B 341 8.00 63.88 -47.05
C THR B 341 8.80 64.47 -48.22
N SER B 342 9.19 65.74 -48.06
CA SER B 342 10.02 66.42 -49.05
C SER B 342 11.47 66.50 -48.59
N ASN B 343 11.73 66.14 -47.33
CA ASN B 343 13.03 66.35 -46.70
C ASN B 343 13.96 65.15 -46.76
N ASN B 344 13.71 64.24 -47.70
CA ASN B 344 14.57 63.08 -47.90
C ASN B 344 14.89 62.36 -46.60
N ASN B 345 13.90 62.19 -45.73
CA ASN B 345 14.08 61.40 -44.52
C ASN B 345 13.17 60.18 -44.59
N GLU B 346 13.06 59.60 -45.78
CA GLU B 346 12.22 58.43 -46.00
C GLU B 346 12.66 57.27 -45.12
N GLU B 347 13.94 56.94 -45.19
CA GLU B 347 14.49 55.83 -44.42
C GLU B 347 14.20 56.02 -42.92
N THR B 348 14.33 57.25 -42.46
CA THR B 348 14.07 57.59 -41.06
C THR B 348 12.59 57.38 -40.73
N ILE B 349 11.72 57.89 -41.60
CA ILE B 349 10.29 57.80 -41.40
C ILE B 349 9.86 56.33 -41.44
N THR B 350 10.41 55.59 -42.39
CA THR B 350 10.05 54.18 -42.55
C THR B 350 10.30 53.42 -41.26
N ALA B 351 11.41 53.76 -40.60
CA ALA B 351 11.78 53.12 -39.34
C ALA B 351 10.83 53.52 -38.21
N ALA B 352 10.49 54.80 -38.17
CA ALA B 352 9.62 55.33 -37.12
C ALA B 352 8.25 54.67 -37.17
N LEU B 353 7.68 54.56 -38.37
CA LEU B 353 6.41 53.90 -38.57
C LEU B 353 6.48 52.45 -38.10
N GLY B 354 7.62 51.81 -38.39
CA GLY B 354 7.86 50.44 -37.97
C GLY B 354 7.19 49.41 -38.85
N ASP B 355 6.65 48.36 -38.23
CA ASP B 355 6.07 47.25 -38.99
C ASP B 355 4.59 47.52 -39.30
N SER B 356 4.24 48.80 -39.44
CA SER B 356 2.87 49.20 -39.72
C SER B 356 2.63 49.23 -41.23
N GLY B 357 1.37 49.17 -41.62
CA GLY B 357 0.99 49.17 -43.02
C GLY B 357 0.86 50.58 -43.58
N VAL B 358 1.71 51.48 -43.12
CA VAL B 358 1.72 52.86 -43.58
C VAL B 358 2.78 53.05 -44.65
N ARG B 359 2.36 53.52 -45.82
CA ARG B 359 3.27 53.79 -46.93
C ARG B 359 4.03 55.09 -46.70
N VAL B 360 5.00 55.35 -47.57
CA VAL B 360 5.74 56.60 -47.55
C VAL B 360 5.79 57.13 -48.98
N VAL B 361 5.32 58.35 -49.17
CA VAL B 361 5.30 58.99 -50.48
C VAL B 361 6.26 60.17 -50.49
N SER B 362 6.93 60.38 -51.62
CA SER B 362 7.87 61.48 -51.76
C SER B 362 7.36 62.53 -52.76
N LYS B 363 6.70 63.57 -52.25
CA LYS B 363 6.23 64.66 -53.09
C LYS B 363 6.14 65.96 -52.30
N ASP B 364 6.49 67.07 -52.93
CA ASP B 364 6.45 68.37 -52.28
C ASP B 364 5.10 69.07 -52.51
N VAL B 365 4.32 69.19 -51.43
CA VAL B 365 2.97 69.75 -51.50
C VAL B 365 2.98 71.19 -52.01
N LEU B 366 4.15 71.84 -51.95
CA LEU B 366 4.28 73.22 -52.40
C LEU B 366 4.40 73.35 -53.92
N LYS B 367 4.55 72.23 -54.62
CA LYS B 367 4.70 72.27 -56.07
C LYS B 367 3.70 71.38 -56.79
N GLU B 368 3.15 70.42 -56.08
CA GLU B 368 2.26 69.43 -56.69
C GLU B 368 1.33 68.75 -55.68
N PRO B 369 0.25 68.13 -56.17
CA PRO B 369 -0.59 67.34 -55.27
C PRO B 369 0.14 66.09 -54.80
N VAL B 370 0.04 65.79 -53.51
CA VAL B 370 0.77 64.68 -52.90
C VAL B 370 0.22 63.32 -53.30
N GLU B 371 -1.09 63.24 -53.49
CA GLU B 371 -1.73 61.96 -53.80
C GLU B 371 -3.09 62.19 -54.44
N GLN B 372 -3.62 61.17 -55.10
CA GLN B 372 -4.88 61.31 -55.83
C GLN B 372 -6.06 60.70 -55.06
N ASN B 373 -7.19 61.39 -55.11
CA ASN B 373 -8.44 60.89 -54.54
C ASN B 373 -8.29 60.36 -53.10
N CYS B 374 -7.92 61.24 -52.17
CA CYS B 374 -7.85 60.85 -50.77
C CYS B 374 -9.15 61.17 -50.04
N HIS B 375 -9.42 60.43 -48.97
CA HIS B 375 -10.56 60.71 -48.12
C HIS B 375 -10.23 61.80 -47.12
N PHE B 376 -8.96 61.91 -46.75
CA PHE B 376 -8.54 62.98 -45.85
C PHE B 376 -7.06 63.31 -45.98
N VAL B 377 -6.69 64.50 -45.51
CA VAL B 377 -5.30 64.93 -45.46
C VAL B 377 -5.04 65.56 -44.10
N PHE B 378 -4.03 65.06 -43.39
CA PHE B 378 -3.66 65.64 -42.11
C PHE B 378 -2.46 66.57 -42.29
N GLY B 379 -2.50 67.70 -41.60
CA GLY B 379 -1.43 68.68 -41.68
C GLY B 379 -1.40 69.60 -40.48
N ILE B 380 -0.23 70.18 -40.20
CA ILE B 380 -0.08 71.12 -39.09
C ILE B 380 0.39 72.48 -39.60
N ASP B 381 -0.31 73.52 -39.17
CA ASP B 381 0.02 74.90 -39.51
C ASP B 381 -0.06 75.17 -41.01
N VAL B 382 -1.07 74.62 -41.66
CA VAL B 382 -1.26 74.82 -43.10
C VAL B 382 -1.87 76.18 -43.38
N LEU B 383 -2.77 76.61 -42.51
CA LEU B 383 -3.45 77.89 -42.68
C LEU B 383 -2.60 79.04 -42.15
N SER B 384 -1.54 78.72 -41.42
CA SER B 384 -0.64 79.74 -40.88
C SER B 384 0.35 80.24 -41.93
N ARG B 385 0.82 79.33 -42.78
CA ARG B 385 1.79 79.66 -43.81
C ARG B 385 1.33 80.86 -44.63
N PRO B 386 2.29 81.66 -45.14
CA PRO B 386 1.98 82.87 -45.90
C PRO B 386 1.39 82.61 -47.27
N ASP B 387 1.86 81.57 -47.96
CA ASP B 387 1.36 81.24 -49.29
C ASP B 387 0.33 80.12 -49.20
N THR B 388 -0.65 80.15 -50.10
CA THR B 388 -1.77 79.21 -50.06
C THR B 388 -1.52 77.91 -50.82
N LYS B 389 -0.36 77.79 -51.46
CA LYS B 389 -0.08 76.63 -52.31
C LYS B 389 -0.18 75.31 -51.55
N THR B 390 0.26 75.31 -50.30
CA THR B 390 0.17 74.11 -49.47
C THR B 390 -1.27 73.64 -49.35
N LEU B 391 -2.17 74.57 -49.02
CA LEU B 391 -3.58 74.25 -48.91
C LEU B 391 -4.13 73.80 -50.26
N GLU B 392 -3.79 74.55 -51.31
CA GLU B 392 -4.27 74.28 -52.65
C GLU B 392 -4.02 72.83 -53.06
N ASN B 393 -2.79 72.38 -52.89
CA ASN B 393 -2.40 71.05 -53.34
C ASN B 393 -2.95 69.95 -52.43
N SER B 394 -3.30 70.32 -51.20
CA SER B 394 -3.95 69.39 -50.29
C SER B 394 -5.38 69.15 -50.74
N ILE B 395 -6.02 70.21 -51.24
CA ILE B 395 -7.38 70.14 -51.73
C ILE B 395 -7.43 69.34 -53.02
N ALA B 396 -6.41 69.51 -53.85
CA ALA B 396 -6.33 68.79 -55.11
C ALA B 396 -6.08 67.31 -54.87
N SER B 397 -5.68 66.96 -53.66
CA SER B 397 -5.31 65.59 -53.32
C SER B 397 -6.49 64.79 -52.81
N ILE B 398 -7.52 65.47 -52.31
CA ILE B 398 -8.69 64.80 -51.75
C ILE B 398 -9.76 64.62 -52.80
N ARG B 399 -10.66 63.66 -52.58
CA ARG B 399 -11.85 63.53 -53.40
C ARG B 399 -12.75 64.73 -53.13
N GLU B 400 -13.70 64.98 -54.03
CA GLU B 400 -14.52 66.17 -53.95
C GLU B 400 -15.19 66.29 -52.58
N ASN B 401 -15.68 65.17 -52.07
CA ASN B 401 -16.34 65.13 -50.77
C ASN B 401 -15.36 64.78 -49.65
N GLY B 402 -14.07 64.89 -49.92
CA GLY B 402 -13.04 64.57 -48.95
C GLY B 402 -12.91 65.58 -47.84
N PHE B 403 -12.12 65.24 -46.81
CA PHE B 403 -11.92 66.11 -45.66
C PHE B 403 -10.47 66.59 -45.52
N LEU B 404 -10.29 67.62 -44.71
CA LEU B 404 -8.96 68.08 -44.31
C LEU B 404 -8.88 68.16 -42.79
N ILE B 405 -7.94 67.42 -42.21
CA ILE B 405 -7.69 67.49 -40.77
C ILE B 405 -6.51 68.41 -40.53
N LEU B 406 -6.79 69.63 -40.08
CA LEU B 406 -5.77 70.65 -39.92
C LEU B 406 -5.63 71.12 -38.48
N GLU B 407 -4.47 70.87 -37.89
CA GLU B 407 -4.15 71.40 -36.56
C GLU B 407 -3.54 72.79 -36.71
N GLU B 408 -4.15 73.76 -36.05
CA GLU B 408 -3.71 75.15 -36.15
C GLU B 408 -3.60 75.77 -34.76
N THR B 409 -2.87 76.88 -34.66
CA THR B 409 -2.84 77.66 -33.43
C THR B 409 -4.08 78.53 -33.38
N LEU B 410 -4.70 78.61 -32.20
CA LEU B 410 -5.98 79.30 -32.05
C LEU B 410 -5.95 80.75 -32.54
N PRO B 411 -4.96 81.53 -32.10
CA PRO B 411 -4.98 82.94 -32.53
C PRO B 411 -4.98 83.14 -34.05
N THR B 412 -4.12 82.44 -34.77
CA THR B 412 -4.04 82.58 -36.22
C THR B 412 -5.30 82.06 -36.90
N TYR B 413 -5.75 80.88 -36.50
CA TYR B 413 -6.92 80.27 -37.13
C TYR B 413 -8.13 81.18 -37.05
N THR B 414 -8.23 81.96 -35.99
CA THR B 414 -9.39 82.82 -35.77
C THR B 414 -9.38 84.03 -36.71
N LYS B 415 -8.25 84.72 -36.77
CA LYS B 415 -8.17 85.98 -37.49
C LYS B 415 -8.04 85.81 -39.01
N THR B 416 -7.47 84.69 -39.46
CA THR B 416 -7.29 84.45 -40.89
C THR B 416 -7.63 83.02 -41.31
N GLY B 417 -7.64 82.09 -40.36
CA GLY B 417 -7.83 80.68 -40.67
C GLY B 417 -9.17 80.36 -41.30
N ARG B 418 -10.24 80.88 -40.72
CA ARG B 418 -11.57 80.62 -41.22
C ARG B 418 -11.79 81.29 -42.58
N ALA B 419 -11.30 82.52 -42.71
CA ALA B 419 -11.44 83.27 -43.95
C ALA B 419 -10.72 82.54 -45.09
N LEU B 420 -9.58 81.96 -44.78
CA LEU B 420 -8.80 81.26 -45.79
C LEU B 420 -9.56 80.04 -46.30
N LEU B 421 -10.21 79.33 -45.39
CA LEU B 421 -11.02 78.18 -45.76
C LEU B 421 -12.23 78.60 -46.59
N THR B 422 -12.89 79.68 -46.18
CA THR B 422 -14.05 80.18 -46.90
C THR B 422 -13.70 80.62 -48.32
N LYS B 423 -12.59 81.33 -48.45
CA LYS B 423 -12.18 81.86 -49.75
C LYS B 423 -12.03 80.73 -50.77
N PHE B 424 -11.62 79.56 -50.30
CA PHE B 424 -11.42 78.41 -51.19
C PHE B 424 -12.65 77.52 -51.23
N GLY B 425 -13.77 78.03 -50.75
CA GLY B 425 -15.05 77.34 -50.86
C GLY B 425 -15.23 76.24 -49.84
N PHE B 426 -14.38 76.26 -48.82
CA PHE B 426 -14.41 75.24 -47.78
C PHE B 426 -15.07 75.76 -46.51
N VAL B 427 -15.67 74.86 -45.75
CA VAL B 427 -16.30 75.21 -44.49
C VAL B 427 -15.72 74.34 -43.38
N ALA B 428 -15.60 74.92 -42.19
CA ALA B 428 -15.09 74.20 -41.03
C ALA B 428 -16.16 73.30 -40.46
N VAL B 429 -16.02 72.00 -40.69
CA VAL B 429 -17.01 71.02 -40.22
C VAL B 429 -16.96 70.91 -38.70
N GLN B 430 -15.76 70.76 -38.16
CA GLN B 430 -15.57 70.68 -36.71
C GLN B 430 -14.40 71.52 -36.26
N GLU B 431 -14.48 71.97 -35.00
CA GLU B 431 -13.36 72.66 -34.35
C GLU B 431 -13.24 72.06 -32.95
N GLN B 432 -12.17 71.29 -32.75
CA GLN B 432 -11.95 70.64 -31.47
C GLN B 432 -10.73 71.25 -30.81
N SER B 433 -10.89 71.73 -29.57
CA SER B 433 -9.81 72.40 -28.88
C SER B 433 -8.68 71.43 -28.52
N LEU B 434 -7.46 71.92 -28.61
CA LEU B 434 -6.28 71.20 -28.17
C LEU B 434 -5.56 72.05 -27.14
N GLY B 435 -6.16 72.17 -25.96
CA GLY B 435 -5.72 73.15 -24.98
C GLY B 435 -6.28 74.52 -25.29
N ALA B 436 -5.54 75.56 -24.92
CA ALA B 436 -5.94 76.94 -25.21
C ALA B 436 -5.15 77.56 -26.36
N THR B 437 -4.04 76.93 -26.75
CA THR B 437 -3.18 77.49 -27.78
C THR B 437 -3.32 76.82 -29.14
N ARG B 438 -4.12 75.77 -29.22
CA ARG B 438 -4.27 75.03 -30.47
C ARG B 438 -5.66 74.44 -30.65
N VAL B 439 -6.02 74.16 -31.90
CA VAL B 439 -7.33 73.64 -32.24
C VAL B 439 -7.22 72.68 -33.42
N LEU B 440 -8.02 71.62 -33.39
CA LEU B 440 -8.09 70.68 -34.50
C LEU B 440 -9.32 71.01 -35.34
N VAL B 441 -9.08 71.28 -36.62
CA VAL B 441 -10.14 71.71 -37.53
C VAL B 441 -10.39 70.65 -38.59
N LEU B 442 -11.65 70.23 -38.72
CA LEU B 442 -12.04 69.34 -39.80
C LEU B 442 -12.74 70.16 -40.87
N ALA B 443 -12.17 70.18 -42.08
CA ALA B 443 -12.68 71.01 -43.14
C ALA B 443 -13.14 70.19 -44.34
N ARG B 444 -14.02 70.77 -45.15
CA ARG B 444 -14.62 70.11 -46.29
C ARG B 444 -15.15 71.18 -47.24
N LYS B 445 -15.18 70.89 -48.54
CA LYS B 445 -15.76 71.84 -49.48
C LYS B 445 -17.25 71.91 -49.23
N ALA B 446 -17.79 73.12 -49.21
CA ALA B 446 -19.21 73.29 -48.98
C ALA B 446 -19.97 72.88 -50.23
N VAL B 447 -21.24 72.54 -50.06
CA VAL B 447 -22.10 72.23 -51.18
C VAL B 447 -23.18 73.29 -51.22
N ASP B 448 -23.69 73.59 -52.41
CA ASP B 448 -24.72 74.61 -52.56
C ASP B 448 -26.08 73.93 -52.51
N LEU B 449 -26.84 74.22 -51.46
CA LEU B 449 -28.10 73.54 -51.22
C LEU B 449 -29.15 73.83 -52.29
N LYS B 450 -29.10 75.00 -52.90
CA LYS B 450 -30.07 75.35 -53.93
C LYS B 450 -29.87 74.52 -55.19
N THR B 451 -28.61 74.33 -55.57
CA THR B 451 -28.28 73.65 -56.83
C THR B 451 -28.55 72.15 -56.75
N ARG B 452 -28.68 71.63 -55.53
CA ARG B 452 -28.92 70.20 -55.35
C ARG B 452 -30.39 69.89 -55.08
N LYS B 453 -30.89 68.83 -55.73
CA LYS B 453 -32.26 68.38 -55.52
C LYS B 453 -32.37 67.71 -54.16
N SER B 454 -33.50 67.92 -53.48
CA SER B 454 -33.69 67.33 -52.17
C SER B 454 -35.17 67.17 -51.82
N VAL B 455 -35.47 66.21 -50.96
CA VAL B 455 -36.82 65.97 -50.48
C VAL B 455 -36.77 65.70 -48.98
N VAL B 456 -37.88 65.97 -48.29
CA VAL B 456 -37.91 65.86 -46.83
C VAL B 456 -38.87 64.77 -46.37
N VAL B 457 -38.46 64.05 -45.33
CA VAL B 457 -39.29 63.01 -44.73
C VAL B 457 -39.65 63.42 -43.31
N VAL B 458 -40.91 63.22 -42.94
CA VAL B 458 -41.45 63.76 -41.70
C VAL B 458 -40.82 63.07 -40.49
N ALA B 459 -40.69 61.75 -40.57
CA ALA B 459 -40.07 60.95 -39.51
C ALA B 459 -40.61 61.28 -38.11
N THR B 460 -41.92 61.15 -37.95
CA THR B 460 -42.57 61.39 -36.66
C THR B 460 -43.28 60.11 -36.21
N GLU B 461 -43.59 60.04 -34.92
CA GLU B 461 -44.22 58.84 -34.36
C GLU B 461 -45.73 58.84 -34.57
N GLN B 462 -46.30 60.03 -34.82
CA GLN B 462 -47.73 60.14 -35.05
C GLN B 462 -48.13 59.56 -36.40
N ASN B 463 -47.19 59.58 -37.34
CA ASN B 463 -47.38 58.97 -38.65
C ASN B 463 -46.59 57.66 -38.75
N PHE B 464 -47.31 56.54 -38.77
CA PHE B 464 -46.69 55.23 -38.74
C PHE B 464 -46.00 54.84 -40.04
N ASN B 465 -46.37 55.49 -41.14
CA ASN B 465 -45.91 55.06 -42.46
C ASN B 465 -44.65 55.79 -42.93
N TRP B 466 -44.03 56.57 -42.04
CA TRP B 466 -42.87 57.35 -42.45
C TRP B 466 -41.69 56.45 -42.84
N VAL B 467 -41.65 55.23 -42.32
CA VAL B 467 -40.58 54.31 -42.63
C VAL B 467 -40.71 53.85 -44.07
N ASP B 468 -41.94 53.58 -44.49
CA ASP B 468 -42.20 53.19 -45.86
C ASP B 468 -42.02 54.38 -46.78
N ASP B 469 -42.39 55.56 -46.28
CA ASP B 469 -42.18 56.80 -47.01
C ASP B 469 -40.70 57.04 -47.27
N LEU B 470 -39.88 56.75 -46.27
CA LEU B 470 -38.43 56.92 -46.38
C LEU B 470 -37.87 55.99 -47.43
N LYS B 471 -38.24 54.71 -47.34
CA LYS B 471 -37.79 53.72 -48.31
C LYS B 471 -38.19 54.13 -49.72
N ALA B 472 -39.41 54.63 -49.85
CA ALA B 472 -39.92 55.07 -51.15
C ALA B 472 -39.12 56.24 -51.69
N ALA B 473 -38.75 57.16 -50.81
CA ALA B 473 -37.97 58.34 -51.21
C ALA B 473 -36.55 57.92 -51.56
N LEU B 474 -36.01 56.97 -50.80
CA LEU B 474 -34.66 56.50 -51.02
C LEU B 474 -34.54 55.83 -52.38
N ALA B 475 -35.54 55.02 -52.73
CA ALA B 475 -35.58 54.37 -54.03
C ALA B 475 -35.68 55.40 -55.14
N THR B 476 -36.56 56.37 -54.94
CA THR B 476 -36.72 57.46 -55.91
C THR B 476 -35.48 58.35 -55.94
N ALA B 477 -34.85 58.51 -54.78
CA ALA B 477 -33.68 59.37 -54.65
C ALA B 477 -32.57 58.96 -55.62
N ALA B 478 -32.28 57.66 -55.65
CA ALA B 478 -31.24 57.14 -56.54
C ALA B 478 -31.53 57.49 -57.99
N THR B 479 -32.73 57.18 -58.45
CA THR B 479 -33.13 57.44 -59.82
C THR B 479 -33.08 58.94 -60.13
N GLU B 480 -33.67 59.75 -59.25
CA GLU B 480 -33.78 61.18 -59.48
C GLU B 480 -32.52 61.94 -59.10
N GLU B 481 -31.51 61.21 -58.63
CA GLU B 481 -30.22 61.82 -58.29
C GLU B 481 -30.40 62.95 -57.29
N GLN B 482 -31.15 62.70 -56.23
CA GLN B 482 -31.44 63.72 -55.22
C GLN B 482 -31.11 63.19 -53.83
N TYR B 483 -31.03 64.10 -52.86
CA TYR B 483 -30.69 63.74 -51.49
C TYR B 483 -31.92 63.82 -50.60
N VAL B 484 -32.01 62.93 -49.62
CA VAL B 484 -33.17 62.87 -48.74
C VAL B 484 -32.79 63.37 -47.35
N TYR B 485 -33.53 64.37 -46.89
CA TYR B 485 -33.34 64.91 -45.54
C TYR B 485 -34.39 64.34 -44.60
N VAL B 486 -33.93 63.55 -43.64
CA VAL B 486 -34.81 62.97 -42.64
C VAL B 486 -34.84 63.88 -41.42
N VAL B 487 -36.00 64.48 -41.17
CA VAL B 487 -36.14 65.46 -40.10
C VAL B 487 -36.89 64.85 -38.92
N CYS B 488 -36.27 64.85 -37.75
CA CYS B 488 -36.87 64.31 -36.55
C CYS B 488 -36.85 65.35 -35.43
N GLN B 489 -37.83 66.23 -35.43
CA GLN B 489 -37.88 67.36 -34.50
C GLN B 489 -38.87 67.12 -33.37
N GLY B 490 -38.38 67.21 -32.14
CA GLY B 490 -39.21 67.10 -30.96
C GLY B 490 -39.97 65.78 -30.86
N GLU B 491 -39.28 64.68 -31.11
CA GLU B 491 -39.89 63.36 -31.02
C GLU B 491 -39.26 62.59 -29.86
N GLU B 492 -40.09 61.95 -29.05
CA GLU B 492 -39.60 61.17 -27.93
C GLU B 492 -39.34 59.72 -28.33
N LEU B 493 -38.48 59.04 -27.58
CA LEU B 493 -38.15 57.65 -27.83
C LEU B 493 -37.58 57.41 -29.24
N PHE B 494 -36.77 58.36 -29.70
CA PHE B 494 -35.97 58.17 -30.90
C PHE B 494 -34.54 58.66 -30.65
N GLY B 495 -33.68 57.75 -30.22
CA GLY B 495 -32.28 58.06 -30.04
C GLY B 495 -31.58 58.27 -31.37
N ALA B 496 -30.71 59.28 -31.43
CA ALA B 496 -30.07 59.67 -32.68
C ALA B 496 -29.16 58.57 -33.22
N VAL B 497 -28.40 57.93 -32.33
CA VAL B 497 -27.44 56.92 -32.74
C VAL B 497 -28.16 55.74 -33.40
N GLY B 498 -29.18 55.22 -32.72
CA GLY B 498 -29.93 54.10 -33.24
C GLY B 498 -30.62 54.44 -34.55
N LEU B 499 -31.26 55.61 -34.59
CA LEU B 499 -31.97 56.06 -35.77
C LEU B 499 -31.03 56.26 -36.95
N MET B 500 -29.84 56.79 -36.68
CA MET B 500 -28.86 57.04 -37.73
C MET B 500 -28.45 55.73 -38.39
N THR B 501 -28.10 54.73 -37.58
CA THR B 501 -27.70 53.43 -38.08
C THR B 501 -28.81 52.82 -38.93
N CYS B 502 -30.04 52.98 -38.46
CA CYS B 502 -31.20 52.43 -39.16
C CYS B 502 -31.37 53.02 -40.56
N ILE B 503 -31.09 54.31 -40.70
CA ILE B 503 -31.23 55.00 -41.98
C ILE B 503 -30.09 54.63 -42.92
N LYS B 504 -28.86 54.73 -42.43
CA LYS B 504 -27.68 54.47 -43.26
C LYS B 504 -27.78 53.12 -43.97
N ASN B 505 -28.15 52.09 -43.22
CA ASN B 505 -28.22 50.74 -43.76
C ASN B 505 -29.56 50.50 -44.46
N GLU B 506 -29.77 51.21 -45.55
CA GLU B 506 -30.98 51.09 -46.35
C GLU B 506 -30.61 51.21 -47.83
N ASN B 507 -31.43 50.68 -48.71
CA ASN B 507 -31.16 50.79 -50.13
C ASN B 507 -31.24 52.25 -50.54
N GLY B 508 -30.09 52.82 -50.88
CA GLY B 508 -29.99 54.23 -51.21
C GLY B 508 -29.87 55.09 -49.96
N GLY B 509 -29.44 54.48 -48.86
CA GLY B 509 -29.35 55.17 -47.59
C GLY B 509 -28.19 56.16 -47.52
N LYS B 510 -27.15 55.90 -48.30
CA LYS B 510 -26.00 56.78 -48.38
C LYS B 510 -26.41 58.17 -48.91
N LEU B 511 -27.58 58.25 -49.53
CA LEU B 511 -28.10 59.52 -50.06
C LEU B 511 -28.89 60.31 -49.00
N ALA B 512 -29.00 59.75 -47.81
CA ALA B 512 -29.82 60.35 -46.76
C ALA B 512 -29.03 61.24 -45.80
N ARG B 513 -29.72 62.23 -45.23
CA ARG B 513 -29.12 63.15 -44.27
C ARG B 513 -30.04 63.34 -43.06
N LEU B 514 -29.56 62.96 -41.88
CA LEU B 514 -30.37 63.03 -40.67
C LEU B 514 -30.26 64.40 -40.01
N VAL B 515 -31.42 65.02 -39.76
CA VAL B 515 -31.49 66.27 -39.03
C VAL B 515 -32.24 66.03 -37.72
N PHE B 516 -31.49 65.82 -36.65
CA PHE B 516 -32.07 65.46 -35.36
C PHE B 516 -32.07 66.66 -34.42
N VAL B 517 -33.27 67.09 -34.01
CA VAL B 517 -33.42 68.22 -33.12
C VAL B 517 -34.26 67.82 -31.92
N GLN B 518 -33.63 67.78 -30.75
CA GLN B 518 -34.31 67.37 -29.53
C GLN B 518 -35.38 68.38 -29.15
N ASP B 519 -34.99 69.65 -29.08
CA ASP B 519 -35.90 70.72 -28.65
C ASP B 519 -36.96 71.06 -29.70
N ALA B 520 -38.22 70.92 -29.30
CA ALA B 520 -39.36 71.19 -30.17
C ALA B 520 -39.59 72.69 -30.37
N LYS B 521 -38.91 73.50 -29.57
CA LYS B 521 -39.07 74.95 -29.62
C LYS B 521 -38.12 75.63 -30.61
N ALA B 522 -37.05 74.95 -31.00
CA ALA B 522 -36.10 75.53 -31.93
C ALA B 522 -36.76 75.75 -33.29
N GLU B 523 -36.22 76.67 -34.08
CA GLU B 523 -36.78 76.97 -35.39
C GLU B 523 -36.85 75.74 -36.29
N LYS B 524 -37.99 75.56 -36.94
CA LYS B 524 -38.22 74.42 -37.82
C LYS B 524 -37.19 74.33 -38.94
N PHE B 525 -37.06 73.12 -39.49
CA PHE B 525 -36.13 72.84 -40.59
C PHE B 525 -36.36 73.70 -41.82
N SER B 526 -35.27 74.16 -42.42
CA SER B 526 -35.33 74.93 -43.66
C SER B 526 -33.95 75.10 -44.27
N LEU B 527 -33.83 74.78 -45.55
CA LEU B 527 -32.57 74.94 -46.27
C LEU B 527 -32.19 76.42 -46.37
N THR B 528 -33.20 77.28 -46.37
CA THR B 528 -32.98 78.71 -46.51
C THR B 528 -32.54 79.28 -45.17
N SER B 529 -32.97 78.66 -44.08
CA SER B 529 -32.65 79.12 -42.74
C SER B 529 -31.14 79.23 -42.54
N THR B 530 -30.70 80.34 -41.97
CA THR B 530 -29.28 80.58 -41.76
C THR B 530 -28.68 79.53 -40.81
N LEU B 531 -29.46 79.09 -39.84
CA LEU B 531 -28.99 78.09 -38.87
C LEU B 531 -28.76 76.74 -39.51
N TYR B 532 -29.74 76.25 -40.28
CA TYR B 532 -29.64 74.93 -40.88
C TYR B 532 -28.74 74.97 -42.10
N ARG B 533 -28.75 76.09 -42.83
CA ARG B 533 -27.97 76.22 -44.05
C ARG B 533 -26.50 76.00 -43.78
N GLN B 534 -25.94 76.76 -42.85
CA GLN B 534 -24.53 76.68 -42.53
C GLN B 534 -24.17 75.26 -42.08
N GLN B 535 -25.09 74.61 -41.38
CA GLN B 535 -24.85 73.25 -40.92
C GLN B 535 -24.91 72.24 -42.06
N LEU B 536 -26.00 72.29 -42.83
CA LEU B 536 -26.25 71.31 -43.87
C LEU B 536 -25.35 71.49 -45.09
N GLU B 537 -24.67 72.63 -45.17
CA GLU B 537 -23.71 72.85 -46.24
C GLU B 537 -22.47 72.00 -46.01
N LYS B 538 -22.40 71.38 -44.83
CA LYS B 538 -21.32 70.46 -44.52
C LYS B 538 -21.64 69.06 -45.04
N ASP B 539 -22.92 68.78 -45.25
CA ASP B 539 -23.35 67.53 -45.86
C ASP B 539 -23.02 66.33 -44.99
N LEU B 540 -23.18 66.48 -43.68
CA LEU B 540 -23.01 65.36 -42.76
C LEU B 540 -24.29 64.54 -42.69
N ILE B 541 -24.15 63.22 -42.60
CA ILE B 541 -25.31 62.35 -42.57
C ILE B 541 -25.98 62.43 -41.20
N SER B 542 -25.21 62.76 -40.18
CA SER B 542 -25.73 62.88 -38.82
C SER B 542 -25.59 64.32 -38.31
N ASN B 543 -26.72 64.95 -38.02
CA ASN B 543 -26.73 66.31 -37.51
C ASN B 543 -27.64 66.41 -36.30
N VAL B 544 -27.03 66.61 -35.13
CA VAL B 544 -27.77 66.61 -33.88
C VAL B 544 -27.72 68.01 -33.26
N LEU B 545 -28.90 68.57 -33.02
CA LEU B 545 -29.00 69.88 -32.39
C LEU B 545 -29.38 69.70 -30.93
N LYS B 546 -28.47 70.11 -30.04
CA LYS B 546 -28.69 69.96 -28.61
C LYS B 546 -28.39 71.28 -27.91
N ASN B 547 -29.44 71.95 -27.48
CA ASN B 547 -29.34 73.25 -26.83
C ASN B 547 -28.57 74.25 -27.70
N GLY B 548 -29.09 74.49 -28.90
CA GLY B 548 -28.58 75.54 -29.77
C GLY B 548 -27.28 75.24 -30.49
N ALA B 549 -26.65 74.11 -30.19
CA ALA B 549 -25.36 73.76 -30.79
C ALA B 549 -25.45 72.47 -31.61
N TRP B 550 -24.95 72.51 -32.83
CA TRP B 550 -24.87 71.32 -33.68
C TRP B 550 -23.71 70.44 -33.23
N GLY B 551 -23.89 69.13 -33.37
CA GLY B 551 -22.86 68.17 -33.03
C GLY B 551 -23.22 66.76 -33.44
N THR B 552 -22.44 65.80 -32.95
CA THR B 552 -22.69 64.39 -33.25
C THR B 552 -22.44 63.55 -32.01
N PHE B 553 -22.89 62.29 -32.06
CA PHE B 553 -22.60 61.33 -31.01
C PHE B 553 -21.41 60.48 -31.43
N ARG B 554 -20.31 60.64 -30.72
CA ARG B 554 -19.08 59.92 -31.04
C ARG B 554 -18.71 58.97 -29.91
N HIS B 555 -18.08 57.84 -30.25
CA HIS B 555 -17.71 56.84 -29.24
C HIS B 555 -16.23 56.97 -28.89
N LEU B 556 -15.96 57.21 -27.62
CA LEU B 556 -14.59 57.44 -27.15
C LEU B 556 -14.05 56.26 -26.36
N LYS B 557 -12.78 55.96 -26.59
CA LYS B 557 -12.08 54.89 -25.89
C LYS B 557 -11.90 55.23 -24.41
N LEU B 558 -12.29 54.29 -23.56
CA LEU B 558 -12.24 54.49 -22.11
C LEU B 558 -10.85 54.24 -21.54
N GLU B 559 -10.22 53.17 -21.98
CA GLU B 559 -8.92 52.75 -21.46
C GLU B 559 -9.08 52.43 -19.97
N THR B 560 -10.22 51.82 -19.62
CA THR B 560 -10.49 51.52 -18.22
C THR B 560 -9.88 50.17 -17.85
N GLN B 561 -8.88 49.75 -18.63
CA GLN B 561 -8.10 48.56 -18.31
C GLN B 561 -7.03 48.91 -17.28
N GLN B 562 -6.81 47.99 -16.34
CA GLN B 562 -5.84 48.17 -15.28
C GLN B 562 -6.02 49.52 -14.59
N ALA B 563 -7.26 49.86 -14.26
CA ALA B 563 -7.53 51.08 -13.53
C ALA B 563 -7.39 50.82 -12.04
N THR B 564 -6.86 51.79 -11.30
CA THR B 564 -6.68 51.63 -9.87
C THR B 564 -7.29 52.78 -9.09
N LEU B 565 -8.34 52.49 -8.33
CA LEU B 565 -8.93 53.47 -7.43
C LEU B 565 -8.67 53.01 -6.00
N GLN B 566 -8.51 53.97 -5.10
CA GLN B 566 -8.22 53.66 -3.71
C GLN B 566 -9.46 53.20 -2.95
N VAL B 567 -9.53 51.89 -2.73
CA VAL B 567 -10.66 51.29 -2.01
C VAL B 567 -10.21 50.90 -0.60
N GLU B 568 -11.18 50.67 0.27
CA GLU B 568 -10.90 50.32 1.66
C GLU B 568 -10.62 48.83 1.82
N HIS B 569 -11.34 48.00 1.07
CA HIS B 569 -11.21 46.56 1.19
C HIS B 569 -10.78 45.92 -0.12
N ALA B 570 -9.77 45.06 -0.06
CA ALA B 570 -9.26 44.39 -1.25
C ALA B 570 -8.57 43.08 -0.88
N TYR B 571 -8.38 42.22 -1.87
CA TYR B 571 -7.67 40.96 -1.67
C TYR B 571 -6.72 40.72 -2.83
N VAL B 572 -5.82 39.76 -2.68
CA VAL B 572 -4.86 39.43 -3.72
C VAL B 572 -5.37 38.28 -4.57
N ASN B 573 -5.18 38.40 -5.88
CA ASN B 573 -5.61 37.37 -6.82
C ASN B 573 -4.62 37.23 -7.96
N ALA B 574 -4.43 36.00 -8.43
CA ALA B 574 -3.61 35.76 -9.61
C ALA B 574 -4.51 35.73 -10.84
N LEU B 575 -4.46 36.79 -11.62
CA LEU B 575 -5.34 36.95 -12.78
C LEU B 575 -5.04 35.86 -13.82
N VAL B 576 -3.75 35.57 -14.02
CA VAL B 576 -3.35 34.50 -14.91
C VAL B 576 -2.56 33.45 -14.13
N LYS B 577 -3.12 32.25 -14.05
CA LYS B 577 -2.48 31.17 -13.31
C LYS B 577 -1.13 30.87 -13.95
N GLY B 578 -0.17 30.39 -13.16
CA GLY B 578 1.15 30.11 -13.67
C GLY B 578 2.07 31.32 -13.65
N ASP B 579 1.52 32.49 -13.94
CA ASP B 579 2.32 33.70 -14.04
C ASP B 579 2.22 34.50 -12.74
N LEU B 580 3.37 34.70 -12.10
CA LEU B 580 3.42 35.41 -10.83
C LEU B 580 3.36 36.92 -11.02
N ALA B 581 3.57 37.38 -12.24
CA ALA B 581 3.45 38.79 -12.56
C ALA B 581 1.99 39.24 -12.50
N SER B 582 1.08 38.29 -12.58
CA SER B 582 -0.35 38.58 -12.60
C SER B 582 -0.93 38.91 -11.23
N LEU B 583 -0.16 38.65 -10.17
CA LEU B 583 -0.63 38.90 -8.81
C LEU B 583 -0.90 40.39 -8.59
N LYS B 584 -2.18 40.73 -8.38
CA LYS B 584 -2.59 42.11 -8.17
C LYS B 584 -3.76 42.21 -7.19
N TRP B 585 -3.90 43.36 -6.55
CA TRP B 585 -4.98 43.61 -5.61
C TRP B 585 -6.33 43.83 -6.30
N ILE B 586 -7.38 43.22 -5.75
CA ILE B 586 -8.74 43.35 -6.28
C ILE B 586 -9.66 43.87 -5.18
N GLU B 587 -10.59 44.76 -5.55
CA GLU B 587 -11.56 45.30 -4.61
C GLU B 587 -12.49 44.21 -4.09
N ALA B 588 -12.82 44.28 -2.80
CA ALA B 588 -13.65 43.26 -2.16
C ALA B 588 -15.09 43.73 -1.93
N ALA B 589 -15.98 42.77 -1.76
CA ALA B 589 -17.40 43.03 -1.49
C ALA B 589 -17.61 43.53 -0.06
N GLN B 590 -18.76 44.15 0.17
CA GLN B 590 -19.09 44.68 1.49
C GLN B 590 -19.27 43.54 2.48
N ASN B 600 -21.16 33.05 14.24
CA ASN B 600 -19.92 32.89 15.01
C ASN B 600 -18.73 33.33 14.16
N LEU B 601 -18.84 34.51 13.56
CA LEU B 601 -17.79 35.05 12.71
C LEU B 601 -17.35 36.42 13.20
N GLU B 602 -16.14 36.83 12.83
CA GLU B 602 -15.63 38.13 13.24
C GLU B 602 -14.71 38.73 12.18
N THR B 603 -15.05 39.95 11.74
CA THR B 603 -14.25 40.66 10.75
C THR B 603 -13.06 41.36 11.40
N CYS B 604 -11.85 40.96 11.03
CA CYS B 604 -10.64 41.53 11.59
C CYS B 604 -9.88 42.32 10.53
N THR B 605 -9.06 43.28 10.95
CA THR B 605 -8.20 44.02 10.03
C THR B 605 -6.80 43.40 10.02
N VAL B 606 -6.32 43.06 8.83
CA VAL B 606 -5.07 42.34 8.66
C VAL B 606 -3.87 43.28 8.64
N TYR B 607 -2.84 42.91 9.38
CA TYR B 607 -1.57 43.65 9.40
C TYR B 607 -0.46 42.86 8.72
N TYR B 608 -0.33 41.58 9.08
CA TYR B 608 0.68 40.70 8.51
C TYR B 608 0.06 39.40 8.02
N ALA B 609 0.29 39.07 6.76
CA ALA B 609 -0.23 37.85 6.16
C ALA B 609 0.89 37.00 5.55
N PRO B 610 1.19 35.85 6.17
CA PRO B 610 2.21 34.95 5.60
C PRO B 610 1.74 34.20 4.37
N ILE B 611 2.67 33.84 3.50
CA ILE B 611 2.38 32.96 2.38
C ILE B 611 2.69 31.54 2.81
N ASN B 612 1.81 30.60 2.44
CA ASN B 612 2.06 29.20 2.72
C ASN B 612 2.22 28.44 1.41
N PHE B 613 2.74 27.21 1.50
CA PHE B 613 3.04 26.43 0.31
C PHE B 613 1.81 26.25 -0.56
N ARG B 614 0.64 26.15 0.08
CA ARG B 614 -0.60 25.98 -0.67
C ARG B 614 -0.85 27.17 -1.58
N ASP B 615 -0.50 28.35 -1.09
CA ASP B 615 -0.67 29.58 -1.86
C ASP B 615 0.24 29.60 -3.09
N VAL B 616 1.49 29.18 -2.89
CA VAL B 616 2.44 29.13 -3.99
C VAL B 616 2.00 28.09 -5.01
N MET B 617 1.67 26.90 -4.52
CA MET B 617 1.27 25.80 -5.39
C MET B 617 -0.02 26.11 -6.14
N LEU B 618 -0.98 26.70 -5.44
CA LEU B 618 -2.27 27.05 -6.04
C LEU B 618 -2.06 28.11 -7.13
N THR B 619 -1.30 29.14 -6.81
CA THR B 619 -1.08 30.25 -7.73
C THR B 619 -0.38 29.79 -9.00
N SER B 620 0.66 28.96 -8.85
CA SER B 620 1.42 28.48 -9.98
C SER B 620 0.61 27.51 -10.83
N GLY B 621 -0.33 26.83 -10.18
CA GLY B 621 -1.19 25.88 -10.87
C GLY B 621 -0.76 24.44 -10.67
N LYS B 622 0.35 24.25 -9.96
CA LYS B 622 0.81 22.91 -9.63
C LYS B 622 -0.20 22.17 -8.75
N LEU B 623 -0.92 22.92 -7.92
CA LEU B 623 -1.96 22.36 -7.08
C LEU B 623 -3.35 22.77 -7.55
N ALA B 624 -4.26 21.79 -7.58
CA ALA B 624 -5.63 21.99 -8.05
C ALA B 624 -6.50 22.71 -7.04
N ALA B 625 -7.73 22.96 -7.47
CA ALA B 625 -8.74 23.58 -6.65
C ALA B 625 -9.39 22.52 -5.76
N ASP B 626 -9.24 21.25 -6.15
CA ASP B 626 -9.84 20.12 -5.44
C ASP B 626 -9.40 20.09 -3.97
N ALA B 627 -8.23 20.65 -3.69
CA ALA B 627 -7.69 20.66 -2.34
C ALA B 627 -8.55 21.51 -1.40
N LEU B 628 -9.19 22.54 -1.95
CA LEU B 628 -10.00 23.44 -1.14
C LEU B 628 -11.10 22.71 -0.36
N PRO B 629 -11.21 22.98 0.95
CA PRO B 629 -12.19 22.29 1.79
C PRO B 629 -13.64 22.51 1.36
N GLY B 630 -14.18 23.70 1.66
CA GLY B 630 -15.57 24.01 1.40
C GLY B 630 -15.87 24.43 -0.03
N ASP B 631 -16.66 25.49 -0.16
CA ASP B 631 -17.13 25.93 -1.46
C ASP B 631 -16.21 27.02 -2.02
N LEU B 632 -14.94 26.94 -1.65
CA LEU B 632 -13.96 27.93 -2.04
C LEU B 632 -13.56 27.82 -3.51
N ALA B 633 -13.63 26.61 -4.06
CA ALA B 633 -13.30 26.39 -5.46
C ALA B 633 -14.15 27.29 -6.35
N GLU B 634 -15.36 27.59 -5.90
CA GLU B 634 -16.25 28.48 -6.62
C GLU B 634 -15.80 29.94 -6.46
N GLN B 635 -15.27 30.25 -5.28
CA GLN B 635 -14.94 31.62 -4.90
C GLN B 635 -13.67 32.15 -5.59
N ASP B 636 -13.54 33.47 -5.64
CA ASP B 636 -12.36 34.11 -6.24
C ASP B 636 -11.25 34.39 -5.24
N CYS B 637 -11.62 34.86 -4.05
CA CYS B 637 -10.65 35.20 -3.00
C CYS B 637 -10.34 33.97 -2.15
N VAL B 638 -9.20 33.34 -2.41
CA VAL B 638 -8.86 32.09 -1.76
C VAL B 638 -7.49 32.11 -1.06
N LEU B 639 -6.65 33.08 -1.40
CA LEU B 639 -5.32 33.14 -0.80
C LEU B 639 -5.37 33.63 0.65
N GLY B 640 -4.40 33.18 1.44
CA GLY B 640 -4.30 33.57 2.84
C GLY B 640 -4.81 32.53 3.82
N LEU B 641 -3.89 31.86 4.49
CA LEU B 641 -4.24 30.80 5.44
C LEU B 641 -4.14 31.27 6.89
N GLU B 642 -3.35 32.32 7.12
CA GLU B 642 -3.17 32.85 8.45
C GLU B 642 -2.81 34.34 8.40
N PHE B 643 -2.88 35.00 9.55
CA PHE B 643 -2.55 36.42 9.62
C PHE B 643 -2.39 36.91 11.06
N ALA B 644 -1.69 38.03 11.20
CA ALA B 644 -1.69 38.78 12.45
C ALA B 644 -2.28 40.16 12.18
N GLY B 645 -3.19 40.60 13.03
CA GLY B 645 -3.86 41.88 12.85
C GLY B 645 -4.65 42.29 14.06
N ARG B 646 -5.72 43.07 13.86
CA ARG B 646 -6.54 43.53 14.99
C ARG B 646 -7.98 43.04 14.88
N ASP B 647 -8.53 42.67 16.03
CA ASP B 647 -9.91 42.19 16.12
C ASP B 647 -10.90 43.34 16.15
N THR B 648 -12.18 43.01 16.05
CA THR B 648 -13.23 43.98 16.34
C THR B 648 -12.95 44.49 17.74
N GLN B 649 -12.93 45.81 17.90
CA GLN B 649 -12.61 46.47 19.16
C GLN B 649 -11.08 46.52 19.38
N GLY B 650 -10.33 46.39 18.30
CA GLY B 650 -8.90 46.66 18.33
C GLY B 650 -7.96 45.71 19.07
N ARG B 651 -8.41 44.51 19.43
CA ARG B 651 -7.53 43.59 20.15
C ARG B 651 -6.40 43.10 19.25
N ARG B 652 -5.23 42.90 19.84
CA ARG B 652 -4.09 42.35 19.11
C ARG B 652 -4.27 40.84 18.95
N VAL B 653 -4.45 40.38 17.72
CA VAL B 653 -4.83 38.99 17.50
C VAL B 653 -4.09 38.34 16.32
N MET B 654 -3.89 37.03 16.45
CA MET B 654 -3.42 36.18 15.38
C MET B 654 -4.42 35.04 15.22
N ALA B 655 -4.70 34.64 13.99
CA ALA B 655 -5.77 33.67 13.73
C ALA B 655 -5.42 32.69 12.61
N MET B 656 -6.28 31.68 12.45
CA MET B 656 -6.11 30.69 11.39
C MET B 656 -7.42 30.50 10.65
N VAL B 657 -7.35 30.51 9.32
CA VAL B 657 -8.54 30.42 8.49
C VAL B 657 -8.28 29.50 7.30
N PRO B 658 -9.36 28.98 6.68
CA PRO B 658 -9.18 28.14 5.49
C PRO B 658 -8.67 28.96 4.30
N ALA B 659 -9.08 30.21 4.24
CA ALA B 659 -8.69 31.10 3.15
C ALA B 659 -8.98 32.56 3.51
N LYS B 660 -8.62 33.47 2.60
CA LYS B 660 -9.06 34.86 2.63
C LYS B 660 -8.28 35.74 3.62
N SER B 661 -7.10 35.31 4.05
CA SER B 661 -6.32 36.10 4.98
C SER B 661 -5.40 37.09 4.27
N LEU B 662 -5.17 36.86 2.97
CA LEU B 662 -4.28 37.74 2.20
C LEU B 662 -5.09 38.89 1.64
N ALA B 663 -5.63 39.70 2.55
CA ALA B 663 -6.48 40.82 2.19
C ALA B 663 -6.36 41.90 3.25
N THR B 664 -6.91 43.08 2.97
CA THR B 664 -6.88 44.17 3.93
C THR B 664 -7.73 43.82 5.14
N THR B 665 -8.74 42.97 4.92
CA THR B 665 -9.61 42.50 5.99
C THR B 665 -9.93 41.03 5.81
N CYS B 666 -10.17 40.34 6.91
CA CYS B 666 -10.50 38.92 6.87
C CYS B 666 -11.52 38.55 7.94
N VAL B 667 -12.45 37.68 7.56
CA VAL B 667 -13.43 37.15 8.50
C VAL B 667 -12.87 35.87 9.08
N ALA B 668 -12.60 35.88 10.39
CA ALA B 668 -11.98 34.74 11.06
C ALA B 668 -12.99 34.04 11.97
N SER B 669 -12.80 32.75 12.18
CA SER B 669 -13.65 31.99 13.07
C SER B 669 -13.15 32.13 14.51
N LYS B 670 -14.06 32.50 15.41
CA LYS B 670 -13.70 32.77 16.80
C LYS B 670 -13.05 31.57 17.49
N ARG B 671 -13.48 30.37 17.10
CA ARG B 671 -12.93 29.15 17.67
C ARG B 671 -11.42 29.07 17.44
N MET B 672 -11.00 29.51 16.26
CA MET B 672 -9.58 29.47 15.86
C MET B 672 -8.96 30.86 15.91
N MET B 673 -8.84 31.42 17.12
CA MET B 673 -8.23 32.73 17.29
C MET B 673 -7.37 32.74 18.56
N TRP B 674 -6.21 33.40 18.49
CA TRP B 674 -5.31 33.54 19.62
C TRP B 674 -5.02 35.00 19.93
N GLN B 675 -4.93 35.33 21.21
CA GLN B 675 -4.53 36.67 21.62
C GLN B 675 -3.01 36.79 21.61
N ILE B 676 -2.49 37.75 20.85
CA ILE B 676 -1.05 37.92 20.70
C ILE B 676 -0.43 38.18 22.06
N PRO B 677 0.67 37.49 22.39
CA PRO B 677 1.33 37.81 23.65
C PRO B 677 2.11 39.12 23.55
N GLU B 678 2.52 39.67 24.69
CA GLU B 678 3.31 40.89 24.68
C GLU B 678 4.76 40.60 24.27
N LYS B 679 5.42 41.64 23.78
CA LYS B 679 6.82 41.55 23.33
C LYS B 679 6.96 40.61 22.14
N TRP B 680 5.84 40.35 21.47
CA TRP B 680 5.85 39.68 20.17
C TRP B 680 5.29 40.64 19.14
N THR B 681 6.04 40.85 18.07
CA THR B 681 5.57 41.69 16.98
C THR B 681 4.50 40.95 16.19
N MET B 682 3.57 41.71 15.60
CA MET B 682 2.57 41.12 14.72
C MET B 682 3.29 40.31 13.65
N GLU B 683 4.43 40.83 13.21
CA GLU B 683 5.31 40.13 12.27
C GLU B 683 5.65 38.74 12.81
N GLU B 684 6.10 38.68 14.06
CA GLU B 684 6.46 37.43 14.70
C GLU B 684 5.24 36.54 14.88
N ALA B 685 4.18 37.11 15.44
CA ALA B 685 2.97 36.35 15.78
C ALA B 685 2.40 35.66 14.54
N SER B 686 2.46 36.34 13.40
CA SER B 686 1.90 35.82 12.16
C SER B 686 2.48 34.46 11.77
N THR B 687 3.66 34.14 12.28
CA THR B 687 4.35 32.91 11.90
C THR B 687 3.85 31.68 12.65
N VAL B 688 3.09 31.89 13.71
CA VAL B 688 2.75 30.82 14.66
C VAL B 688 1.54 29.97 14.26
N PRO B 689 0.40 30.60 13.94
CA PRO B 689 -0.88 29.87 13.81
C PRO B 689 -0.81 28.53 13.06
N CYS B 690 -0.39 28.55 11.80
CA CYS B 690 -0.50 27.37 10.95
C CYS B 690 0.49 26.26 11.33
N VAL B 691 1.77 26.59 11.32
CA VAL B 691 2.82 25.58 11.52
C VAL B 691 2.67 24.90 12.87
N TYR B 692 2.26 25.65 13.88
CA TYR B 692 2.14 25.11 15.23
C TYR B 692 0.82 24.35 15.41
N SER B 693 -0.24 24.82 14.77
CA SER B 693 -1.49 24.07 14.74
C SER B 693 -1.24 22.71 14.12
N THR B 694 -0.38 22.67 13.11
CA THR B 694 -0.02 21.43 12.44
C THR B 694 0.80 20.52 13.37
N VAL B 695 1.81 21.10 14.01
CA VAL B 695 2.73 20.34 14.84
C VAL B 695 1.98 19.66 15.99
N TYR B 696 1.06 20.39 16.62
CA TYR B 696 0.35 19.88 17.78
C TYR B 696 -0.70 18.84 17.40
N TYR B 697 -1.37 19.03 16.26
CA TYR B 697 -2.36 18.07 15.81
C TYR B 697 -1.71 16.76 15.36
N ALA B 698 -0.47 16.84 14.91
CA ALA B 698 0.24 15.68 14.40
C ALA B 698 0.92 14.89 15.51
N LEU B 699 1.73 15.58 16.31
CA LEU B 699 2.55 14.93 17.32
C LEU B 699 1.75 14.55 18.57
N VAL B 700 0.82 15.41 18.98
CA VAL B 700 0.10 15.22 20.23
C VAL B 700 -1.26 14.54 20.00
N VAL B 701 -2.06 15.07 19.08
CA VAL B 701 -3.39 14.53 18.87
C VAL B 701 -3.31 13.18 18.17
N ARG B 702 -2.86 13.19 16.93
CA ARG B 702 -2.77 11.97 16.14
C ARG B 702 -1.69 11.05 16.69
N GLY B 703 -0.47 11.58 16.81
CA GLY B 703 0.66 10.79 17.23
C GLY B 703 0.76 10.48 18.72
N GLN B 704 0.16 11.35 19.54
CA GLN B 704 0.20 11.19 20.99
C GLN B 704 1.62 10.96 21.50
N MET B 705 2.51 11.92 21.28
CA MET B 705 3.89 11.76 21.68
C MET B 705 4.06 11.88 23.19
N LYS B 706 4.93 11.04 23.75
CA LYS B 706 5.20 11.05 25.18
C LYS B 706 6.67 11.33 25.47
N LYS B 707 6.93 11.85 26.67
CA LYS B 707 8.28 12.17 27.10
C LYS B 707 9.21 10.97 27.06
N GLY B 708 10.47 11.21 26.68
CA GLY B 708 11.47 10.17 26.67
C GLY B 708 11.53 9.38 25.38
N GLU B 709 10.51 9.54 24.55
CA GLU B 709 10.44 8.83 23.27
C GLU B 709 11.41 9.45 22.26
N LYS B 710 11.67 8.71 21.19
CA LYS B 710 12.53 9.17 20.11
C LYS B 710 11.66 9.54 18.91
N ILE B 711 11.88 10.74 18.36
CA ILE B 711 11.13 11.19 17.20
C ILE B 711 12.06 11.67 16.11
N LEU B 712 11.71 11.32 14.87
CA LEU B 712 12.45 11.75 13.69
C LEU B 712 11.70 12.89 12.98
N ILE B 713 12.23 14.11 13.09
CA ILE B 713 11.62 15.27 12.44
C ILE B 713 12.39 15.63 11.17
N HIS B 714 11.83 15.27 10.01
CA HIS B 714 12.45 15.61 8.73
C HIS B 714 12.27 17.08 8.39
N ALA B 715 13.15 17.60 7.54
CA ALA B 715 13.12 19.01 7.15
C ALA B 715 13.16 19.90 8.37
N GLY B 716 14.18 19.71 9.19
CA GLY B 716 14.30 20.40 10.46
C GLY B 716 14.20 21.91 10.40
N SER B 717 14.95 22.51 9.49
CA SER B 717 15.01 23.97 9.38
C SER B 717 13.92 24.54 8.48
N GLY B 718 12.77 23.88 8.48
CA GLY B 718 11.62 24.36 7.74
C GLY B 718 10.55 24.92 8.66
N GLY B 719 9.50 25.49 8.09
CA GLY B 719 8.42 26.05 8.86
C GLY B 719 7.82 25.07 9.85
N VAL B 720 7.37 23.93 9.34
CA VAL B 720 6.75 22.90 10.17
C VAL B 720 7.82 22.21 11.01
N GLY B 721 8.97 21.97 10.41
CA GLY B 721 10.09 21.32 11.10
C GLY B 721 10.56 22.07 12.33
N GLN B 722 10.90 23.33 12.15
CA GLN B 722 11.37 24.18 13.25
C GLN B 722 10.41 24.16 14.42
N ALA B 723 9.12 24.27 14.13
CA ALA B 723 8.09 24.26 15.16
C ALA B 723 8.03 22.89 15.82
N ALA B 724 8.19 21.84 15.02
CA ALA B 724 8.14 20.48 15.53
C ALA B 724 9.29 20.23 16.48
N ILE B 725 10.49 20.64 16.09
CA ILE B 725 11.68 20.44 16.91
C ILE B 725 11.51 21.14 18.25
N SER B 726 10.99 22.36 18.23
CA SER B 726 10.83 23.15 19.44
C SER B 726 9.89 22.48 20.43
N VAL B 727 8.72 22.07 19.95
CA VAL B 727 7.72 21.43 20.80
C VAL B 727 8.22 20.07 21.28
N ALA B 728 8.77 19.28 20.37
CA ALA B 728 9.27 17.96 20.69
C ALA B 728 10.33 18.05 21.80
N LEU B 729 11.34 18.88 21.58
CA LEU B 729 12.41 19.08 22.55
C LEU B 729 11.84 19.55 23.89
N ALA B 730 10.74 20.29 23.84
CA ALA B 730 10.10 20.78 25.05
C ALA B 730 9.48 19.66 25.86
N HIS B 731 8.93 18.67 25.18
CA HIS B 731 8.29 17.54 25.86
C HIS B 731 9.31 16.52 26.35
N GLY B 732 10.56 16.68 25.92
CA GLY B 732 11.64 15.86 26.44
C GLY B 732 12.00 14.66 25.58
N LEU B 733 11.57 14.68 24.32
CA LEU B 733 11.89 13.60 23.40
C LEU B 733 13.32 13.72 22.89
N THR B 734 13.91 12.60 22.49
CA THR B 734 15.16 12.63 21.77
C THR B 734 14.83 12.96 20.32
N VAL B 735 15.47 13.98 19.77
CA VAL B 735 15.11 14.47 18.46
C VAL B 735 16.20 14.15 17.43
N PHE B 736 15.78 13.54 16.33
CA PHE B 736 16.62 13.40 15.15
C PHE B 736 16.05 14.27 14.04
N THR B 737 16.91 14.87 13.23
CA THR B 737 16.44 15.68 12.12
C THR B 737 17.32 15.55 10.89
N THR B 738 16.86 16.17 9.80
CA THR B 738 17.62 16.22 8.56
C THR B 738 17.61 17.65 8.01
N VAL B 739 18.62 17.98 7.21
CA VAL B 739 18.76 19.32 6.67
C VAL B 739 19.21 19.25 5.21
N GLY B 740 18.86 20.27 4.44
CA GLY B 740 19.18 20.31 3.02
C GLY B 740 20.58 20.79 2.70
N SER B 741 21.26 21.43 3.65
CA SER B 741 22.59 21.97 3.41
C SER B 741 23.30 22.34 4.71
N LYS B 742 24.57 22.72 4.58
CA LYS B 742 25.39 23.08 5.73
C LYS B 742 24.82 24.28 6.48
N GLU B 743 24.40 25.31 5.75
CA GLU B 743 23.91 26.54 6.35
C GLU B 743 22.66 26.28 7.21
N LYS B 744 21.79 25.41 6.74
CA LYS B 744 20.58 25.05 7.48
C LYS B 744 20.95 24.30 8.75
N ARG B 745 21.97 23.47 8.65
CA ARG B 745 22.48 22.70 9.78
C ARG B 745 22.94 23.62 10.91
N GLU B 746 23.80 24.58 10.57
CA GLU B 746 24.34 25.52 11.54
C GLU B 746 23.20 26.28 12.20
N PHE B 747 22.19 26.62 11.41
CA PHE B 747 21.04 27.37 11.92
C PHE B 747 20.33 26.60 13.03
N LEU B 748 20.06 25.31 12.79
CA LEU B 748 19.39 24.48 13.78
C LEU B 748 20.23 24.36 15.06
N LEU B 749 21.49 24.01 14.89
CA LEU B 749 22.41 23.83 16.02
C LEU B 749 22.37 25.02 16.97
N LYS B 750 22.51 26.22 16.42
CA LYS B 750 22.61 27.44 17.21
C LYS B 750 21.25 27.88 17.77
N ARG B 751 20.16 27.47 17.11
CA ARG B 751 18.83 27.93 17.47
C ARG B 751 18.20 27.17 18.62
N PHE B 752 18.56 25.89 18.76
CA PHE B 752 17.87 25.03 19.72
C PHE B 752 18.83 24.56 20.81
N PRO B 753 18.27 24.16 21.96
CA PRO B 753 19.16 23.73 23.04
C PRO B 753 19.78 22.36 22.82
N LYS B 754 21.01 22.36 22.32
CA LYS B 754 21.81 21.16 22.17
C LYS B 754 21.14 20.06 21.34
N LEU B 755 20.88 20.35 20.08
CA LEU B 755 20.57 19.30 19.14
C LEU B 755 21.93 18.75 18.77
N GLN B 756 22.14 17.47 19.06
CA GLN B 756 23.46 16.88 18.93
C GLN B 756 23.76 16.60 17.47
N GLU B 757 24.95 16.99 17.05
CA GLU B 757 25.40 16.83 15.67
C GLU B 757 25.27 15.38 15.22
N ARG B 758 25.48 14.45 16.14
CA ARG B 758 25.29 13.03 15.84
C ARG B 758 23.85 12.77 15.38
N ASN B 759 22.93 13.64 15.80
CA ASN B 759 21.50 13.42 15.53
C ASN B 759 20.97 14.24 14.35
N ILE B 760 21.87 14.89 13.61
CA ILE B 760 21.45 15.67 12.44
C ILE B 760 21.89 14.95 11.17
N GLY B 761 20.91 14.50 10.39
CA GLY B 761 21.18 13.82 9.13
C GLY B 761 21.01 14.70 7.92
N ASN B 762 21.07 14.08 6.74
CA ASN B 762 20.93 14.78 5.46
C ASN B 762 19.62 14.42 4.78
N SER B 763 18.88 15.44 4.34
CA SER B 763 17.58 15.23 3.71
C SER B 763 17.69 14.96 2.21
N ARG B 764 18.86 15.25 1.66
CA ARG B 764 19.09 15.10 0.22
C ARG B 764 19.18 13.65 -0.25
N ASP B 765 19.53 12.75 0.65
CA ASP B 765 19.69 11.34 0.31
C ASP B 765 19.01 10.42 1.33
N THR B 766 19.29 9.12 1.26
CA THR B 766 18.70 8.15 2.17
C THR B 766 19.62 7.83 3.35
N SER B 767 20.75 8.52 3.43
CA SER B 767 21.75 8.26 4.45
C SER B 767 21.22 8.34 5.88
N PHE B 768 20.20 9.15 6.10
CA PHE B 768 19.69 9.38 7.45
C PHE B 768 19.17 8.07 8.07
N GLU B 769 18.82 7.10 7.23
CA GLU B 769 18.36 5.81 7.72
C GLU B 769 19.47 5.13 8.52
N GLN B 770 20.66 5.09 7.93
CA GLN B 770 21.82 4.48 8.57
C GLN B 770 22.18 5.21 9.86
N LEU B 771 22.15 6.54 9.81
CA LEU B 771 22.50 7.36 10.97
C LEU B 771 21.57 7.06 12.14
N VAL B 772 20.27 7.02 11.86
CA VAL B 772 19.28 6.83 12.89
C VAL B 772 19.36 5.42 13.48
N LEU B 773 19.42 4.41 12.62
CA LEU B 773 19.50 3.03 13.09
C LEU B 773 20.77 2.80 13.91
N ARG B 774 21.86 3.46 13.51
CA ARG B 774 23.12 3.35 14.25
C ARG B 774 22.98 3.96 15.64
N GLU B 775 22.34 5.12 15.71
CA GLU B 775 22.21 5.84 16.96
C GLU B 775 21.14 5.24 17.88
N THR B 776 20.20 4.51 17.28
CA THR B 776 19.16 3.84 18.06
C THR B 776 19.44 2.34 18.21
N LYS B 777 20.60 1.92 17.72
CA LYS B 777 21.02 0.53 17.82
C LYS B 777 19.95 -0.45 17.30
N GLY B 778 19.32 -0.08 16.19
CA GLY B 778 18.35 -0.95 15.55
C GLY B 778 16.94 -0.82 16.10
N ARG B 779 16.81 -0.10 17.21
CA ARG B 779 15.51 0.08 17.85
C ARG B 779 14.58 0.91 16.98
N GLY B 780 15.12 1.97 16.38
CA GLY B 780 14.31 2.89 15.60
C GLY B 780 13.81 4.02 16.46
N VAL B 781 12.78 4.73 15.98
CA VAL B 781 12.19 5.82 16.72
C VAL B 781 10.73 5.54 17.01
N ASP B 782 10.16 6.29 17.95
CA ASP B 782 8.77 6.08 18.35
C ASP B 782 7.81 6.83 17.45
N LEU B 783 8.28 7.94 16.89
CA LEU B 783 7.47 8.74 15.96
C LEU B 783 8.30 9.27 14.80
N VAL B 784 7.66 9.44 13.66
CA VAL B 784 8.27 10.08 12.51
C VAL B 784 7.32 11.13 11.96
N LEU B 785 7.79 12.37 11.91
CA LEU B 785 7.07 13.45 11.25
C LEU B 785 7.70 13.66 9.88
N ASN B 786 7.03 13.17 8.85
CA ASN B 786 7.63 13.11 7.51
C ASN B 786 7.03 14.09 6.52
N SER B 787 7.90 14.77 5.79
CA SER B 787 7.49 15.61 4.66
C SER B 787 8.26 15.21 3.39
N LEU B 788 9.06 14.14 3.48
CA LEU B 788 9.79 13.62 2.33
C LEU B 788 8.96 12.60 1.56
N SER B 789 9.44 12.20 0.38
CA SER B 789 8.68 11.32 -0.49
C SER B 789 9.54 10.27 -1.20
N GLU B 790 8.88 9.29 -1.80
CA GLU B 790 9.54 8.23 -2.57
C GLU B 790 10.61 7.51 -1.73
N GLU B 791 11.78 7.26 -2.33
CA GLU B 791 12.79 6.43 -1.68
C GLU B 791 13.14 6.92 -0.27
N LYS B 792 12.99 8.21 -0.04
CA LYS B 792 13.27 8.78 1.28
C LYS B 792 12.13 8.50 2.25
N LEU B 793 10.94 8.24 1.72
CA LEU B 793 9.79 7.89 2.56
C LEU B 793 9.94 6.46 3.02
N GLN B 794 10.23 5.57 2.08
CA GLN B 794 10.41 4.15 2.37
C GLN B 794 11.53 3.98 3.40
N ALA B 795 12.54 4.84 3.32
CA ALA B 795 13.65 4.81 4.25
C ALA B 795 13.22 5.28 5.65
N SER B 796 12.29 6.23 5.68
CA SER B 796 11.79 6.76 6.94
C SER B 796 10.94 5.71 7.65
N ILE B 797 10.25 4.87 6.88
CA ILE B 797 9.47 3.77 7.43
C ILE B 797 10.38 2.79 8.18
N ARG B 798 11.53 2.48 7.58
CA ARG B 798 12.46 1.55 8.17
C ARG B 798 13.03 2.09 9.48
N CYS B 799 12.91 3.39 9.70
CA CYS B 799 13.37 4.01 10.94
C CYS B 799 12.34 3.85 12.05
N LEU B 800 11.15 3.39 11.69
CA LEU B 800 10.06 3.25 12.65
C LEU B 800 10.27 2.03 13.53
N GLY B 801 10.26 2.24 14.84
CA GLY B 801 10.46 1.15 15.79
C GLY B 801 9.15 0.55 16.29
N LEU B 802 9.27 -0.47 17.15
CA LEU B 802 8.11 -1.16 17.68
C LEU B 802 7.11 -0.17 18.29
N ASN B 803 5.83 -0.40 18.04
CA ASN B 803 4.78 0.49 18.53
C ASN B 803 4.93 1.90 17.95
N GLY B 804 5.74 2.03 16.91
CA GLY B 804 6.00 3.32 16.29
C GLY B 804 4.76 3.94 15.68
N ARG B 805 4.84 5.23 15.42
CA ARG B 805 3.72 5.97 14.83
C ARG B 805 4.22 6.94 13.77
N PHE B 806 3.95 6.61 12.52
CA PHE B 806 4.40 7.41 11.39
C PHE B 806 3.39 8.53 11.12
N LEU B 807 3.89 9.76 10.99
CA LEU B 807 3.04 10.93 10.82
C LEU B 807 3.34 11.64 9.51
N GLU B 808 2.52 11.37 8.49
CA GLU B 808 2.75 11.92 7.16
C GLU B 808 2.06 13.27 6.96
N ILE B 809 2.82 14.28 6.54
CA ILE B 809 2.27 15.58 6.22
C ILE B 809 2.62 15.99 4.79
N GLY B 810 3.22 15.07 4.04
CA GLY B 810 3.48 15.29 2.63
C GLY B 810 2.29 14.86 1.77
N LYS B 811 2.39 15.04 0.46
CA LYS B 811 1.26 14.78 -0.42
C LYS B 811 1.61 13.96 -1.67
N PHE B 812 2.89 13.91 -2.04
CA PHE B 812 3.27 13.24 -3.29
C PHE B 812 2.78 11.80 -3.31
N ASP B 813 3.30 10.97 -2.43
CA ASP B 813 2.98 9.55 -2.40
C ASP B 813 1.48 9.33 -2.17
N LEU B 814 0.85 10.25 -1.44
CA LEU B 814 -0.58 10.19 -1.20
C LEU B 814 -1.36 10.43 -2.48
N SER B 815 -1.01 11.50 -3.20
CA SER B 815 -1.66 11.84 -4.45
C SER B 815 -1.39 10.76 -5.50
N ASN B 816 -0.13 10.35 -5.59
CA ASN B 816 0.30 9.37 -6.59
C ASN B 816 -0.17 7.96 -6.21
N ASN B 817 -0.71 7.81 -5.01
CA ASN B 817 -1.18 6.51 -4.53
C ASN B 817 -0.04 5.49 -4.49
N SER B 818 1.12 5.93 -4.01
CA SER B 818 2.28 5.06 -3.93
C SER B 818 1.96 3.84 -3.06
N PRO B 819 2.60 2.70 -3.35
CA PRO B 819 2.34 1.50 -2.55
C PRO B 819 3.12 1.48 -1.24
N LEU B 820 2.48 1.04 -0.17
CA LEU B 820 3.12 0.93 1.14
C LEU B 820 3.17 -0.52 1.62
N GLY B 821 4.38 -1.03 1.85
CA GLY B 821 4.56 -2.38 2.36
C GLY B 821 3.93 -2.52 3.73
N MET B 822 2.96 -3.43 3.84
CA MET B 822 2.20 -3.56 5.08
C MET B 822 2.94 -4.36 6.15
N SER B 823 4.15 -4.80 5.85
CA SER B 823 4.97 -5.53 6.81
C SER B 823 5.28 -4.67 8.02
N VAL B 824 5.41 -3.37 7.78
CA VAL B 824 5.71 -2.40 8.83
C VAL B 824 4.70 -2.49 9.98
N PHE B 825 3.48 -2.92 9.67
CA PHE B 825 2.42 -2.95 10.66
C PHE B 825 2.54 -4.17 11.58
N LEU B 826 3.42 -5.11 11.24
CA LEU B 826 3.72 -6.24 12.11
C LEU B 826 4.30 -5.74 13.43
N LYS B 827 4.91 -4.55 13.39
CA LYS B 827 5.57 -3.98 14.55
C LYS B 827 4.59 -3.24 15.46
N ASN B 828 3.29 -3.48 15.24
CA ASN B 828 2.25 -2.86 16.05
C ASN B 828 2.26 -1.34 15.86
N THR B 829 2.48 -0.90 14.63
CA THR B 829 2.66 0.52 14.33
C THR B 829 1.37 1.16 13.81
N SER B 830 1.44 2.48 13.62
CA SER B 830 0.33 3.24 13.03
C SER B 830 0.84 4.17 11.95
N PHE B 831 0.09 4.28 10.85
CA PHE B 831 0.36 5.27 9.82
C PHE B 831 -0.73 6.33 9.85
N HIS B 832 -0.33 7.59 9.97
CA HIS B 832 -1.29 8.69 10.07
C HIS B 832 -1.22 9.66 8.91
N GLY B 833 -2.29 9.70 8.12
CA GLY B 833 -2.48 10.75 7.13
C GLY B 833 -2.94 12.00 7.85
N ILE B 834 -2.16 13.07 7.76
CA ILE B 834 -2.43 14.30 8.51
C ILE B 834 -2.69 15.48 7.58
N LEU B 835 -3.94 15.89 7.49
CA LEU B 835 -4.34 17.06 6.72
C LEU B 835 -4.95 18.10 7.64
N LEU B 836 -4.24 19.21 7.85
CA LEU B 836 -4.74 20.27 8.71
C LEU B 836 -6.09 20.78 8.20
N ASP B 837 -6.25 20.80 6.88
CA ASP B 837 -7.50 21.23 6.25
C ASP B 837 -8.69 20.45 6.81
N SER B 838 -8.49 19.15 7.01
CA SER B 838 -9.55 18.29 7.54
C SER B 838 -10.03 18.77 8.90
N VAL B 839 -9.16 19.46 9.62
CA VAL B 839 -9.50 19.99 10.94
C VAL B 839 -10.52 21.12 10.81
N MET B 840 -10.18 22.11 9.99
CA MET B 840 -10.98 23.31 9.83
C MET B 840 -12.32 23.03 9.16
N GLU B 841 -12.33 22.14 8.17
CA GLU B 841 -13.57 21.77 7.50
C GLU B 841 -14.44 20.88 8.39
N GLY B 842 -13.82 20.18 9.32
CA GLY B 842 -14.51 19.22 10.16
C GLY B 842 -15.22 19.83 11.35
N GLU B 843 -15.54 18.99 12.33
CA GLU B 843 -16.29 19.40 13.52
C GLU B 843 -15.51 20.42 14.34
N GLU B 844 -16.15 20.94 15.39
CA GLU B 844 -15.63 22.07 16.15
C GLU B 844 -14.66 21.69 17.26
N GLU B 845 -14.97 20.64 18.00
CA GLU B 845 -14.20 20.29 19.19
C GLU B 845 -12.72 20.11 18.90
N MET B 846 -12.40 19.56 17.72
CA MET B 846 -11.01 19.36 17.33
C MET B 846 -10.33 20.72 17.18
N GLN B 847 -11.05 21.68 16.62
CA GLN B 847 -10.52 23.03 16.45
C GLN B 847 -10.17 23.64 17.81
N ASN B 848 -11.05 23.44 18.78
CA ASN B 848 -10.85 24.00 20.11
C ASN B 848 -9.70 23.29 20.82
N GLN B 849 -9.49 22.02 20.48
CA GLN B 849 -8.42 21.24 21.06
C GLN B 849 -7.06 21.72 20.60
N VAL B 850 -6.90 21.89 19.30
CA VAL B 850 -5.60 22.27 18.74
C VAL B 850 -5.19 23.67 19.20
N VAL B 851 -6.14 24.59 19.25
CA VAL B 851 -5.83 25.97 19.63
C VAL B 851 -5.40 26.03 21.10
N SER B 852 -6.01 25.17 21.93
CA SER B 852 -5.61 25.07 23.33
C SER B 852 -4.17 24.61 23.42
N LEU B 853 -3.82 23.60 22.61
CA LEU B 853 -2.48 23.05 22.58
C LEU B 853 -1.45 24.10 22.17
N VAL B 854 -1.75 24.85 21.11
CA VAL B 854 -0.87 25.91 20.64
C VAL B 854 -0.80 26.99 21.72
N ALA B 855 -1.94 27.29 22.31
CA ALA B 855 -2.05 28.31 23.34
C ALA B 855 -1.15 27.95 24.53
N GLU B 856 -1.25 26.70 24.98
CA GLU B 856 -0.46 26.23 26.10
C GLU B 856 1.03 26.34 25.80
N GLY B 857 1.39 26.11 24.54
CA GLY B 857 2.78 26.12 24.15
C GLY B 857 3.43 27.48 24.27
N ILE B 858 2.66 28.52 23.96
CA ILE B 858 3.16 29.89 24.02
C ILE B 858 3.55 30.22 25.45
N LYS B 859 2.69 29.85 26.40
CA LYS B 859 2.96 30.09 27.81
C LYS B 859 4.18 29.30 28.26
N THR B 860 4.28 28.07 27.76
CA THR B 860 5.37 27.17 28.12
C THR B 860 6.72 27.70 27.64
N GLY B 861 6.71 28.39 26.51
CA GLY B 861 7.93 28.85 25.88
C GLY B 861 8.36 27.93 24.76
N ALA B 862 7.58 26.87 24.55
CA ALA B 862 7.85 25.90 23.51
C ALA B 862 7.62 26.51 22.13
N VAL B 863 6.67 27.44 22.06
CA VAL B 863 6.34 28.12 20.81
C VAL B 863 7.21 29.35 20.64
N VAL B 864 8.09 29.29 19.64
CA VAL B 864 8.99 30.39 19.32
C VAL B 864 8.63 30.90 17.94
N PRO B 865 8.60 32.24 17.75
CA PRO B 865 8.33 32.76 16.41
C PRO B 865 9.45 32.41 15.42
N LEU B 866 9.10 32.29 14.15
CA LEU B 866 10.08 31.91 13.14
C LEU B 866 10.78 33.13 12.56
N PRO B 867 11.95 32.94 11.94
CA PRO B 867 12.57 34.01 11.17
C PRO B 867 11.63 34.55 10.10
N THR B 868 11.75 35.82 9.75
CA THR B 868 10.82 36.44 8.80
C THR B 868 11.54 37.09 7.63
N SER B 869 10.99 36.87 6.43
CA SER B 869 11.40 37.60 5.23
C SER B 869 10.22 38.44 4.76
N VAL B 870 10.21 39.71 5.15
CA VAL B 870 9.03 40.54 4.97
C VAL B 870 9.00 41.24 3.61
N PHE B 871 7.80 41.30 3.03
CA PHE B 871 7.56 42.03 1.79
C PHE B 871 6.34 42.91 1.98
N ASN B 872 6.36 44.12 1.40
CA ASN B 872 5.23 45.03 1.53
C ASN B 872 4.14 44.70 0.51
N ASP B 873 3.03 45.42 0.60
CA ASP B 873 1.82 45.09 -0.15
C ASP B 873 1.97 45.10 -1.67
N GLN B 874 2.95 45.83 -2.19
CA GLN B 874 3.13 45.95 -3.64
C GLN B 874 4.04 44.86 -4.22
N GLN B 875 4.90 44.30 -3.37
CA GLN B 875 5.90 43.33 -3.82
C GLN B 875 5.44 41.89 -3.62
N VAL B 876 4.15 41.65 -3.88
CA VAL B 876 3.60 40.31 -3.70
C VAL B 876 4.24 39.35 -4.69
N GLU B 877 4.50 39.82 -5.90
CA GLU B 877 5.12 39.00 -6.93
C GLU B 877 6.45 38.41 -6.44
N GLN B 878 7.35 39.28 -5.99
CA GLN B 878 8.67 38.85 -5.55
C GLN B 878 8.57 37.93 -4.34
N ALA B 879 7.58 38.18 -3.48
CA ALA B 879 7.37 37.35 -2.30
C ALA B 879 7.13 35.90 -2.71
N PHE B 880 6.24 35.71 -3.67
CA PHE B 880 5.92 34.38 -4.17
C PHE B 880 7.14 33.79 -4.88
N ARG B 881 7.74 34.58 -5.78
CA ARG B 881 8.92 34.15 -6.51
C ARG B 881 10.03 33.78 -5.54
N PHE B 882 10.11 34.49 -4.42
CA PHE B 882 11.15 34.27 -3.43
C PHE B 882 10.94 32.96 -2.68
N MET B 883 9.69 32.63 -2.38
CA MET B 883 9.37 31.42 -1.65
C MET B 883 9.50 30.18 -2.53
N ALA B 884 9.13 30.32 -3.80
CA ALA B 884 9.23 29.21 -4.74
C ALA B 884 10.68 28.75 -4.87
N SER B 885 11.60 29.70 -4.80
CA SER B 885 13.03 29.41 -4.95
C SER B 885 13.52 28.42 -3.89
N GLY B 886 13.17 28.67 -2.64
CA GLY B 886 13.54 27.78 -1.56
C GLY B 886 14.78 28.22 -0.80
N LYS B 887 15.21 29.45 -1.03
CA LYS B 887 16.37 30.02 -0.34
C LYS B 887 15.99 30.56 1.05
N HIS B 888 14.69 30.58 1.33
CA HIS B 888 14.16 31.14 2.58
C HIS B 888 14.22 30.16 3.75
N ILE B 889 14.41 30.71 4.95
CA ILE B 889 14.33 29.93 6.18
C ILE B 889 13.28 30.57 7.07
N GLY B 890 12.23 29.81 7.38
CA GLY B 890 11.14 30.32 8.20
C GLY B 890 9.94 30.75 7.36
N LYS B 891 9.19 31.73 7.85
CA LYS B 891 7.96 32.16 7.20
C LYS B 891 8.16 33.40 6.34
N VAL B 892 7.57 33.39 5.16
CA VAL B 892 7.57 34.53 4.27
C VAL B 892 6.31 35.32 4.58
N VAL B 893 6.47 36.60 4.91
CA VAL B 893 5.35 37.40 5.38
C VAL B 893 5.15 38.64 4.52
N ILE B 894 3.89 38.95 4.23
CA ILE B 894 3.55 40.17 3.50
C ILE B 894 3.06 41.19 4.51
N LYS B 895 3.71 42.35 4.52
CA LYS B 895 3.35 43.43 5.43
C LYS B 895 2.25 44.27 4.81
N VAL B 896 0.99 43.92 5.11
CA VAL B 896 -0.14 44.66 4.58
C VAL B 896 -0.20 46.00 5.28
N ARG B 897 0.00 45.99 6.60
CA ARG B 897 0.00 47.21 7.39
C ARG B 897 1.19 47.27 8.35
N ASP B 898 1.75 48.47 8.52
CA ASP B 898 2.76 48.71 9.53
C ASP B 898 2.12 48.69 10.90
N GLU B 899 2.72 47.95 11.83
CA GLU B 899 2.20 47.82 13.18
C GLU B 899 2.47 49.10 13.96
N GLU B 900 1.47 49.58 14.70
CA GLU B 900 1.69 50.73 15.57
C GLU B 900 2.79 50.37 16.56
N ALA B 901 3.62 51.35 16.91
CA ALA B 901 4.81 51.10 17.71
C ALA B 901 4.52 50.87 19.19
N GLY B 902 3.24 50.79 19.56
CA GLY B 902 2.86 50.67 20.96
C GLY B 902 2.57 49.27 21.48
N LYS B 903 2.38 48.30 20.58
CA LYS B 903 1.94 46.98 20.99
C LYS B 903 0.75 47.09 21.94
N LYS B 904 -0.28 47.79 21.49
CA LYS B 904 -1.49 48.01 22.30
C LYS B 904 -2.74 47.52 21.61
N ALA B 905 -3.84 47.48 22.34
CA ALA B 905 -5.15 47.16 21.79
C ALA B 905 -5.76 48.40 21.12
N LEU B 906 -4.93 49.15 20.43
CA LEU B 906 -5.31 50.46 19.90
C LEU B 906 -6.20 50.31 18.67
N GLN B 907 -7.19 51.20 18.56
CA GLN B 907 -8.09 51.18 17.40
C GLN B 907 -7.30 51.54 16.15
N PRO B 908 -7.44 50.75 15.08
CA PRO B 908 -6.59 50.97 13.92
C PRO B 908 -6.93 52.23 13.15
N LYS B 909 -5.90 52.90 12.64
CA LYS B 909 -6.09 54.04 11.76
C LYS B 909 -6.63 53.52 10.43
N PRO B 910 -7.47 54.32 9.75
CA PRO B 910 -8.04 53.88 8.46
C PRO B 910 -6.98 53.88 7.37
N ARG B 911 -7.10 52.97 6.40
CA ARG B 911 -6.15 52.92 5.31
C ARG B 911 -6.82 52.73 3.96
N LEU B 912 -6.12 53.12 2.89
CA LEU B 912 -6.57 52.88 1.54
C LEU B 912 -5.48 52.21 0.71
N ILE B 913 -5.88 51.33 -0.19
CA ILE B 913 -4.93 50.65 -1.06
C ILE B 913 -5.45 50.70 -2.49
N ASN B 914 -4.53 50.89 -3.44
CA ASN B 914 -4.89 50.94 -4.85
C ASN B 914 -5.10 49.52 -5.40
N ALA B 915 -6.33 49.22 -5.79
CA ALA B 915 -6.68 47.92 -6.32
C ALA B 915 -7.63 48.08 -7.51
N ILE B 916 -7.66 47.08 -8.39
CA ILE B 916 -8.57 47.10 -9.52
C ILE B 916 -9.98 47.10 -8.97
N PRO B 917 -10.78 48.13 -9.28
CA PRO B 917 -12.14 48.17 -8.72
C PRO B 917 -13.02 47.04 -9.27
N ARG B 918 -13.99 46.63 -8.47
CA ARG B 918 -14.89 45.56 -8.87
C ARG B 918 -16.23 45.76 -8.17
N THR B 919 -17.31 45.71 -8.95
CA THR B 919 -18.64 45.96 -8.42
C THR B 919 -19.36 44.64 -8.17
N TYR B 920 -19.91 44.49 -6.97
CA TYR B 920 -20.66 43.30 -6.61
C TYR B 920 -22.16 43.60 -6.48
N MET B 921 -22.98 42.58 -6.68
CA MET B 921 -24.43 42.72 -6.51
C MET B 921 -24.79 42.70 -5.03
N HIS B 922 -25.96 43.23 -4.69
CA HIS B 922 -26.43 43.23 -3.31
C HIS B 922 -27.14 41.90 -3.00
N PRO B 923 -26.71 41.20 -1.94
CA PRO B 923 -27.25 39.86 -1.68
C PRO B 923 -28.68 39.84 -1.12
N GLU B 924 -29.29 41.01 -0.94
CA GLU B 924 -30.67 41.08 -0.45
C GLU B 924 -31.56 41.86 -1.40
N LYS B 925 -31.16 41.95 -2.67
CA LYS B 925 -31.96 42.58 -3.70
C LYS B 925 -32.27 41.58 -4.81
N SER B 926 -33.30 41.89 -5.60
CA SER B 926 -33.67 41.03 -6.72
C SER B 926 -33.15 41.60 -8.03
N TYR B 927 -33.03 40.75 -9.04
CA TYR B 927 -32.54 41.17 -10.34
C TYR B 927 -33.39 40.55 -11.45
N ILE B 928 -34.08 41.40 -12.18
CA ILE B 928 -35.00 40.95 -13.23
C ILE B 928 -34.25 40.90 -14.56
N LEU B 929 -34.31 39.74 -15.21
CA LEU B 929 -33.72 39.57 -16.52
C LEU B 929 -34.80 39.22 -17.54
N VAL B 930 -35.20 40.21 -18.34
CA VAL B 930 -36.22 39.99 -19.36
C VAL B 930 -35.60 39.17 -20.49
N GLY B 931 -36.23 38.03 -20.81
CA GLY B 931 -35.64 37.07 -21.73
C GLY B 931 -34.43 36.41 -21.11
N GLY B 932 -34.53 36.10 -19.82
CA GLY B 932 -33.41 35.63 -19.03
C GLY B 932 -32.97 34.19 -19.24
N LEU B 933 -33.78 33.39 -19.92
CA LEU B 933 -33.48 31.97 -20.09
C LEU B 933 -32.77 31.67 -21.41
N GLY B 934 -32.53 32.71 -22.21
CA GLY B 934 -31.74 32.56 -23.42
C GLY B 934 -30.28 32.33 -23.10
N GLY B 935 -29.50 32.00 -24.12
CA GLY B 935 -28.07 31.76 -23.95
C GLY B 935 -27.41 32.89 -23.19
N PHE B 936 -27.54 34.10 -23.70
CA PHE B 936 -26.99 35.29 -23.07
C PHE B 936 -27.46 35.38 -21.62
N GLY B 937 -28.77 35.24 -21.43
CA GLY B 937 -29.37 35.35 -20.11
C GLY B 937 -28.80 34.38 -19.08
N LEU B 938 -28.61 33.13 -19.49
CA LEU B 938 -28.10 32.11 -18.60
C LEU B 938 -26.72 32.48 -18.08
N GLU B 939 -25.84 32.91 -18.99
CA GLU B 939 -24.47 33.23 -18.62
C GLU B 939 -24.41 34.54 -17.83
N LEU B 940 -25.32 35.45 -18.12
CA LEU B 940 -25.41 36.68 -17.35
C LEU B 940 -25.88 36.38 -15.93
N THR B 941 -26.93 35.57 -15.83
CA THR B 941 -27.45 35.17 -14.53
C THR B 941 -26.35 34.53 -13.69
N ASN B 942 -25.66 33.57 -14.29
CA ASN B 942 -24.58 32.86 -13.60
C ASN B 942 -23.56 33.85 -13.06
N TRP B 943 -23.17 34.78 -13.92
CA TRP B 943 -22.20 35.82 -13.54
C TRP B 943 -22.71 36.67 -12.37
N LEU B 944 -23.99 37.02 -12.40
CA LEU B 944 -24.58 37.83 -11.33
C LEU B 944 -24.56 37.08 -10.00
N VAL B 945 -24.77 35.77 -10.06
CA VAL B 945 -24.78 34.94 -8.85
C VAL B 945 -23.39 34.91 -8.24
N THR B 946 -22.38 34.78 -9.08
CA THR B 946 -20.99 34.74 -8.63
C THR B 946 -20.55 36.10 -8.09
N ARG B 947 -21.27 37.15 -8.45
CA ARG B 947 -20.98 38.49 -7.95
C ARG B 947 -21.80 38.82 -6.71
N GLY B 948 -22.54 37.83 -6.21
CA GLY B 948 -23.25 37.96 -4.94
C GLY B 948 -24.77 38.00 -5.04
N ALA B 949 -25.30 37.92 -6.26
CA ALA B 949 -26.75 37.92 -6.45
C ALA B 949 -27.35 36.65 -5.84
N ARG B 950 -28.43 36.82 -5.09
CA ARG B 950 -29.09 35.70 -4.42
C ARG B 950 -30.59 35.67 -4.68
N TYR B 951 -31.06 36.61 -5.50
CA TYR B 951 -32.47 36.62 -5.91
C TYR B 951 -32.59 36.94 -7.39
N ILE B 952 -33.05 35.95 -8.16
CA ILE B 952 -33.08 36.05 -9.61
C ILE B 952 -34.51 35.89 -10.14
N VAL B 953 -34.89 36.76 -11.06
CA VAL B 953 -36.15 36.64 -11.77
C VAL B 953 -35.86 36.54 -13.27
N LEU B 954 -36.31 35.45 -13.89
CA LEU B 954 -36.10 35.23 -15.31
C LEU B 954 -37.45 35.23 -16.05
N THR B 955 -37.56 36.04 -17.09
CA THR B 955 -38.78 36.12 -17.89
C THR B 955 -38.72 35.22 -19.11
N SER B 956 -39.70 34.34 -19.23
CA SER B 956 -39.82 33.48 -20.39
C SER B 956 -41.27 33.09 -20.66
N ARG B 957 -41.73 33.35 -21.88
CA ARG B 957 -43.10 33.06 -22.27
C ARG B 957 -43.34 31.54 -22.33
N SER B 958 -42.37 30.82 -22.89
CA SER B 958 -42.48 29.37 -23.03
C SER B 958 -42.08 28.67 -21.74
N GLY B 959 -41.29 29.34 -20.91
CA GLY B 959 -40.79 28.75 -19.69
C GLY B 959 -39.57 27.88 -19.94
N VAL B 960 -39.22 27.04 -18.97
CA VAL B 960 -38.08 26.13 -19.14
C VAL B 960 -38.42 25.19 -20.29
N LYS B 961 -37.54 25.17 -21.30
CA LYS B 961 -37.81 24.40 -22.50
C LYS B 961 -36.72 23.36 -22.75
N THR B 962 -35.48 23.71 -22.45
CA THR B 962 -34.34 22.83 -22.69
C THR B 962 -33.77 22.30 -21.39
N GLY B 963 -33.19 21.10 -21.44
CA GLY B 963 -32.56 20.49 -20.28
C GLY B 963 -31.44 21.32 -19.70
N TYR B 964 -30.63 21.93 -20.56
CA TYR B 964 -29.53 22.79 -20.11
C TYR B 964 -30.06 23.92 -19.22
N GLN B 965 -31.19 24.51 -19.61
CA GLN B 965 -31.81 25.56 -18.82
C GLN B 965 -32.09 25.06 -17.40
N GLY B 966 -32.84 23.98 -17.30
CA GLY B 966 -33.17 23.39 -16.01
C GLY B 966 -31.94 23.05 -15.19
N LEU B 967 -30.89 22.62 -15.88
CA LEU B 967 -29.64 22.26 -15.23
C LEU B 967 -29.03 23.47 -14.52
N MET B 968 -28.91 24.58 -15.23
CA MET B 968 -28.32 25.79 -14.68
C MET B 968 -29.13 26.31 -13.50
N ILE B 969 -30.45 26.23 -13.59
CA ILE B 969 -31.33 26.69 -12.53
C ILE B 969 -31.12 25.81 -11.30
N ARG B 970 -31.04 24.50 -11.52
CA ARG B 970 -30.85 23.56 -10.42
C ARG B 970 -29.57 23.88 -9.65
N ARG B 971 -28.50 24.16 -10.38
CA ARG B 971 -27.21 24.47 -9.77
C ARG B 971 -27.25 25.76 -8.94
N TRP B 972 -27.99 26.75 -9.42
CA TRP B 972 -28.12 28.02 -8.70
C TRP B 972 -28.92 27.84 -7.42
N GLN B 973 -29.95 27.03 -7.48
CA GLN B 973 -30.82 26.81 -6.33
C GLN B 973 -30.11 26.01 -5.24
N GLU B 974 -29.27 25.06 -5.65
CA GLU B 974 -28.51 24.27 -4.70
C GLU B 974 -27.49 25.15 -3.96
N ARG B 975 -26.93 26.13 -4.66
CA ARG B 975 -26.01 27.08 -4.04
C ARG B 975 -26.75 28.16 -3.25
N GLY B 976 -28.07 28.02 -3.13
CA GLY B 976 -28.86 28.90 -2.28
C GLY B 976 -29.44 30.13 -2.93
N VAL B 977 -29.60 30.10 -4.25
CA VAL B 977 -30.17 31.23 -4.97
C VAL B 977 -31.67 31.03 -5.16
N LYS B 978 -32.44 32.10 -4.96
CA LYS B 978 -33.88 32.07 -5.20
C LYS B 978 -34.17 32.41 -6.65
N VAL B 979 -34.65 31.42 -7.41
CA VAL B 979 -34.92 31.62 -8.83
C VAL B 979 -36.42 31.56 -9.13
N VAL B 980 -36.92 32.58 -9.81
CA VAL B 980 -38.31 32.63 -10.24
C VAL B 980 -38.41 32.76 -11.75
N ILE B 981 -39.19 31.87 -12.37
CA ILE B 981 -39.50 31.97 -13.79
C ILE B 981 -40.88 32.62 -13.94
N ASP B 982 -40.90 33.85 -14.45
CA ASP B 982 -42.15 34.58 -14.64
C ASP B 982 -42.62 34.47 -16.09
N THR B 983 -43.77 33.83 -16.29
CA THR B 983 -44.25 33.51 -17.64
C THR B 983 -45.34 34.47 -18.14
N SER B 984 -45.56 35.58 -17.43
CA SER B 984 -46.60 36.52 -17.80
C SER B 984 -46.14 37.46 -18.92
N ASP B 985 -47.09 38.01 -19.66
CA ASP B 985 -46.80 38.97 -20.73
C ASP B 985 -46.40 40.31 -20.14
N VAL B 986 -45.11 40.60 -20.19
CA VAL B 986 -44.56 41.81 -19.55
C VAL B 986 -44.61 43.02 -20.50
N THR B 987 -44.99 42.80 -21.74
CA THR B 987 -44.99 43.86 -22.74
C THR B 987 -46.08 44.89 -22.48
N THR B 988 -47.17 44.47 -21.85
CA THR B 988 -48.26 45.37 -21.52
C THR B 988 -47.92 46.15 -20.24
N ALA B 989 -48.70 47.18 -19.95
CA ALA B 989 -48.48 48.00 -18.77
C ALA B 989 -48.83 47.22 -17.51
N ALA B 990 -49.92 46.46 -17.59
CA ALA B 990 -50.39 45.68 -16.44
C ALA B 990 -49.41 44.56 -16.11
N GLY B 991 -48.86 43.94 -17.15
CA GLY B 991 -47.89 42.87 -16.97
C GLY B 991 -46.60 43.36 -16.36
N ALA B 992 -46.08 44.47 -16.87
CA ALA B 992 -44.87 45.08 -16.35
C ALA B 992 -45.09 45.51 -14.90
N LYS B 993 -46.24 46.12 -14.65
CA LYS B 993 -46.60 46.59 -13.32
C LYS B 993 -46.60 45.43 -12.32
N LYS B 994 -47.17 44.31 -12.73
CA LYS B 994 -47.28 43.14 -11.86
C LYS B 994 -45.91 42.53 -11.57
N LEU B 995 -45.12 42.31 -12.63
CA LEU B 995 -43.79 41.75 -12.49
C LEU B 995 -42.96 42.50 -11.46
N LEU B 996 -42.96 43.82 -11.55
CA LEU B 996 -42.15 44.66 -10.69
C LEU B 996 -42.64 44.61 -9.24
N GLU B 997 -43.94 44.48 -9.06
CA GLU B 997 -44.51 44.45 -7.72
C GLU B 997 -44.25 43.10 -7.05
N ASN B 998 -44.31 42.02 -7.83
CA ASN B 998 -43.98 40.69 -7.33
C ASN B 998 -42.51 40.58 -6.96
N SER B 999 -41.65 41.01 -7.88
CA SER B 999 -40.20 40.93 -7.67
C SER B 999 -39.76 41.73 -6.46
N ASN B 1000 -40.35 42.91 -6.26
CA ASN B 1000 -39.91 43.80 -5.20
C ASN B 1000 -40.22 43.29 -3.80
N LYS B 1001 -41.40 42.71 -3.62
CA LYS B 1001 -41.79 42.15 -2.33
C LYS B 1001 -41.03 40.85 -2.07
N LEU B 1002 -40.74 40.14 -3.16
CA LEU B 1002 -39.88 38.97 -3.09
C LEU B 1002 -38.53 39.42 -2.53
N ALA B 1003 -37.96 40.42 -3.18
CA ALA B 1003 -36.75 41.08 -2.70
C ALA B 1003 -36.60 42.41 -3.44
N LEU B 1004 -36.08 43.43 -2.76
CA LEU B 1004 -35.98 44.76 -3.34
C LEU B 1004 -35.26 44.70 -4.69
N VAL B 1005 -35.89 45.27 -5.72
CA VAL B 1005 -35.32 45.22 -7.06
C VAL B 1005 -34.03 46.02 -7.08
N GLY B 1006 -32.95 45.37 -7.48
CA GLY B 1006 -31.65 46.01 -7.57
C GLY B 1006 -31.23 46.30 -8.99
N GLY B 1007 -31.78 45.54 -9.94
CA GLY B 1007 -31.43 45.70 -11.34
C GLY B 1007 -32.45 45.13 -12.31
N ILE B 1008 -32.54 45.76 -13.47
CA ILE B 1008 -33.40 45.27 -14.55
C ILE B 1008 -32.55 45.13 -15.80
N PHE B 1009 -32.51 43.92 -16.35
CA PHE B 1009 -31.72 43.65 -17.54
C PHE B 1009 -32.63 43.22 -18.69
N ASN B 1010 -32.62 44.00 -19.76
CA ASN B 1010 -33.47 43.73 -20.91
C ASN B 1010 -32.70 43.09 -22.05
N LEU B 1011 -33.20 41.96 -22.55
CA LEU B 1011 -32.49 41.19 -23.56
C LEU B 1011 -33.27 41.07 -24.87
N ALA B 1012 -32.85 41.84 -25.87
CA ALA B 1012 -33.35 41.74 -27.23
C ALA B 1012 -32.43 40.83 -28.05
N ALA B 1013 -31.40 40.31 -27.39
CA ALA B 1013 -30.37 39.50 -28.03
C ALA B 1013 -30.82 38.06 -28.29
N VAL B 1014 -31.90 37.64 -27.64
CA VAL B 1014 -32.33 36.25 -27.73
C VAL B 1014 -32.98 35.94 -29.07
N LEU B 1015 -32.86 34.67 -29.48
CA LEU B 1015 -33.38 34.19 -30.76
C LEU B 1015 -34.77 34.73 -31.04
N ASP B 1033 -40.58 45.31 -31.85
CA ASP B 1033 -41.53 46.34 -31.47
C ASP B 1033 -42.16 46.03 -30.10
N PRO B 1034 -42.51 44.75 -29.84
CA PRO B 1034 -42.97 44.42 -28.49
C PRO B 1034 -41.88 44.69 -27.45
N LYS B 1035 -40.63 44.68 -27.90
CA LYS B 1035 -39.49 44.95 -27.04
C LYS B 1035 -39.52 46.38 -26.50
N VAL B 1036 -39.95 47.31 -27.34
CA VAL B 1036 -39.97 48.73 -26.98
C VAL B 1036 -40.98 48.96 -25.87
N THR B 1037 -42.19 48.42 -26.04
CA THR B 1037 -43.26 48.68 -25.09
C THR B 1037 -42.93 48.06 -23.73
N ALA B 1038 -42.24 46.92 -23.76
CA ALA B 1038 -41.81 46.26 -22.53
C ALA B 1038 -40.81 47.12 -21.77
N THR B 1039 -39.80 47.61 -22.49
CA THR B 1039 -38.79 48.49 -21.89
C THR B 1039 -39.43 49.79 -21.42
N LYS B 1040 -40.36 50.30 -22.22
CA LYS B 1040 -41.01 51.57 -21.94
C LYS B 1040 -41.80 51.53 -20.63
N TYR B 1041 -42.61 50.49 -20.45
CA TYR B 1041 -43.42 50.35 -19.25
C TYR B 1041 -42.57 49.94 -18.06
N LEU B 1042 -41.60 49.05 -18.29
CA LEU B 1042 -40.67 48.67 -17.23
C LEU B 1042 -39.97 49.90 -16.69
N ASP B 1043 -39.59 50.81 -17.59
CA ASP B 1043 -38.99 52.07 -17.21
C ASP B 1043 -39.95 52.90 -16.36
N GLN B 1044 -41.17 53.06 -16.86
CA GLN B 1044 -42.15 53.94 -16.23
C GLN B 1044 -42.51 53.50 -14.82
N PHE B 1045 -42.80 52.22 -14.64
CA PHE B 1045 -43.29 51.72 -13.37
C PHE B 1045 -42.16 51.45 -12.37
N SER B 1046 -40.96 51.19 -12.88
CA SER B 1046 -39.82 50.95 -12.01
C SER B 1046 -39.46 52.23 -11.23
N ARG B 1047 -39.66 53.38 -11.87
CA ARG B 1047 -39.41 54.66 -11.23
C ARG B 1047 -40.24 54.82 -9.95
N ASP B 1048 -41.47 54.32 -9.98
CA ASP B 1048 -42.39 54.46 -8.86
C ASP B 1048 -42.25 53.31 -7.87
N ILE B 1049 -42.16 52.09 -8.38
CA ILE B 1049 -42.21 50.89 -7.56
C ILE B 1049 -40.84 50.54 -7.00
N CYS B 1050 -39.87 50.37 -7.89
CA CYS B 1050 -38.56 49.85 -7.54
C CYS B 1050 -37.62 50.92 -6.99
N THR B 1051 -37.57 51.02 -5.66
CA THR B 1051 -36.67 51.95 -5.00
C THR B 1051 -35.33 51.24 -4.80
N GLU B 1052 -34.27 52.01 -4.65
CA GLU B 1052 -32.93 51.46 -4.42
C GLU B 1052 -32.44 50.69 -5.65
N LEU B 1053 -33.09 50.92 -6.79
CA LEU B 1053 -32.70 50.30 -8.05
C LEU B 1053 -31.36 50.89 -8.48
N ASP B 1054 -30.38 50.03 -8.72
CA ASP B 1054 -29.04 50.49 -9.08
C ASP B 1054 -28.75 50.38 -10.57
N TYR B 1055 -29.42 49.47 -11.27
CA TYR B 1055 -29.13 49.26 -12.70
C TYR B 1055 -30.38 49.08 -13.55
N PHE B 1056 -30.34 49.68 -14.73
CA PHE B 1056 -31.38 49.51 -15.74
C PHE B 1056 -30.68 49.39 -17.09
N ILE B 1057 -30.42 48.15 -17.50
CA ILE B 1057 -29.55 47.90 -18.65
C ILE B 1057 -30.27 47.20 -19.80
N CYS B 1058 -29.98 47.65 -21.01
CA CYS B 1058 -30.54 47.05 -22.22
C CYS B 1058 -29.42 46.57 -23.13
N PHE B 1059 -29.37 45.25 -23.35
CA PHE B 1059 -28.36 44.66 -24.23
C PHE B 1059 -28.92 44.45 -25.63
N SER B 1060 -28.04 44.52 -26.63
CA SER B 1060 -28.46 44.35 -28.02
C SER B 1060 -27.26 44.39 -28.97
N SER B 1061 -27.52 44.12 -30.24
CA SER B 1061 -26.50 44.23 -31.28
C SER B 1061 -26.80 45.43 -32.16
N VAL B 1062 -25.80 45.88 -32.91
CA VAL B 1062 -25.95 47.03 -33.78
C VAL B 1062 -26.77 46.64 -35.01
N GLN B 1071 -31.35 44.26 -40.26
CA GLN B 1071 -32.79 44.32 -40.15
C GLN B 1071 -33.21 45.78 -39.99
N THR B 1072 -34.38 46.13 -40.53
CA THR B 1072 -34.84 47.52 -40.45
C THR B 1072 -35.66 47.79 -39.18
N ASN B 1073 -36.43 46.80 -38.75
CA ASN B 1073 -37.26 46.94 -37.55
C ASN B 1073 -36.41 46.84 -36.29
N TYR B 1074 -35.32 46.09 -36.38
CA TYR B 1074 -34.42 45.88 -35.25
C TYR B 1074 -33.65 47.16 -34.91
N GLY B 1075 -33.19 47.86 -35.94
CA GLY B 1075 -32.45 49.10 -35.75
C GLY B 1075 -33.24 50.16 -35.00
N LEU B 1076 -34.54 50.21 -35.24
CA LEU B 1076 -35.41 51.20 -34.59
C LEU B 1076 -35.64 50.86 -33.12
N ALA B 1077 -35.61 49.58 -32.79
CA ALA B 1077 -35.79 49.13 -31.42
C ALA B 1077 -34.65 49.61 -30.52
N ASN B 1078 -33.43 49.58 -31.05
CA ASN B 1078 -32.27 50.09 -30.33
C ASN B 1078 -32.43 51.57 -30.04
N SER B 1079 -32.76 52.33 -31.09
CA SER B 1079 -32.95 53.77 -30.97
C SER B 1079 -33.90 54.11 -29.82
N ALA B 1080 -35.00 53.37 -29.73
CA ALA B 1080 -35.97 53.60 -28.68
C ALA B 1080 -35.34 53.36 -27.30
N MET B 1081 -34.70 52.19 -27.16
CA MET B 1081 -34.05 51.83 -25.91
C MET B 1081 -32.96 52.83 -25.54
N GLU B 1082 -32.24 53.32 -26.54
CA GLU B 1082 -31.21 54.34 -26.31
C GLU B 1082 -31.81 55.55 -25.61
N ARG B 1083 -32.93 56.05 -26.12
CA ARG B 1083 -33.58 57.21 -25.56
C ARG B 1083 -34.13 56.93 -24.16
N ILE B 1084 -34.74 55.76 -23.99
CA ILE B 1084 -35.30 55.39 -22.69
C ILE B 1084 -34.23 55.58 -21.63
N CYS B 1085 -33.02 55.11 -21.91
CA CYS B 1085 -31.93 55.20 -20.96
C CYS B 1085 -31.43 56.64 -20.85
N GLU B 1086 -31.38 57.34 -21.97
CA GLU B 1086 -30.96 58.74 -21.97
C GLU B 1086 -31.94 59.56 -21.12
N GLN B 1087 -33.23 59.35 -21.34
CA GLN B 1087 -34.26 60.07 -20.59
C GLN B 1087 -34.21 59.76 -19.10
N ARG B 1088 -33.98 58.49 -18.77
CA ARG B 1088 -33.90 58.07 -17.37
C ARG B 1088 -32.87 58.89 -16.61
N GLN B 1089 -31.67 59.01 -17.18
CA GLN B 1089 -30.60 59.77 -16.54
C GLN B 1089 -30.96 61.25 -16.43
N VAL B 1090 -31.63 61.78 -17.45
CA VAL B 1090 -32.10 63.17 -17.41
C VAL B 1090 -32.95 63.36 -16.16
N SER B 1091 -33.85 62.40 -15.92
CA SER B 1091 -34.74 62.48 -14.77
C SER B 1091 -34.07 61.93 -13.50
N GLY B 1092 -32.76 61.73 -13.57
CA GLY B 1092 -31.99 61.28 -12.41
C GLY B 1092 -32.19 59.82 -12.08
N PHE B 1093 -32.07 58.95 -13.08
CA PHE B 1093 -32.20 57.51 -12.87
C PHE B 1093 -31.06 56.75 -13.53
N PRO B 1094 -30.74 55.54 -13.02
CA PRO B 1094 -29.76 54.70 -13.70
C PRO B 1094 -30.27 54.23 -15.06
N GLY B 1095 -29.40 54.24 -16.06
CA GLY B 1095 -29.77 53.80 -17.40
C GLY B 1095 -28.58 53.55 -18.29
N THR B 1096 -28.51 52.38 -18.89
CA THR B 1096 -27.37 52.02 -19.73
C THR B 1096 -27.79 51.15 -20.91
N ALA B 1097 -27.44 51.58 -22.11
CA ALA B 1097 -27.65 50.77 -23.31
C ALA B 1097 -26.32 50.20 -23.78
N ILE B 1098 -26.28 48.87 -23.92
CA ILE B 1098 -25.07 48.18 -24.34
C ILE B 1098 -25.28 47.59 -25.74
N GLN B 1099 -24.39 47.93 -26.66
CA GLN B 1099 -24.47 47.42 -28.03
C GLN B 1099 -23.23 46.62 -28.38
N TRP B 1100 -23.44 45.45 -28.98
CA TRP B 1100 -22.35 44.58 -29.39
C TRP B 1100 -21.87 44.87 -30.81
N GLY B 1101 -20.56 44.92 -31.00
CA GLY B 1101 -19.98 45.12 -32.31
C GLY B 1101 -19.78 43.81 -33.05
N ALA B 1102 -20.39 43.71 -34.23
CA ALA B 1102 -20.29 42.51 -35.04
C ALA B 1102 -19.48 42.77 -36.32
N HIS B 1143 -21.23 30.89 -24.88
CA HIS B 1143 -21.05 32.33 -24.93
C HIS B 1143 -20.05 32.81 -23.89
N PRO B 1144 -18.77 32.51 -24.10
CA PRO B 1144 -17.69 32.90 -23.16
C PRO B 1144 -17.48 34.41 -23.08
N VAL B 1145 -17.82 35.14 -24.15
CA VAL B 1145 -17.56 36.57 -24.22
C VAL B 1145 -18.41 37.36 -23.21
N VAL B 1146 -19.59 36.86 -22.89
CA VAL B 1146 -20.50 37.59 -22.01
C VAL B 1146 -19.83 37.85 -20.65
N ALA B 1147 -19.26 36.82 -20.06
CA ALA B 1147 -18.60 36.96 -18.77
C ALA B 1147 -17.47 37.98 -18.86
N SER B 1148 -16.71 37.91 -19.95
CA SER B 1148 -15.60 38.83 -20.18
C SER B 1148 -16.11 40.25 -20.37
N MET B 1149 -17.23 40.38 -21.09
CA MET B 1149 -17.81 41.70 -21.34
C MET B 1149 -18.30 42.29 -20.03
N LEU B 1150 -18.98 41.46 -19.25
CA LEU B 1150 -19.54 41.87 -17.97
C LEU B 1150 -18.45 42.29 -16.99
N GLU B 1151 -17.33 41.57 -17.01
CA GLU B 1151 -16.22 41.89 -16.13
C GLU B 1151 -15.74 43.31 -16.38
N VAL B 1152 -15.56 43.65 -17.65
CA VAL B 1152 -15.08 44.98 -18.03
C VAL B 1152 -16.09 46.05 -17.62
N LEU B 1153 -17.36 45.81 -17.92
CA LEU B 1153 -18.41 46.77 -17.62
C LEU B 1153 -18.46 47.15 -16.15
N PHE B 1154 -18.45 46.15 -15.28
CA PHE B 1154 -18.58 46.37 -13.84
C PHE B 1154 -17.23 46.48 -13.13
N GLN B 1155 -16.14 46.46 -13.88
CA GLN B 1155 -14.81 46.60 -13.29
C GLN B 1155 -14.65 48.03 -12.78
N GLY B 1156 -14.91 49.00 -13.64
CA GLY B 1156 -14.84 50.40 -13.26
C GLY B 1156 -16.20 51.03 -13.37
N PRO B 1157 -16.35 52.28 -12.92
CA PRO B 1157 -17.66 52.94 -13.04
C PRO B 1157 -17.99 53.24 -14.50
N HIS B 1158 -19.25 53.04 -14.88
CA HIS B 1158 -19.69 53.28 -16.25
C HIS B 1158 -21.06 53.95 -16.27
N PRO B 1159 -21.09 55.26 -15.98
CA PRO B 1159 -22.35 55.99 -15.81
C PRO B 1159 -22.96 56.52 -17.11
N ALA B 1160 -22.25 56.40 -18.23
CA ALA B 1160 -22.77 56.88 -19.51
C ALA B 1160 -23.95 56.02 -19.94
N PHE B 1161 -24.85 56.60 -20.74
CA PHE B 1161 -26.10 55.91 -21.08
C PHE B 1161 -25.92 54.91 -22.22
N LEU B 1162 -24.88 55.09 -23.03
CA LEU B 1162 -24.65 54.18 -24.15
C LEU B 1162 -23.19 53.76 -24.26
N TYR B 1163 -22.97 52.46 -24.48
CA TYR B 1163 -21.62 51.93 -24.66
C TYR B 1163 -21.56 51.00 -25.88
N LYS B 1164 -20.43 51.02 -26.57
CA LYS B 1164 -20.18 50.08 -27.66
C LYS B 1164 -19.13 49.07 -27.21
N VAL B 1165 -19.42 47.79 -27.43
CA VAL B 1165 -18.52 46.71 -27.03
C VAL B 1165 -17.71 46.25 -28.23
N VAL B 1166 -16.39 46.34 -28.10
CA VAL B 1166 -15.48 45.95 -29.18
C VAL B 1166 -14.91 44.56 -28.92
N SER B 1167 -15.15 43.65 -29.85
CA SER B 1167 -14.66 42.28 -29.74
C SER B 1167 -13.29 42.14 -30.38
N HIS B 1168 -12.41 41.37 -29.73
CA HIS B 1168 -11.07 41.12 -30.26
C HIS B 1168 -10.81 39.61 -30.37
#